data_6RHN
# 
_entry.id   6RHN 
# 
_audit_conform.dict_name       mmcif_pdbx.dic 
_audit_conform.dict_version    5.392 
_audit_conform.dict_location   http://mmcif.pdb.org/dictionaries/ascii/mmcif_pdbx.dic 
# 
loop_
_database_2.database_id 
_database_2.database_code 
_database_2.pdbx_database_accession 
_database_2.pdbx_DOI 
PDB   6RHN         pdb_00006rhn 10.2210/pdb6rhn/pdb 
WWPDB D_1000179861 ?            ?                   
# 
loop_
_pdbx_audit_revision_history.ordinal 
_pdbx_audit_revision_history.data_content_type 
_pdbx_audit_revision_history.major_revision 
_pdbx_audit_revision_history.minor_revision 
_pdbx_audit_revision_history.revision_date 
1 'Structure model' 1 0 1997-06-16 
2 'Structure model' 1 1 2008-03-25 
3 'Structure model' 1 2 2011-07-13 
4 'Structure model' 1 3 2023-08-09 
5 'Structure model' 1 4 2024-05-22 
# 
_pdbx_audit_revision_details.ordinal             1 
_pdbx_audit_revision_details.revision_ordinal    1 
_pdbx_audit_revision_details.data_content_type   'Structure model' 
_pdbx_audit_revision_details.provider            repository 
_pdbx_audit_revision_details.type                'Initial release' 
_pdbx_audit_revision_details.description         ? 
_pdbx_audit_revision_details.details             ? 
# 
loop_
_pdbx_audit_revision_group.ordinal 
_pdbx_audit_revision_group.revision_ordinal 
_pdbx_audit_revision_group.data_content_type 
_pdbx_audit_revision_group.group 
1 2 'Structure model' 'Version format compliance' 
2 3 'Structure model' 'Derived calculations'      
3 3 'Structure model' 'Version format compliance' 
4 4 'Structure model' 'Database references'       
5 4 'Structure model' Other                       
6 4 'Structure model' 'Refinement description'    
7 5 'Structure model' 'Data collection'           
# 
loop_
_pdbx_audit_revision_category.ordinal 
_pdbx_audit_revision_category.revision_ordinal 
_pdbx_audit_revision_category.data_content_type 
_pdbx_audit_revision_category.category 
1 4 'Structure model' database_2                    
2 4 'Structure model' pdbx_database_status          
3 4 'Structure model' pdbx_initial_refinement_model 
4 5 'Structure model' chem_comp_atom                
5 5 'Structure model' chem_comp_bond                
# 
loop_
_pdbx_audit_revision_item.ordinal 
_pdbx_audit_revision_item.revision_ordinal 
_pdbx_audit_revision_item.data_content_type 
_pdbx_audit_revision_item.item 
1 4 'Structure model' '_database_2.pdbx_DOI'                
2 4 'Structure model' '_database_2.pdbx_database_accession' 
3 4 'Structure model' '_pdbx_database_status.process_site'  
# 
_pdbx_database_status.status_code                     REL 
_pdbx_database_status.entry_id                        6RHN 
_pdbx_database_status.recvd_initial_deposition_date   1997-02-27 
_pdbx_database_status.deposit_site                    ? 
_pdbx_database_status.process_site                    BNL 
_pdbx_database_status.status_code_sf                  REL 
_pdbx_database_status.status_code_mr                  ? 
_pdbx_database_status.SG_entry                        ? 
_pdbx_database_status.pdb_format_compatible           Y 
_pdbx_database_status.status_code_cs                  ? 
_pdbx_database_status.status_code_nmr_data            ? 
_pdbx_database_status.methods_development_category    ? 
# 
loop_
_audit_author.name 
_audit_author.pdbx_ordinal 
'Brenner, C.'      1 
'Garrison, P.'     2 
'Gilmour, J.'      3 
'Peisach, D.'      4 
'Ringe, D.'        5 
'Petsko, G.A.'     6 
'Lowenstein, J.M.' 7 
# 
_citation.id                        primary 
_citation.title                     
'Crystal structures of HINT demonstrate that histidine triad proteins are GalT-related nucleotide-binding proteins.' 
_citation.journal_abbrev            Nat.Struct.Biol. 
_citation.journal_volume            4 
_citation.page_first                231 
_citation.page_last                 238 
_citation.year                      1997 
_citation.journal_id_ASTM           NSBIEW 
_citation.country                   US 
_citation.journal_id_ISSN           1072-8368 
_citation.journal_id_CSD            2024 
_citation.book_publisher            ? 
_citation.pdbx_database_id_PubMed   9164465 
_citation.pdbx_database_id_DOI      10.1038/nsb0397-231 
# 
loop_
_citation_author.citation_id 
_citation_author.name 
_citation_author.ordinal 
_citation_author.identifier_ORCID 
primary 'Brenner, C.'      1 ? 
primary 'Garrison, P.'     2 ? 
primary 'Gilmour, J.'      3 ? 
primary 'Peisach, D.'      4 ? 
primary 'Ringe, D.'        5 ? 
primary 'Petsko, G.A.'     6 ? 
primary 'Lowenstein, J.M.' 7 ? 
# 
loop_
_entity.id 
_entity.type 
_entity.src_method 
_entity.pdbx_description 
_entity.formula_weight 
_entity.pdbx_number_of_molecules 
_entity.pdbx_ec 
_entity.pdbx_mutation 
_entity.pdbx_fragment 
_entity.details 
1 polymer man 'HISTIDINE TRIAD NUCLEOTIDE-BINDING PROTEIN' 12584.530 1  ? ? ? ? 
2 water   nat water                                        18.015    51 ? ? ? ? 
# 
_entity_name_com.entity_id   1 
_entity_name_com.name        HINT 
# 
_entity_poly.entity_id                      1 
_entity_poly.type                           'polypeptide(L)' 
_entity_poly.nstd_linkage                   no 
_entity_poly.nstd_monomer                   no 
_entity_poly.pdbx_seq_one_letter_code       
;RPGGDTIFGKIIRKEIPAKIIFEDDQCLAFHDISPQAPTHFLVIPKKHISQISAAEDADESLLGHLMIVGKKCAADLGLK
KGYRMVVNEGSDGGQSVYHVHLHVLGGRQMNWPPG
;
_entity_poly.pdbx_seq_one_letter_code_can   
;RPGGDTIFGKIIRKEIPAKIIFEDDQCLAFHDISPQAPTHFLVIPKKHISQISAAEDADESLLGHLMIVGKKCAADLGLK
KGYRMVVNEGSDGGQSVYHVHLHVLGGRQMNWPPG
;
_entity_poly.pdbx_strand_id                 A 
_entity_poly.pdbx_target_identifier         ? 
# 
_pdbx_entity_nonpoly.entity_id   2 
_pdbx_entity_nonpoly.name        water 
_pdbx_entity_nonpoly.comp_id     HOH 
# 
loop_
_entity_poly_seq.entity_id 
_entity_poly_seq.num 
_entity_poly_seq.mon_id 
_entity_poly_seq.hetero 
1 1   ARG n 
1 2   PRO n 
1 3   GLY n 
1 4   GLY n 
1 5   ASP n 
1 6   THR n 
1 7   ILE n 
1 8   PHE n 
1 9   GLY n 
1 10  LYS n 
1 11  ILE n 
1 12  ILE n 
1 13  ARG n 
1 14  LYS n 
1 15  GLU n 
1 16  ILE n 
1 17  PRO n 
1 18  ALA n 
1 19  LYS n 
1 20  ILE n 
1 21  ILE n 
1 22  PHE n 
1 23  GLU n 
1 24  ASP n 
1 25  ASP n 
1 26  GLN n 
1 27  CYS n 
1 28  LEU n 
1 29  ALA n 
1 30  PHE n 
1 31  HIS n 
1 32  ASP n 
1 33  ILE n 
1 34  SER n 
1 35  PRO n 
1 36  GLN n 
1 37  ALA n 
1 38  PRO n 
1 39  THR n 
1 40  HIS n 
1 41  PHE n 
1 42  LEU n 
1 43  VAL n 
1 44  ILE n 
1 45  PRO n 
1 46  LYS n 
1 47  LYS n 
1 48  HIS n 
1 49  ILE n 
1 50  SER n 
1 51  GLN n 
1 52  ILE n 
1 53  SER n 
1 54  ALA n 
1 55  ALA n 
1 56  GLU n 
1 57  ASP n 
1 58  ALA n 
1 59  ASP n 
1 60  GLU n 
1 61  SER n 
1 62  LEU n 
1 63  LEU n 
1 64  GLY n 
1 65  HIS n 
1 66  LEU n 
1 67  MET n 
1 68  ILE n 
1 69  VAL n 
1 70  GLY n 
1 71  LYS n 
1 72  LYS n 
1 73  CYS n 
1 74  ALA n 
1 75  ALA n 
1 76  ASP n 
1 77  LEU n 
1 78  GLY n 
1 79  LEU n 
1 80  LYS n 
1 81  LYS n 
1 82  GLY n 
1 83  TYR n 
1 84  ARG n 
1 85  MET n 
1 86  VAL n 
1 87  VAL n 
1 88  ASN n 
1 89  GLU n 
1 90  GLY n 
1 91  SER n 
1 92  ASP n 
1 93  GLY n 
1 94  GLY n 
1 95  GLN n 
1 96  SER n 
1 97  VAL n 
1 98  TYR n 
1 99  HIS n 
1 100 VAL n 
1 101 HIS n 
1 102 LEU n 
1 103 HIS n 
1 104 VAL n 
1 105 LEU n 
1 106 GLY n 
1 107 GLY n 
1 108 ARG n 
1 109 GLN n 
1 110 MET n 
1 111 ASN n 
1 112 TRP n 
1 113 PRO n 
1 114 PRO n 
1 115 GLY n 
# 
_entity_src_gen.entity_id                          1 
_entity_src_gen.pdbx_src_id                        1 
_entity_src_gen.pdbx_alt_source_flag               sample 
_entity_src_gen.pdbx_seq_type                      ? 
_entity_src_gen.pdbx_beg_seq_num                   ? 
_entity_src_gen.pdbx_end_seq_num                   ? 
_entity_src_gen.gene_src_common_name               rabbit 
_entity_src_gen.gene_src_genus                     Oryctolagus 
_entity_src_gen.pdbx_gene_src_gene                 HINT 
_entity_src_gen.gene_src_species                   ? 
_entity_src_gen.gene_src_strain                    ? 
_entity_src_gen.gene_src_tissue                    ? 
_entity_src_gen.gene_src_tissue_fraction           ? 
_entity_src_gen.gene_src_details                   ? 
_entity_src_gen.pdbx_gene_src_fragment             ? 
_entity_src_gen.pdbx_gene_src_scientific_name      'Oryctolagus cuniculus' 
_entity_src_gen.pdbx_gene_src_ncbi_taxonomy_id     9986 
_entity_src_gen.pdbx_gene_src_variant              ? 
_entity_src_gen.pdbx_gene_src_cell_line            ? 
_entity_src_gen.pdbx_gene_src_atcc                 ? 
_entity_src_gen.pdbx_gene_src_organ                HEART 
_entity_src_gen.pdbx_gene_src_organelle            ? 
_entity_src_gen.pdbx_gene_src_cell                 ? 
_entity_src_gen.pdbx_gene_src_cellular_location    ? 
_entity_src_gen.host_org_common_name               ? 
_entity_src_gen.pdbx_host_org_scientific_name      'Escherichia coli' 
_entity_src_gen.pdbx_host_org_ncbi_taxonomy_id     562 
_entity_src_gen.host_org_genus                     Escherichia 
_entity_src_gen.pdbx_host_org_gene                 HINT 
_entity_src_gen.pdbx_host_org_organ                ? 
_entity_src_gen.host_org_species                   ? 
_entity_src_gen.pdbx_host_org_tissue               ? 
_entity_src_gen.pdbx_host_org_tissue_fraction      ? 
_entity_src_gen.pdbx_host_org_strain               JM109/DE3/LACIQ 
_entity_src_gen.pdbx_host_org_variant              ? 
_entity_src_gen.pdbx_host_org_cell_line            ? 
_entity_src_gen.pdbx_host_org_atcc                 ? 
_entity_src_gen.pdbx_host_org_culture_collection   ? 
_entity_src_gen.pdbx_host_org_cell                 ? 
_entity_src_gen.pdbx_host_org_organelle            ? 
_entity_src_gen.pdbx_host_org_cellular_location    ? 
_entity_src_gen.pdbx_host_org_vector_type          LAC 
_entity_src_gen.pdbx_host_org_vector               PSGA02 
_entity_src_gen.host_org_details                   ? 
_entity_src_gen.expression_system_id               ? 
_entity_src_gen.plasmid_name                       PSGA02-HINT 
_entity_src_gen.plasmid_details                    ? 
_entity_src_gen.pdbx_description                   
;RABBIT HINT CDNA WAS CLONED FROM HEART LIBRARY, EXPRESSED IN ESCHERICHIA COLI, AND PURIFIED BY ADENOSINE-AGAROSE AFFINITY CHROMATOGRAPHY
;
# 
loop_
_chem_comp.id 
_chem_comp.type 
_chem_comp.mon_nstd_flag 
_chem_comp.name 
_chem_comp.pdbx_synonyms 
_chem_comp.formula 
_chem_comp.formula_weight 
ALA 'L-peptide linking' y ALANINE         ? 'C3 H7 N O2'     89.093  
ARG 'L-peptide linking' y ARGININE        ? 'C6 H15 N4 O2 1' 175.209 
ASN 'L-peptide linking' y ASPARAGINE      ? 'C4 H8 N2 O3'    132.118 
ASP 'L-peptide linking' y 'ASPARTIC ACID' ? 'C4 H7 N O4'     133.103 
CYS 'L-peptide linking' y CYSTEINE        ? 'C3 H7 N O2 S'   121.158 
GLN 'L-peptide linking' y GLUTAMINE       ? 'C5 H10 N2 O3'   146.144 
GLU 'L-peptide linking' y 'GLUTAMIC ACID' ? 'C5 H9 N O4'     147.129 
GLY 'peptide linking'   y GLYCINE         ? 'C2 H5 N O2'     75.067  
HIS 'L-peptide linking' y HISTIDINE       ? 'C6 H10 N3 O2 1' 156.162 
HOH non-polymer         . WATER           ? 'H2 O'           18.015  
ILE 'L-peptide linking' y ISOLEUCINE      ? 'C6 H13 N O2'    131.173 
LEU 'L-peptide linking' y LEUCINE         ? 'C6 H13 N O2'    131.173 
LYS 'L-peptide linking' y LYSINE          ? 'C6 H15 N2 O2 1' 147.195 
MET 'L-peptide linking' y METHIONINE      ? 'C5 H11 N O2 S'  149.211 
PHE 'L-peptide linking' y PHENYLALANINE   ? 'C9 H11 N O2'    165.189 
PRO 'L-peptide linking' y PROLINE         ? 'C5 H9 N O2'     115.130 
SER 'L-peptide linking' y SERINE          ? 'C3 H7 N O3'     105.093 
THR 'L-peptide linking' y THREONINE       ? 'C4 H9 N O3'     119.119 
TRP 'L-peptide linking' y TRYPTOPHAN      ? 'C11 H12 N2 O2'  204.225 
TYR 'L-peptide linking' y TYROSINE        ? 'C9 H11 N O3'    181.189 
VAL 'L-peptide linking' y VALINE          ? 'C5 H11 N O2'    117.146 
# 
loop_
_pdbx_poly_seq_scheme.asym_id 
_pdbx_poly_seq_scheme.entity_id 
_pdbx_poly_seq_scheme.seq_id 
_pdbx_poly_seq_scheme.mon_id 
_pdbx_poly_seq_scheme.ndb_seq_num 
_pdbx_poly_seq_scheme.pdb_seq_num 
_pdbx_poly_seq_scheme.auth_seq_num 
_pdbx_poly_seq_scheme.pdb_mon_id 
_pdbx_poly_seq_scheme.auth_mon_id 
_pdbx_poly_seq_scheme.pdb_strand_id 
_pdbx_poly_seq_scheme.pdb_ins_code 
_pdbx_poly_seq_scheme.hetero 
A 1 1   ARG 1   12  12  ARG ARG A . n 
A 1 2   PRO 2   13  13  PRO PRO A . n 
A 1 3   GLY 3   14  14  GLY GLY A . n 
A 1 4   GLY 4   15  15  GLY GLY A . n 
A 1 5   ASP 5   16  16  ASP ASP A . n 
A 1 6   THR 6   17  17  THR THR A . n 
A 1 7   ILE 7   18  18  ILE ILE A . n 
A 1 8   PHE 8   19  19  PHE PHE A . n 
A 1 9   GLY 9   20  20  GLY GLY A . n 
A 1 10  LYS 10  21  21  LYS LYS A . n 
A 1 11  ILE 11  22  22  ILE ILE A . n 
A 1 12  ILE 12  23  23  ILE ILE A . n 
A 1 13  ARG 13  24  24  ARG ARG A . n 
A 1 14  LYS 14  25  25  LYS LYS A . n 
A 1 15  GLU 15  26  26  GLU GLU A . n 
A 1 16  ILE 16  27  27  ILE ILE A . n 
A 1 17  PRO 17  28  28  PRO PRO A . n 
A 1 18  ALA 18  29  29  ALA ALA A . n 
A 1 19  LYS 19  30  30  LYS LYS A . n 
A 1 20  ILE 20  31  31  ILE ILE A . n 
A 1 21  ILE 21  32  32  ILE ILE A . n 
A 1 22  PHE 22  33  33  PHE PHE A . n 
A 1 23  GLU 23  34  34  GLU GLU A . n 
A 1 24  ASP 24  35  35  ASP ASP A . n 
A 1 25  ASP 25  36  36  ASP ASP A . n 
A 1 26  GLN 26  37  37  GLN GLN A . n 
A 1 27  CYS 27  38  38  CYS CYS A . n 
A 1 28  LEU 28  39  39  LEU LEU A . n 
A 1 29  ALA 29  40  40  ALA ALA A . n 
A 1 30  PHE 30  41  41  PHE PHE A . n 
A 1 31  HIS 31  42  42  HIS HIS A . n 
A 1 32  ASP 32  43  43  ASP ASP A . n 
A 1 33  ILE 33  44  44  ILE ILE A . n 
A 1 34  SER 34  45  45  SER SER A . n 
A 1 35  PRO 35  46  46  PRO PRO A . n 
A 1 36  GLN 36  47  47  GLN GLN A . n 
A 1 37  ALA 37  48  48  ALA ALA A . n 
A 1 38  PRO 38  49  49  PRO PRO A . n 
A 1 39  THR 39  50  50  THR THR A . n 
A 1 40  HIS 40  51  51  HIS HIS A . n 
A 1 41  PHE 41  52  52  PHE PHE A . n 
A 1 42  LEU 42  53  53  LEU LEU A . n 
A 1 43  VAL 43  54  54  VAL VAL A . n 
A 1 44  ILE 44  55  55  ILE ILE A . n 
A 1 45  PRO 45  56  56  PRO PRO A . n 
A 1 46  LYS 46  57  57  LYS LYS A . n 
A 1 47  LYS 47  58  58  LYS LYS A . n 
A 1 48  HIS 48  59  59  HIS HIS A . n 
A 1 49  ILE 49  60  60  ILE ILE A . n 
A 1 50  SER 50  61  61  SER SER A . n 
A 1 51  GLN 51  62  62  GLN GLN A . n 
A 1 52  ILE 52  63  63  ILE ILE A . n 
A 1 53  SER 53  64  64  SER SER A . n 
A 1 54  ALA 54  65  65  ALA ALA A . n 
A 1 55  ALA 55  66  66  ALA ALA A . n 
A 1 56  GLU 56  67  67  GLU GLU A . n 
A 1 57  ASP 57  68  68  ASP ASP A . n 
A 1 58  ALA 58  69  69  ALA ALA A . n 
A 1 59  ASP 59  70  70  ASP ASP A . n 
A 1 60  GLU 60  71  71  GLU GLU A . n 
A 1 61  SER 61  72  72  SER SER A . n 
A 1 62  LEU 62  73  73  LEU LEU A . n 
A 1 63  LEU 63  74  74  LEU LEU A . n 
A 1 64  GLY 64  75  75  GLY GLY A . n 
A 1 65  HIS 65  76  76  HIS HIS A . n 
A 1 66  LEU 66  77  77  LEU LEU A . n 
A 1 67  MET 67  78  78  MET MET A . n 
A 1 68  ILE 68  79  79  ILE ILE A . n 
A 1 69  VAL 69  80  80  VAL VAL A . n 
A 1 70  GLY 70  81  81  GLY GLY A . n 
A 1 71  LYS 71  82  82  LYS LYS A . n 
A 1 72  LYS 72  83  83  LYS LYS A . n 
A 1 73  CYS 73  84  84  CYS CYS A . n 
A 1 74  ALA 74  85  85  ALA ALA A . n 
A 1 75  ALA 75  86  86  ALA ALA A . n 
A 1 76  ASP 76  87  87  ASP ASP A . n 
A 1 77  LEU 77  88  88  LEU LEU A . n 
A 1 78  GLY 78  89  89  GLY GLY A . n 
A 1 79  LEU 79  90  90  LEU LEU A . n 
A 1 80  LYS 80  91  91  LYS LYS A . n 
A 1 81  LYS 81  92  92  LYS LYS A . n 
A 1 82  GLY 82  93  93  GLY GLY A . n 
A 1 83  TYR 83  94  94  TYR TYR A . n 
A 1 84  ARG 84  95  95  ARG ARG A . n 
A 1 85  MET 85  96  96  MET MET A . n 
A 1 86  VAL 86  97  97  VAL VAL A . n 
A 1 87  VAL 87  98  98  VAL VAL A . n 
A 1 88  ASN 88  99  99  ASN ASN A . n 
A 1 89  GLU 89  100 100 GLU GLU A . n 
A 1 90  GLY 90  101 101 GLY GLY A . n 
A 1 91  SER 91  102 102 SER SER A . n 
A 1 92  ASP 92  103 103 ASP ASP A . n 
A 1 93  GLY 93  104 104 GLY GLY A . n 
A 1 94  GLY 94  105 105 GLY GLY A . n 
A 1 95  GLN 95  106 106 GLN GLN A . n 
A 1 96  SER 96  107 107 SER SER A . n 
A 1 97  VAL 97  108 108 VAL VAL A . n 
A 1 98  TYR 98  109 109 TYR TYR A . n 
A 1 99  HIS 99  110 110 HIS HIS A . n 
A 1 100 VAL 100 111 111 VAL VAL A . n 
A 1 101 HIS 101 112 112 HIS HIS A . n 
A 1 102 LEU 102 113 113 LEU LEU A . n 
A 1 103 HIS 103 114 114 HIS HIS A . n 
A 1 104 VAL 104 115 115 VAL VAL A . n 
A 1 105 LEU 105 116 116 LEU LEU A . n 
A 1 106 GLY 106 117 117 GLY GLY A . n 
A 1 107 GLY 107 118 118 GLY GLY A . n 
A 1 108 ARG 108 119 119 ARG ARG A . n 
A 1 109 GLN 109 120 120 GLN GLN A . n 
A 1 110 MET 110 121 121 MET MET A . n 
A 1 111 ASN 111 122 122 ASN ASN A . n 
A 1 112 TRP 112 123 123 TRP TRP A . n 
A 1 113 PRO 113 124 124 PRO PRO A . n 
A 1 114 PRO 114 125 125 PRO PRO A . n 
A 1 115 GLY 115 126 126 GLY GLY A . n 
# 
loop_
_pdbx_nonpoly_scheme.asym_id 
_pdbx_nonpoly_scheme.entity_id 
_pdbx_nonpoly_scheme.mon_id 
_pdbx_nonpoly_scheme.ndb_seq_num 
_pdbx_nonpoly_scheme.pdb_seq_num 
_pdbx_nonpoly_scheme.auth_seq_num 
_pdbx_nonpoly_scheme.pdb_mon_id 
_pdbx_nonpoly_scheme.auth_mon_id 
_pdbx_nonpoly_scheme.pdb_strand_id 
_pdbx_nonpoly_scheme.pdb_ins_code 
B 2 HOH 1  211 211 HOH HOH A . 
B 2 HOH 2  212 212 HOH HOH A . 
B 2 HOH 3  213 213 HOH HOH A . 
B 2 HOH 4  214 214 HOH HOH A . 
B 2 HOH 5  215 215 HOH HOH A . 
B 2 HOH 6  216 216 HOH HOH A . 
B 2 HOH 7  217 217 HOH HOH A . 
B 2 HOH 8  218 218 HOH HOH A . 
B 2 HOH 9  219 219 HOH HOH A . 
B 2 HOH 10 220 220 HOH HOH A . 
B 2 HOH 11 221 221 HOH HOH A . 
B 2 HOH 12 222 222 HOH HOH A . 
B 2 HOH 13 223 223 HOH HOH A . 
B 2 HOH 14 224 224 HOH HOH A . 
B 2 HOH 15 225 225 HOH HOH A . 
B 2 HOH 16 226 226 HOH HOH A . 
B 2 HOH 17 227 227 HOH HOH A . 
B 2 HOH 18 228 228 HOH HOH A . 
B 2 HOH 19 229 229 HOH HOH A . 
B 2 HOH 20 230 230 HOH HOH A . 
B 2 HOH 21 231 231 HOH HOH A . 
B 2 HOH 22 232 232 HOH HOH A . 
B 2 HOH 23 233 233 HOH HOH A . 
B 2 HOH 24 234 234 HOH HOH A . 
B 2 HOH 25 235 235 HOH HOH A . 
B 2 HOH 26 236 236 HOH HOH A . 
B 2 HOH 27 237 237 HOH HOH A . 
B 2 HOH 28 238 238 HOH HOH A . 
B 2 HOH 29 239 239 HOH HOH A . 
B 2 HOH 30 240 240 HOH HOH A . 
B 2 HOH 31 241 241 HOH HOH A . 
B 2 HOH 32 242 242 HOH HOH A . 
B 2 HOH 33 243 243 HOH HOH A . 
B 2 HOH 34 244 244 HOH HOH A . 
B 2 HOH 35 245 245 HOH HOH A . 
B 2 HOH 36 246 246 HOH HOH A . 
B 2 HOH 37 247 247 HOH HOH A . 
B 2 HOH 38 248 248 HOH HOH A . 
B 2 HOH 39 249 249 HOH HOH A . 
B 2 HOH 40 250 250 HOH HOH A . 
B 2 HOH 41 251 251 HOH HOH A . 
B 2 HOH 42 252 252 HOH HOH A . 
B 2 HOH 43 253 253 HOH HOH A . 
B 2 HOH 44 254 254 HOH HOH A . 
B 2 HOH 45 255 255 HOH HOH A . 
B 2 HOH 46 256 256 HOH HOH A . 
B 2 HOH 47 257 257 HOH HOH A . 
B 2 HOH 48 258 258 HOH HOH A . 
B 2 HOH 49 259 259 HOH HOH A . 
B 2 HOH 50 260 260 HOH HOH A . 
B 2 HOH 51 261 261 HOH HOH A . 
# 
loop_
_pdbx_unobs_or_zero_occ_atoms.id 
_pdbx_unobs_or_zero_occ_atoms.PDB_model_num 
_pdbx_unobs_or_zero_occ_atoms.polymer_flag 
_pdbx_unobs_or_zero_occ_atoms.occupancy_flag 
_pdbx_unobs_or_zero_occ_atoms.auth_asym_id 
_pdbx_unobs_or_zero_occ_atoms.auth_comp_id 
_pdbx_unobs_or_zero_occ_atoms.auth_seq_id 
_pdbx_unobs_or_zero_occ_atoms.PDB_ins_code 
_pdbx_unobs_or_zero_occ_atoms.auth_atom_id 
_pdbx_unobs_or_zero_occ_atoms.label_alt_id 
_pdbx_unobs_or_zero_occ_atoms.label_asym_id 
_pdbx_unobs_or_zero_occ_atoms.label_comp_id 
_pdbx_unobs_or_zero_occ_atoms.label_seq_id 
_pdbx_unobs_or_zero_occ_atoms.label_atom_id 
1 1 Y 1 A ARG 12 ? CG  ? A ARG 1 CG  
2 1 Y 1 A ARG 12 ? CD  ? A ARG 1 CD  
3 1 Y 1 A ARG 12 ? NE  ? A ARG 1 NE  
4 1 Y 1 A ARG 12 ? CZ  ? A ARG 1 CZ  
5 1 Y 1 A ARG 12 ? NH1 ? A ARG 1 NH1 
6 1 Y 1 A ARG 12 ? NH2 ? A ARG 1 NH2 
# 
loop_
_software.name 
_software.classification 
_software.version 
_software.citation_id 
_software.pdbx_ordinal 
X-PLOR 'model building' 3.1 ? 1 
X-PLOR refinement       3.1 ? 2 
XDS    'data reduction' .   ? 3 
XDS    'data scaling'   .   ? 4 
X-PLOR phasing          3.1 ? 5 
# 
_cell.entry_id           6RHN 
_cell.length_a           40.340 
_cell.length_b           40.340 
_cell.length_c           143.030 
_cell.angle_alpha        90.00 
_cell.angle_beta         90.00 
_cell.angle_gamma        90.00 
_cell.Z_PDB              8 
_cell.pdbx_unique_axis   ? 
# 
_symmetry.entry_id                         6RHN 
_symmetry.space_group_name_H-M             'P 43 21 2' 
_symmetry.pdbx_full_space_group_name_H-M   ? 
_symmetry.cell_setting                     ? 
_symmetry.Int_Tables_number                96 
# 
_exptl.entry_id          6RHN 
_exptl.method            'X-RAY DIFFRACTION' 
_exptl.crystals_number   1 
# 
_exptl_crystal.id                    1 
_exptl_crystal.density_meas          ? 
_exptl_crystal.density_Matthews      2.08 
_exptl_crystal.density_percent_sol   41. 
_exptl_crystal.description           
'6RHN (TETRAGONAL HINT WITHOUT NUCLEOTIDE) WAS DETERMINED BY MR WITH HINT COORDINATES FROM HINT-ADENOSINE.' 
# 
_exptl_crystal_grow.crystal_id      1 
_exptl_crystal_grow.method          ? 
_exptl_crystal_grow.temp            ? 
_exptl_crystal_grow.temp_details    ? 
_exptl_crystal_grow.pH              6.5 
_exptl_crystal_grow.pdbx_pH_range   ? 
_exptl_crystal_grow.pdbx_details    '30% POLYETHYLENE GLYCOL 8000, 0.1 M SODIUM ACETATE, 0.1 M SODIUM CACODYLATE, PH 6.5' 
# 
_diffrn.id                     1 
_diffrn.ambient_temp           277 
_diffrn.ambient_temp_details   ? 
_diffrn.crystal_id             1 
# 
_diffrn_detector.diffrn_id              1 
_diffrn_detector.detector               'IMAGE PLATE' 
_diffrn_detector.type                   'RIGAKU RAXIS II' 
_diffrn_detector.pdbx_collection_date   1995-02 
_diffrn_detector.details                COLLIMATOR 
# 
_diffrn_radiation.diffrn_id                        1 
_diffrn_radiation.wavelength_id                    1 
_diffrn_radiation.pdbx_monochromatic_or_laue_m_l   M 
_diffrn_radiation.monochromator                    'NI FILTER' 
_diffrn_radiation.pdbx_diffrn_protocol             ? 
_diffrn_radiation.pdbx_scattering_type             x-ray 
# 
_diffrn_radiation_wavelength.id           1 
_diffrn_radiation_wavelength.wavelength   1.5418 
_diffrn_radiation_wavelength.wt           1.0 
# 
_diffrn_source.diffrn_id                   1 
_diffrn_source.source                      'ROTATING ANODE' 
_diffrn_source.type                        'RIGAKU RUH2R' 
_diffrn_source.pdbx_synchrotron_site       ? 
_diffrn_source.pdbx_synchrotron_beamline   ? 
_diffrn_source.pdbx_wavelength             1.5418 
_diffrn_source.pdbx_wavelength_list        ? 
# 
_reflns.entry_id                     6RHN 
_reflns.observed_criterion_sigma_I   0. 
_reflns.observed_criterion_sigma_F   ? 
_reflns.d_resolution_low             35.14 
_reflns.d_resolution_high            2.15 
_reflns.number_obs                   6302 
_reflns.number_all                   ? 
_reflns.percent_possible_obs         90. 
_reflns.pdbx_Rmerge_I_obs            0.0460000 
_reflns.pdbx_Rsym_value              ? 
_reflns.pdbx_netI_over_sigmaI        ? 
_reflns.B_iso_Wilson_estimate        ? 
_reflns.pdbx_redundancy              6.7 
_reflns.pdbx_ordinal                 1 
_reflns.pdbx_diffrn_id               1 
# 
_reflns_shell.d_res_high             2.15 
_reflns_shell.d_res_low              2.27 
_reflns_shell.percent_possible_all   59. 
_reflns_shell.Rmerge_I_obs           ? 
_reflns_shell.pdbx_Rsym_value        ? 
_reflns_shell.meanI_over_sigI_obs    ? 
_reflns_shell.pdbx_redundancy        ? 
_reflns_shell.pdbx_ordinal           1 
_reflns_shell.pdbx_diffrn_id         1 
# 
_refine.entry_id                                 6RHN 
_refine.ls_number_reflns_obs                     6205 
_refine.ls_number_reflns_all                     ? 
_refine.pdbx_ls_sigma_I                          ? 
_refine.pdbx_ls_sigma_F                          0. 
_refine.pdbx_data_cutoff_high_absF               ? 
_refine.pdbx_data_cutoff_low_absF                ? 
_refine.pdbx_data_cutoff_high_rms_absF           ? 
_refine.ls_d_res_low                             10.00 
_refine.ls_d_res_high                            2.15 
_refine.ls_percent_reflns_obs                    91. 
_refine.ls_R_factor_obs                          0.1760000 
_refine.ls_R_factor_all                          ? 
_refine.ls_R_factor_R_work                       0.1760000 
_refine.ls_R_factor_R_free                       0.2630000 
_refine.ls_R_factor_R_free_error                 0.012 
_refine.ls_R_factor_R_free_error_details         ? 
_refine.ls_percent_reflns_R_free                 8. 
_refine.ls_number_reflns_R_free                  503 
_refine.ls_number_parameters                     ? 
_refine.ls_number_restraints                     ? 
_refine.occupancy_min                            ? 
_refine.occupancy_max                            ? 
_refine.B_iso_mean                               ? 
_refine.aniso_B[1][1]                            ? 
_refine.aniso_B[2][2]                            ? 
_refine.aniso_B[3][3]                            ? 
_refine.aniso_B[1][2]                            ? 
_refine.aniso_B[1][3]                            ? 
_refine.aniso_B[2][3]                            ? 
_refine.solvent_model_details                    ? 
_refine.solvent_model_param_ksol                 ? 
_refine.solvent_model_param_bsol                 ? 
_refine.pdbx_ls_cross_valid_method               ? 
_refine.details                                  ? 
_refine.pdbx_starting_model                      'PROTEIN PORTION OF HINT-ADENOSINE MODEL, PDB ENTRY 4RHN' 
_refine.pdbx_method_to_determine_struct          'MOLECULAR REPLACEMENT' 
_refine.pdbx_isotropic_thermal_model             ? 
_refine.pdbx_stereochemistry_target_values       ? 
_refine.pdbx_stereochem_target_val_spec_case     ? 
_refine.pdbx_R_Free_selection_details            RANDOM 
_refine.pdbx_overall_ESU_R                       ? 
_refine.pdbx_overall_ESU_R_Free                  ? 
_refine.overall_SU_ML                            ? 
_refine.overall_SU_B                             ? 
_refine.pdbx_refine_id                           'X-RAY DIFFRACTION' 
_refine.pdbx_diffrn_id                           1 
_refine.pdbx_TLS_residual_ADP_flag               ? 
_refine.correlation_coeff_Fo_to_Fc               ? 
_refine.correlation_coeff_Fo_to_Fc_free          ? 
_refine.pdbx_solvent_vdw_probe_radii             ? 
_refine.pdbx_solvent_ion_probe_radii             ? 
_refine.pdbx_solvent_shrinkage_radii             ? 
_refine.pdbx_overall_phase_error                 ? 
_refine.overall_SU_R_Cruickshank_DPI             ? 
_refine.pdbx_overall_SU_R_free_Cruickshank_DPI   ? 
_refine.pdbx_overall_SU_R_Blow_DPI               ? 
_refine.pdbx_overall_SU_R_free_Blow_DPI          ? 
# 
_refine_hist.pdbx_refine_id                   'X-RAY DIFFRACTION' 
_refine_hist.cycle_id                         LAST 
_refine_hist.pdbx_number_atoms_protein        878 
_refine_hist.pdbx_number_atoms_nucleic_acid   0 
_refine_hist.pdbx_number_atoms_ligand         0 
_refine_hist.number_atoms_solvent             51 
_refine_hist.number_atoms_total               929 
_refine_hist.d_res_high                       2.15 
_refine_hist.d_res_low                        10.00 
# 
loop_
_refine_ls_restr.type 
_refine_ls_restr.dev_ideal 
_refine_ls_restr.dev_ideal_target 
_refine_ls_restr.weight 
_refine_ls_restr.number 
_refine_ls_restr.pdbx_refine_id 
_refine_ls_restr.pdbx_restraint_function 
x_bond_d                0.010 ? ? ? 'X-RAY DIFFRACTION' ? 
x_bond_d_na             ?     ? ? ? 'X-RAY DIFFRACTION' ? 
x_bond_d_prot           ?     ? ? ? 'X-RAY DIFFRACTION' ? 
x_angle_d               ?     ? ? ? 'X-RAY DIFFRACTION' ? 
x_angle_d_na            ?     ? ? ? 'X-RAY DIFFRACTION' ? 
x_angle_d_prot          ?     ? ? ? 'X-RAY DIFFRACTION' ? 
x_angle_deg             1.62  ? ? ? 'X-RAY DIFFRACTION' ? 
x_angle_deg_na          ?     ? ? ? 'X-RAY DIFFRACTION' ? 
x_angle_deg_prot        ?     ? ? ? 'X-RAY DIFFRACTION' ? 
x_dihedral_angle_d      24.9  ? ? ? 'X-RAY DIFFRACTION' ? 
x_dihedral_angle_d_na   ?     ? ? ? 'X-RAY DIFFRACTION' ? 
x_dihedral_angle_d_prot ?     ? ? ? 'X-RAY DIFFRACTION' ? 
x_improper_angle_d      1.41  ? ? ? 'X-RAY DIFFRACTION' ? 
x_improper_angle_d_na   ?     ? ? ? 'X-RAY DIFFRACTION' ? 
x_improper_angle_d_prot ?     ? ? ? 'X-RAY DIFFRACTION' ? 
x_mcbond_it             ?     ? ? ? 'X-RAY DIFFRACTION' ? 
x_mcangle_it            ?     ? ? ? 'X-RAY DIFFRACTION' ? 
x_scbond_it             ?     ? ? ? 'X-RAY DIFFRACTION' ? 
x_scangle_it            ?     ? ? ? 'X-RAY DIFFRACTION' ? 
# 
_refine_ls_shell.pdbx_total_number_of_bins_used   8 
_refine_ls_shell.d_res_high                       2.15 
_refine_ls_shell.d_res_low                        2.25 
_refine_ls_shell.number_reflns_R_work             437 
_refine_ls_shell.R_factor_R_work                  0.2340000 
_refine_ls_shell.percent_reflns_obs               ? 
_refine_ls_shell.R_factor_R_free                  0.2320000 
_refine_ls_shell.R_factor_R_free_error            0.034 
_refine_ls_shell.percent_reflns_R_free            9.7 
_refine_ls_shell.number_reflns_R_free             47 
_refine_ls_shell.pdbx_refine_id                   'X-RAY DIFFRACTION' 
_refine_ls_shell.number_reflns_all                ? 
_refine_ls_shell.R_factor_all                     ? 
# 
loop_
_pdbx_xplor_file.serial_no 
_pdbx_xplor_file.param_file 
_pdbx_xplor_file.topol_file 
_pdbx_xplor_file.pdbx_refine_id 
1 PARHCSDX.PRO TOPHCSDX.PRO 'X-RAY DIFFRACTION' 
2 WATER.PARAM  WATER.TOPH   'X-RAY DIFFRACTION' 
# 
_struct.entry_id                  6RHN 
_struct.title                     'HISTIDINE TRIAD NUCLEOTIDE-BINDING PROTEIN (HINT) FROM RABBIT WITHOUT NUCLEOTIDE' 
_struct.pdbx_model_details        ? 
_struct.pdbx_CASP_flag            ? 
_struct.pdbx_model_type_details   ? 
# 
_struct_keywords.entry_id        6RHN 
_struct_keywords.pdbx_keywords   'NUCLEOTIDE-BINDING PROTEIN' 
_struct_keywords.text            'NUCLEOTIDE-BINDING PROTEIN' 
# 
loop_
_struct_asym.id 
_struct_asym.pdbx_blank_PDB_chainid_flag 
_struct_asym.pdbx_modified 
_struct_asym.entity_id 
_struct_asym.details 
A N N 1 ? 
B N N 2 ? 
# 
_struct_ref.id                         1 
_struct_ref.db_name                    UNP 
_struct_ref.db_code                    HINT1_RABIT 
_struct_ref.entity_id                  1 
_struct_ref.pdbx_db_accession          P80912 
_struct_ref.pdbx_align_begin           1 
_struct_ref.pdbx_seq_one_letter_code   
;ADEIAKAQVARPGGDTIFGKIIRKEIPAKIIFEDDQCLAFHDISPQAPTHFLVIPKKHISQISAAEDADESLLGHLMIVG
KKCAADLGLKKGYRMVVNEGSDGGQSVYHVHLHVLGGRQMNWPPG
;
_struct_ref.pdbx_db_isoform            ? 
# 
_struct_ref_seq.align_id                      1 
_struct_ref_seq.ref_id                        1 
_struct_ref_seq.pdbx_PDB_id_code              6RHN 
_struct_ref_seq.pdbx_strand_id                A 
_struct_ref_seq.seq_align_beg                 1 
_struct_ref_seq.pdbx_seq_align_beg_ins_code   ? 
_struct_ref_seq.seq_align_end                 115 
_struct_ref_seq.pdbx_seq_align_end_ins_code   ? 
_struct_ref_seq.pdbx_db_accession             P80912 
_struct_ref_seq.db_align_beg                  11 
_struct_ref_seq.pdbx_db_align_beg_ins_code    ? 
_struct_ref_seq.db_align_end                  125 
_struct_ref_seq.pdbx_db_align_end_ins_code    ? 
_struct_ref_seq.pdbx_auth_seq_align_beg       12 
_struct_ref_seq.pdbx_auth_seq_align_end       126 
# 
_pdbx_struct_assembly.id                   1 
_pdbx_struct_assembly.details              author_and_software_defined_assembly 
_pdbx_struct_assembly.method_details       PISA,PQS 
_pdbx_struct_assembly.oligomeric_details   dimeric 
_pdbx_struct_assembly.oligomeric_count     2 
# 
loop_
_pdbx_struct_assembly_prop.biol_id 
_pdbx_struct_assembly_prop.type 
_pdbx_struct_assembly_prop.value 
_pdbx_struct_assembly_prop.details 
1 'ABSA (A^2)' 3810 ? 
1 MORE         -16  ? 
1 'SSA (A^2)'  9540 ? 
# 
_pdbx_struct_assembly_gen.assembly_id       1 
_pdbx_struct_assembly_gen.oper_expression   1,2 
_pdbx_struct_assembly_gen.asym_id_list      A,B 
# 
loop_
_pdbx_struct_oper_list.id 
_pdbx_struct_oper_list.type 
_pdbx_struct_oper_list.name 
_pdbx_struct_oper_list.symmetry_operation 
_pdbx_struct_oper_list.matrix[1][1] 
_pdbx_struct_oper_list.matrix[1][2] 
_pdbx_struct_oper_list.matrix[1][3] 
_pdbx_struct_oper_list.vector[1] 
_pdbx_struct_oper_list.matrix[2][1] 
_pdbx_struct_oper_list.matrix[2][2] 
_pdbx_struct_oper_list.matrix[2][3] 
_pdbx_struct_oper_list.vector[2] 
_pdbx_struct_oper_list.matrix[3][1] 
_pdbx_struct_oper_list.matrix[3][2] 
_pdbx_struct_oper_list.matrix[3][3] 
_pdbx_struct_oper_list.vector[3] 
1 'identity operation'         1_555 x,y,z    1.0000000000  0.0000000000  0.0000000000 0.0000000000 0.0000000000  1.0000000000 0.0000000000  0.0000000000  0.0000000000 0.0000000000  1.0000000000  0.0000000000   
2 'crystal symmetry operation' 7_556 y,x,-z+1 -0.9362810621 -0.3351458725 0.1051428401 3.9701636797 -0.3351458725 0.7627844975 -0.5530253652 -4.8121268949 0.1051428401 -0.5530253652 -0.8265034353 -17.7448039071 
# 
_struct_biol.id   1 
# 
loop_
_struct_conf.conf_type_id 
_struct_conf.id 
_struct_conf.pdbx_PDB_helix_id 
_struct_conf.beg_label_comp_id 
_struct_conf.beg_label_asym_id 
_struct_conf.beg_label_seq_id 
_struct_conf.pdbx_beg_PDB_ins_code 
_struct_conf.end_label_comp_id 
_struct_conf.end_label_asym_id 
_struct_conf.end_label_seq_id 
_struct_conf.pdbx_end_PDB_ins_code 
_struct_conf.beg_auth_comp_id 
_struct_conf.beg_auth_asym_id 
_struct_conf.beg_auth_seq_id 
_struct_conf.end_auth_comp_id 
_struct_conf.end_auth_asym_id 
_struct_conf.end_auth_seq_id 
_struct_conf.pdbx_PDB_helix_class 
_struct_conf.details 
_struct_conf.pdbx_PDB_helix_length 
HELX_P HELX_P1 A1 THR A 6  ? LYS A 14 ? THR A 17 LYS A 25 1 ? 9  
HELX_P HELX_P2 A2 ASP A 57 ? GLY A 78 ? ASP A 68 GLY A 89 1 ? 22 
# 
_struct_conf_type.id          HELX_P 
_struct_conf_type.criteria    ? 
_struct_conf_type.reference   ? 
# 
_struct_mon_prot_cis.pdbx_id                1 
_struct_mon_prot_cis.label_comp_id          TRP 
_struct_mon_prot_cis.label_seq_id           112 
_struct_mon_prot_cis.label_asym_id          A 
_struct_mon_prot_cis.label_alt_id           . 
_struct_mon_prot_cis.pdbx_PDB_ins_code      ? 
_struct_mon_prot_cis.auth_comp_id           TRP 
_struct_mon_prot_cis.auth_seq_id            123 
_struct_mon_prot_cis.auth_asym_id           A 
_struct_mon_prot_cis.pdbx_label_comp_id_2   PRO 
_struct_mon_prot_cis.pdbx_label_seq_id_2    113 
_struct_mon_prot_cis.pdbx_label_asym_id_2   A 
_struct_mon_prot_cis.pdbx_PDB_ins_code_2    ? 
_struct_mon_prot_cis.pdbx_auth_comp_id_2    PRO 
_struct_mon_prot_cis.pdbx_auth_seq_id_2     124 
_struct_mon_prot_cis.pdbx_auth_asym_id_2    A 
_struct_mon_prot_cis.pdbx_PDB_model_num     1 
_struct_mon_prot_cis.pdbx_omega_angle       -0.06 
# 
_struct_sheet.id               B 
_struct_sheet.type             ? 
_struct_sheet.number_strands   5 
_struct_sheet.details          ? 
# 
loop_
_struct_sheet_order.sheet_id 
_struct_sheet_order.range_id_1 
_struct_sheet_order.range_id_2 
_struct_sheet_order.offset 
_struct_sheet_order.sense 
B 1 2 ? anti-parallel 
B 2 3 ? anti-parallel 
B 3 4 ? anti-parallel 
B 4 5 ? anti-parallel 
# 
loop_
_struct_sheet_range.sheet_id 
_struct_sheet_range.id 
_struct_sheet_range.beg_label_comp_id 
_struct_sheet_range.beg_label_asym_id 
_struct_sheet_range.beg_label_seq_id 
_struct_sheet_range.pdbx_beg_PDB_ins_code 
_struct_sheet_range.end_label_comp_id 
_struct_sheet_range.end_label_asym_id 
_struct_sheet_range.end_label_seq_id 
_struct_sheet_range.pdbx_end_PDB_ins_code 
_struct_sheet_range.beg_auth_comp_id 
_struct_sheet_range.beg_auth_asym_id 
_struct_sheet_range.beg_auth_seq_id 
_struct_sheet_range.end_auth_comp_id 
_struct_sheet_range.end_auth_asym_id 
_struct_sheet_range.end_auth_seq_id 
B 1 TYR A 83  ? VAL A 87  ? TYR A 94  VAL A 98  
B 2 HIS A 101 ? GLY A 106 ? HIS A 112 GLY A 117 
B 3 THR A 39  ? PRO A 45  ? THR A 50  PRO A 56  
B 4 CYS A 27  ? HIS A 31  ? CYS A 38  HIS A 42  
B 5 ILE A 20  ? GLU A 23  ? ILE A 31  GLU A 34  
# 
loop_
_pdbx_struct_sheet_hbond.sheet_id 
_pdbx_struct_sheet_hbond.range_id_1 
_pdbx_struct_sheet_hbond.range_id_2 
_pdbx_struct_sheet_hbond.range_1_label_atom_id 
_pdbx_struct_sheet_hbond.range_1_label_comp_id 
_pdbx_struct_sheet_hbond.range_1_label_asym_id 
_pdbx_struct_sheet_hbond.range_1_label_seq_id 
_pdbx_struct_sheet_hbond.range_1_PDB_ins_code 
_pdbx_struct_sheet_hbond.range_1_auth_atom_id 
_pdbx_struct_sheet_hbond.range_1_auth_comp_id 
_pdbx_struct_sheet_hbond.range_1_auth_asym_id 
_pdbx_struct_sheet_hbond.range_1_auth_seq_id 
_pdbx_struct_sheet_hbond.range_2_label_atom_id 
_pdbx_struct_sheet_hbond.range_2_label_comp_id 
_pdbx_struct_sheet_hbond.range_2_label_asym_id 
_pdbx_struct_sheet_hbond.range_2_label_seq_id 
_pdbx_struct_sheet_hbond.range_2_PDB_ins_code 
_pdbx_struct_sheet_hbond.range_2_auth_atom_id 
_pdbx_struct_sheet_hbond.range_2_auth_comp_id 
_pdbx_struct_sheet_hbond.range_2_auth_asym_id 
_pdbx_struct_sheet_hbond.range_2_auth_seq_id 
B 1 2 O ARG A 84  ? O ARG A 95  N LEU A 105 ? N LEU A 116 
B 2 3 O LEU A 102 ? O LEU A 113 N VAL A 43  ? N VAL A 54  
B 3 4 O LEU A 42  ? O LEU A 53  N PHE A 30  ? N PHE A 41  
B 4 5 O ALA A 29  ? O ALA A 40  N PHE A 22  ? N PHE A 33  
# 
_struct_site.id                   HIT 
_struct_site.pdbx_evidence_code   Unknown 
_struct_site.pdbx_auth_asym_id    ? 
_struct_site.pdbx_auth_comp_id    ? 
_struct_site.pdbx_auth_seq_id     ? 
_struct_site.pdbx_auth_ins_code   ? 
_struct_site.pdbx_num_residues    3 
_struct_site.details              
'THE HISTIDINE TRIAD FORMS PART OF THE ALPHA PHOSPHATE-BINDING LOOP IN THE HIT PROTEIN SUPERFAMILY OF NUCLEOTIDE-BINDING PROTEINS.' 
# 
loop_
_struct_site_gen.id 
_struct_site_gen.site_id 
_struct_site_gen.pdbx_num_res 
_struct_site_gen.label_comp_id 
_struct_site_gen.label_asym_id 
_struct_site_gen.label_seq_id 
_struct_site_gen.pdbx_auth_ins_code 
_struct_site_gen.auth_comp_id 
_struct_site_gen.auth_asym_id 
_struct_site_gen.auth_seq_id 
_struct_site_gen.label_atom_id 
_struct_site_gen.label_alt_id 
_struct_site_gen.symmetry 
_struct_site_gen.details 
1 HIT 3 HIS A 99  ? HIS A 110 . ? 1_555 ? 
2 HIT 3 HIS A 101 ? HIS A 112 . ? 1_555 ? 
3 HIT 3 HIS A 103 ? HIS A 114 . ? 1_555 ? 
# 
_pdbx_validate_torsion.id              1 
_pdbx_validate_torsion.PDB_model_num   1 
_pdbx_validate_torsion.auth_comp_id    ASP 
_pdbx_validate_torsion.auth_asym_id    A 
_pdbx_validate_torsion.auth_seq_id     16 
_pdbx_validate_torsion.PDB_ins_code    ? 
_pdbx_validate_torsion.label_alt_id    ? 
_pdbx_validate_torsion.phi             -118.13 
_pdbx_validate_torsion.psi             53.33 
# 
loop_
_chem_comp_atom.comp_id 
_chem_comp_atom.atom_id 
_chem_comp_atom.type_symbol 
_chem_comp_atom.pdbx_aromatic_flag 
_chem_comp_atom.pdbx_stereo_config 
_chem_comp_atom.pdbx_ordinal 
ALA N    N N N 1   
ALA CA   C N S 2   
ALA C    C N N 3   
ALA O    O N N 4   
ALA CB   C N N 5   
ALA OXT  O N N 6   
ALA H    H N N 7   
ALA H2   H N N 8   
ALA HA   H N N 9   
ALA HB1  H N N 10  
ALA HB2  H N N 11  
ALA HB3  H N N 12  
ALA HXT  H N N 13  
ARG N    N N N 14  
ARG CA   C N S 15  
ARG C    C N N 16  
ARG O    O N N 17  
ARG CB   C N N 18  
ARG CG   C N N 19  
ARG CD   C N N 20  
ARG NE   N N N 21  
ARG CZ   C N N 22  
ARG NH1  N N N 23  
ARG NH2  N N N 24  
ARG OXT  O N N 25  
ARG H    H N N 26  
ARG H2   H N N 27  
ARG HA   H N N 28  
ARG HB2  H N N 29  
ARG HB3  H N N 30  
ARG HG2  H N N 31  
ARG HG3  H N N 32  
ARG HD2  H N N 33  
ARG HD3  H N N 34  
ARG HE   H N N 35  
ARG HH11 H N N 36  
ARG HH12 H N N 37  
ARG HH21 H N N 38  
ARG HH22 H N N 39  
ARG HXT  H N N 40  
ASN N    N N N 41  
ASN CA   C N S 42  
ASN C    C N N 43  
ASN O    O N N 44  
ASN CB   C N N 45  
ASN CG   C N N 46  
ASN OD1  O N N 47  
ASN ND2  N N N 48  
ASN OXT  O N N 49  
ASN H    H N N 50  
ASN H2   H N N 51  
ASN HA   H N N 52  
ASN HB2  H N N 53  
ASN HB3  H N N 54  
ASN HD21 H N N 55  
ASN HD22 H N N 56  
ASN HXT  H N N 57  
ASP N    N N N 58  
ASP CA   C N S 59  
ASP C    C N N 60  
ASP O    O N N 61  
ASP CB   C N N 62  
ASP CG   C N N 63  
ASP OD1  O N N 64  
ASP OD2  O N N 65  
ASP OXT  O N N 66  
ASP H    H N N 67  
ASP H2   H N N 68  
ASP HA   H N N 69  
ASP HB2  H N N 70  
ASP HB3  H N N 71  
ASP HD2  H N N 72  
ASP HXT  H N N 73  
CYS N    N N N 74  
CYS CA   C N R 75  
CYS C    C N N 76  
CYS O    O N N 77  
CYS CB   C N N 78  
CYS SG   S N N 79  
CYS OXT  O N N 80  
CYS H    H N N 81  
CYS H2   H N N 82  
CYS HA   H N N 83  
CYS HB2  H N N 84  
CYS HB3  H N N 85  
CYS HG   H N N 86  
CYS HXT  H N N 87  
GLN N    N N N 88  
GLN CA   C N S 89  
GLN C    C N N 90  
GLN O    O N N 91  
GLN CB   C N N 92  
GLN CG   C N N 93  
GLN CD   C N N 94  
GLN OE1  O N N 95  
GLN NE2  N N N 96  
GLN OXT  O N N 97  
GLN H    H N N 98  
GLN H2   H N N 99  
GLN HA   H N N 100 
GLN HB2  H N N 101 
GLN HB3  H N N 102 
GLN HG2  H N N 103 
GLN HG3  H N N 104 
GLN HE21 H N N 105 
GLN HE22 H N N 106 
GLN HXT  H N N 107 
GLU N    N N N 108 
GLU CA   C N S 109 
GLU C    C N N 110 
GLU O    O N N 111 
GLU CB   C N N 112 
GLU CG   C N N 113 
GLU CD   C N N 114 
GLU OE1  O N N 115 
GLU OE2  O N N 116 
GLU OXT  O N N 117 
GLU H    H N N 118 
GLU H2   H N N 119 
GLU HA   H N N 120 
GLU HB2  H N N 121 
GLU HB3  H N N 122 
GLU HG2  H N N 123 
GLU HG3  H N N 124 
GLU HE2  H N N 125 
GLU HXT  H N N 126 
GLY N    N N N 127 
GLY CA   C N N 128 
GLY C    C N N 129 
GLY O    O N N 130 
GLY OXT  O N N 131 
GLY H    H N N 132 
GLY H2   H N N 133 
GLY HA2  H N N 134 
GLY HA3  H N N 135 
GLY HXT  H N N 136 
HIS N    N N N 137 
HIS CA   C N S 138 
HIS C    C N N 139 
HIS O    O N N 140 
HIS CB   C N N 141 
HIS CG   C Y N 142 
HIS ND1  N Y N 143 
HIS CD2  C Y N 144 
HIS CE1  C Y N 145 
HIS NE2  N Y N 146 
HIS OXT  O N N 147 
HIS H    H N N 148 
HIS H2   H N N 149 
HIS HA   H N N 150 
HIS HB2  H N N 151 
HIS HB3  H N N 152 
HIS HD1  H N N 153 
HIS HD2  H N N 154 
HIS HE1  H N N 155 
HIS HE2  H N N 156 
HIS HXT  H N N 157 
HOH O    O N N 158 
HOH H1   H N N 159 
HOH H2   H N N 160 
ILE N    N N N 161 
ILE CA   C N S 162 
ILE C    C N N 163 
ILE O    O N N 164 
ILE CB   C N S 165 
ILE CG1  C N N 166 
ILE CG2  C N N 167 
ILE CD1  C N N 168 
ILE OXT  O N N 169 
ILE H    H N N 170 
ILE H2   H N N 171 
ILE HA   H N N 172 
ILE HB   H N N 173 
ILE HG12 H N N 174 
ILE HG13 H N N 175 
ILE HG21 H N N 176 
ILE HG22 H N N 177 
ILE HG23 H N N 178 
ILE HD11 H N N 179 
ILE HD12 H N N 180 
ILE HD13 H N N 181 
ILE HXT  H N N 182 
LEU N    N N N 183 
LEU CA   C N S 184 
LEU C    C N N 185 
LEU O    O N N 186 
LEU CB   C N N 187 
LEU CG   C N N 188 
LEU CD1  C N N 189 
LEU CD2  C N N 190 
LEU OXT  O N N 191 
LEU H    H N N 192 
LEU H2   H N N 193 
LEU HA   H N N 194 
LEU HB2  H N N 195 
LEU HB3  H N N 196 
LEU HG   H N N 197 
LEU HD11 H N N 198 
LEU HD12 H N N 199 
LEU HD13 H N N 200 
LEU HD21 H N N 201 
LEU HD22 H N N 202 
LEU HD23 H N N 203 
LEU HXT  H N N 204 
LYS N    N N N 205 
LYS CA   C N S 206 
LYS C    C N N 207 
LYS O    O N N 208 
LYS CB   C N N 209 
LYS CG   C N N 210 
LYS CD   C N N 211 
LYS CE   C N N 212 
LYS NZ   N N N 213 
LYS OXT  O N N 214 
LYS H    H N N 215 
LYS H2   H N N 216 
LYS HA   H N N 217 
LYS HB2  H N N 218 
LYS HB3  H N N 219 
LYS HG2  H N N 220 
LYS HG3  H N N 221 
LYS HD2  H N N 222 
LYS HD3  H N N 223 
LYS HE2  H N N 224 
LYS HE3  H N N 225 
LYS HZ1  H N N 226 
LYS HZ2  H N N 227 
LYS HZ3  H N N 228 
LYS HXT  H N N 229 
MET N    N N N 230 
MET CA   C N S 231 
MET C    C N N 232 
MET O    O N N 233 
MET CB   C N N 234 
MET CG   C N N 235 
MET SD   S N N 236 
MET CE   C N N 237 
MET OXT  O N N 238 
MET H    H N N 239 
MET H2   H N N 240 
MET HA   H N N 241 
MET HB2  H N N 242 
MET HB3  H N N 243 
MET HG2  H N N 244 
MET HG3  H N N 245 
MET HE1  H N N 246 
MET HE2  H N N 247 
MET HE3  H N N 248 
MET HXT  H N N 249 
PHE N    N N N 250 
PHE CA   C N S 251 
PHE C    C N N 252 
PHE O    O N N 253 
PHE CB   C N N 254 
PHE CG   C Y N 255 
PHE CD1  C Y N 256 
PHE CD2  C Y N 257 
PHE CE1  C Y N 258 
PHE CE2  C Y N 259 
PHE CZ   C Y N 260 
PHE OXT  O N N 261 
PHE H    H N N 262 
PHE H2   H N N 263 
PHE HA   H N N 264 
PHE HB2  H N N 265 
PHE HB3  H N N 266 
PHE HD1  H N N 267 
PHE HD2  H N N 268 
PHE HE1  H N N 269 
PHE HE2  H N N 270 
PHE HZ   H N N 271 
PHE HXT  H N N 272 
PRO N    N N N 273 
PRO CA   C N S 274 
PRO C    C N N 275 
PRO O    O N N 276 
PRO CB   C N N 277 
PRO CG   C N N 278 
PRO CD   C N N 279 
PRO OXT  O N N 280 
PRO H    H N N 281 
PRO HA   H N N 282 
PRO HB2  H N N 283 
PRO HB3  H N N 284 
PRO HG2  H N N 285 
PRO HG3  H N N 286 
PRO HD2  H N N 287 
PRO HD3  H N N 288 
PRO HXT  H N N 289 
SER N    N N N 290 
SER CA   C N S 291 
SER C    C N N 292 
SER O    O N N 293 
SER CB   C N N 294 
SER OG   O N N 295 
SER OXT  O N N 296 
SER H    H N N 297 
SER H2   H N N 298 
SER HA   H N N 299 
SER HB2  H N N 300 
SER HB3  H N N 301 
SER HG   H N N 302 
SER HXT  H N N 303 
THR N    N N N 304 
THR CA   C N S 305 
THR C    C N N 306 
THR O    O N N 307 
THR CB   C N R 308 
THR OG1  O N N 309 
THR CG2  C N N 310 
THR OXT  O N N 311 
THR H    H N N 312 
THR H2   H N N 313 
THR HA   H N N 314 
THR HB   H N N 315 
THR HG1  H N N 316 
THR HG21 H N N 317 
THR HG22 H N N 318 
THR HG23 H N N 319 
THR HXT  H N N 320 
TRP N    N N N 321 
TRP CA   C N S 322 
TRP C    C N N 323 
TRP O    O N N 324 
TRP CB   C N N 325 
TRP CG   C Y N 326 
TRP CD1  C Y N 327 
TRP CD2  C Y N 328 
TRP NE1  N Y N 329 
TRP CE2  C Y N 330 
TRP CE3  C Y N 331 
TRP CZ2  C Y N 332 
TRP CZ3  C Y N 333 
TRP CH2  C Y N 334 
TRP OXT  O N N 335 
TRP H    H N N 336 
TRP H2   H N N 337 
TRP HA   H N N 338 
TRP HB2  H N N 339 
TRP HB3  H N N 340 
TRP HD1  H N N 341 
TRP HE1  H N N 342 
TRP HE3  H N N 343 
TRP HZ2  H N N 344 
TRP HZ3  H N N 345 
TRP HH2  H N N 346 
TRP HXT  H N N 347 
TYR N    N N N 348 
TYR CA   C N S 349 
TYR C    C N N 350 
TYR O    O N N 351 
TYR CB   C N N 352 
TYR CG   C Y N 353 
TYR CD1  C Y N 354 
TYR CD2  C Y N 355 
TYR CE1  C Y N 356 
TYR CE2  C Y N 357 
TYR CZ   C Y N 358 
TYR OH   O N N 359 
TYR OXT  O N N 360 
TYR H    H N N 361 
TYR H2   H N N 362 
TYR HA   H N N 363 
TYR HB2  H N N 364 
TYR HB3  H N N 365 
TYR HD1  H N N 366 
TYR HD2  H N N 367 
TYR HE1  H N N 368 
TYR HE2  H N N 369 
TYR HH   H N N 370 
TYR HXT  H N N 371 
VAL N    N N N 372 
VAL CA   C N S 373 
VAL C    C N N 374 
VAL O    O N N 375 
VAL CB   C N N 376 
VAL CG1  C N N 377 
VAL CG2  C N N 378 
VAL OXT  O N N 379 
VAL H    H N N 380 
VAL H2   H N N 381 
VAL HA   H N N 382 
VAL HB   H N N 383 
VAL HG11 H N N 384 
VAL HG12 H N N 385 
VAL HG13 H N N 386 
VAL HG21 H N N 387 
VAL HG22 H N N 388 
VAL HG23 H N N 389 
VAL HXT  H N N 390 
# 
loop_
_chem_comp_bond.comp_id 
_chem_comp_bond.atom_id_1 
_chem_comp_bond.atom_id_2 
_chem_comp_bond.value_order 
_chem_comp_bond.pdbx_aromatic_flag 
_chem_comp_bond.pdbx_stereo_config 
_chem_comp_bond.pdbx_ordinal 
ALA N   CA   sing N N 1   
ALA N   H    sing N N 2   
ALA N   H2   sing N N 3   
ALA CA  C    sing N N 4   
ALA CA  CB   sing N N 5   
ALA CA  HA   sing N N 6   
ALA C   O    doub N N 7   
ALA C   OXT  sing N N 8   
ALA CB  HB1  sing N N 9   
ALA CB  HB2  sing N N 10  
ALA CB  HB3  sing N N 11  
ALA OXT HXT  sing N N 12  
ARG N   CA   sing N N 13  
ARG N   H    sing N N 14  
ARG N   H2   sing N N 15  
ARG CA  C    sing N N 16  
ARG CA  CB   sing N N 17  
ARG CA  HA   sing N N 18  
ARG C   O    doub N N 19  
ARG C   OXT  sing N N 20  
ARG CB  CG   sing N N 21  
ARG CB  HB2  sing N N 22  
ARG CB  HB3  sing N N 23  
ARG CG  CD   sing N N 24  
ARG CG  HG2  sing N N 25  
ARG CG  HG3  sing N N 26  
ARG CD  NE   sing N N 27  
ARG CD  HD2  sing N N 28  
ARG CD  HD3  sing N N 29  
ARG NE  CZ   sing N N 30  
ARG NE  HE   sing N N 31  
ARG CZ  NH1  sing N N 32  
ARG CZ  NH2  doub N N 33  
ARG NH1 HH11 sing N N 34  
ARG NH1 HH12 sing N N 35  
ARG NH2 HH21 sing N N 36  
ARG NH2 HH22 sing N N 37  
ARG OXT HXT  sing N N 38  
ASN N   CA   sing N N 39  
ASN N   H    sing N N 40  
ASN N   H2   sing N N 41  
ASN CA  C    sing N N 42  
ASN CA  CB   sing N N 43  
ASN CA  HA   sing N N 44  
ASN C   O    doub N N 45  
ASN C   OXT  sing N N 46  
ASN CB  CG   sing N N 47  
ASN CB  HB2  sing N N 48  
ASN CB  HB3  sing N N 49  
ASN CG  OD1  doub N N 50  
ASN CG  ND2  sing N N 51  
ASN ND2 HD21 sing N N 52  
ASN ND2 HD22 sing N N 53  
ASN OXT HXT  sing N N 54  
ASP N   CA   sing N N 55  
ASP N   H    sing N N 56  
ASP N   H2   sing N N 57  
ASP CA  C    sing N N 58  
ASP CA  CB   sing N N 59  
ASP CA  HA   sing N N 60  
ASP C   O    doub N N 61  
ASP C   OXT  sing N N 62  
ASP CB  CG   sing N N 63  
ASP CB  HB2  sing N N 64  
ASP CB  HB3  sing N N 65  
ASP CG  OD1  doub N N 66  
ASP CG  OD2  sing N N 67  
ASP OD2 HD2  sing N N 68  
ASP OXT HXT  sing N N 69  
CYS N   CA   sing N N 70  
CYS N   H    sing N N 71  
CYS N   H2   sing N N 72  
CYS CA  C    sing N N 73  
CYS CA  CB   sing N N 74  
CYS CA  HA   sing N N 75  
CYS C   O    doub N N 76  
CYS C   OXT  sing N N 77  
CYS CB  SG   sing N N 78  
CYS CB  HB2  sing N N 79  
CYS CB  HB3  sing N N 80  
CYS SG  HG   sing N N 81  
CYS OXT HXT  sing N N 82  
GLN N   CA   sing N N 83  
GLN N   H    sing N N 84  
GLN N   H2   sing N N 85  
GLN CA  C    sing N N 86  
GLN CA  CB   sing N N 87  
GLN CA  HA   sing N N 88  
GLN C   O    doub N N 89  
GLN C   OXT  sing N N 90  
GLN CB  CG   sing N N 91  
GLN CB  HB2  sing N N 92  
GLN CB  HB3  sing N N 93  
GLN CG  CD   sing N N 94  
GLN CG  HG2  sing N N 95  
GLN CG  HG3  sing N N 96  
GLN CD  OE1  doub N N 97  
GLN CD  NE2  sing N N 98  
GLN NE2 HE21 sing N N 99  
GLN NE2 HE22 sing N N 100 
GLN OXT HXT  sing N N 101 
GLU N   CA   sing N N 102 
GLU N   H    sing N N 103 
GLU N   H2   sing N N 104 
GLU CA  C    sing N N 105 
GLU CA  CB   sing N N 106 
GLU CA  HA   sing N N 107 
GLU C   O    doub N N 108 
GLU C   OXT  sing N N 109 
GLU CB  CG   sing N N 110 
GLU CB  HB2  sing N N 111 
GLU CB  HB3  sing N N 112 
GLU CG  CD   sing N N 113 
GLU CG  HG2  sing N N 114 
GLU CG  HG3  sing N N 115 
GLU CD  OE1  doub N N 116 
GLU CD  OE2  sing N N 117 
GLU OE2 HE2  sing N N 118 
GLU OXT HXT  sing N N 119 
GLY N   CA   sing N N 120 
GLY N   H    sing N N 121 
GLY N   H2   sing N N 122 
GLY CA  C    sing N N 123 
GLY CA  HA2  sing N N 124 
GLY CA  HA3  sing N N 125 
GLY C   O    doub N N 126 
GLY C   OXT  sing N N 127 
GLY OXT HXT  sing N N 128 
HIS N   CA   sing N N 129 
HIS N   H    sing N N 130 
HIS N   H2   sing N N 131 
HIS CA  C    sing N N 132 
HIS CA  CB   sing N N 133 
HIS CA  HA   sing N N 134 
HIS C   O    doub N N 135 
HIS C   OXT  sing N N 136 
HIS CB  CG   sing N N 137 
HIS CB  HB2  sing N N 138 
HIS CB  HB3  sing N N 139 
HIS CG  ND1  sing Y N 140 
HIS CG  CD2  doub Y N 141 
HIS ND1 CE1  doub Y N 142 
HIS ND1 HD1  sing N N 143 
HIS CD2 NE2  sing Y N 144 
HIS CD2 HD2  sing N N 145 
HIS CE1 NE2  sing Y N 146 
HIS CE1 HE1  sing N N 147 
HIS NE2 HE2  sing N N 148 
HIS OXT HXT  sing N N 149 
HOH O   H1   sing N N 150 
HOH O   H2   sing N N 151 
ILE N   CA   sing N N 152 
ILE N   H    sing N N 153 
ILE N   H2   sing N N 154 
ILE CA  C    sing N N 155 
ILE CA  CB   sing N N 156 
ILE CA  HA   sing N N 157 
ILE C   O    doub N N 158 
ILE C   OXT  sing N N 159 
ILE CB  CG1  sing N N 160 
ILE CB  CG2  sing N N 161 
ILE CB  HB   sing N N 162 
ILE CG1 CD1  sing N N 163 
ILE CG1 HG12 sing N N 164 
ILE CG1 HG13 sing N N 165 
ILE CG2 HG21 sing N N 166 
ILE CG2 HG22 sing N N 167 
ILE CG2 HG23 sing N N 168 
ILE CD1 HD11 sing N N 169 
ILE CD1 HD12 sing N N 170 
ILE CD1 HD13 sing N N 171 
ILE OXT HXT  sing N N 172 
LEU N   CA   sing N N 173 
LEU N   H    sing N N 174 
LEU N   H2   sing N N 175 
LEU CA  C    sing N N 176 
LEU CA  CB   sing N N 177 
LEU CA  HA   sing N N 178 
LEU C   O    doub N N 179 
LEU C   OXT  sing N N 180 
LEU CB  CG   sing N N 181 
LEU CB  HB2  sing N N 182 
LEU CB  HB3  sing N N 183 
LEU CG  CD1  sing N N 184 
LEU CG  CD2  sing N N 185 
LEU CG  HG   sing N N 186 
LEU CD1 HD11 sing N N 187 
LEU CD1 HD12 sing N N 188 
LEU CD1 HD13 sing N N 189 
LEU CD2 HD21 sing N N 190 
LEU CD2 HD22 sing N N 191 
LEU CD2 HD23 sing N N 192 
LEU OXT HXT  sing N N 193 
LYS N   CA   sing N N 194 
LYS N   H    sing N N 195 
LYS N   H2   sing N N 196 
LYS CA  C    sing N N 197 
LYS CA  CB   sing N N 198 
LYS CA  HA   sing N N 199 
LYS C   O    doub N N 200 
LYS C   OXT  sing N N 201 
LYS CB  CG   sing N N 202 
LYS CB  HB2  sing N N 203 
LYS CB  HB3  sing N N 204 
LYS CG  CD   sing N N 205 
LYS CG  HG2  sing N N 206 
LYS CG  HG3  sing N N 207 
LYS CD  CE   sing N N 208 
LYS CD  HD2  sing N N 209 
LYS CD  HD3  sing N N 210 
LYS CE  NZ   sing N N 211 
LYS CE  HE2  sing N N 212 
LYS CE  HE3  sing N N 213 
LYS NZ  HZ1  sing N N 214 
LYS NZ  HZ2  sing N N 215 
LYS NZ  HZ3  sing N N 216 
LYS OXT HXT  sing N N 217 
MET N   CA   sing N N 218 
MET N   H    sing N N 219 
MET N   H2   sing N N 220 
MET CA  C    sing N N 221 
MET CA  CB   sing N N 222 
MET CA  HA   sing N N 223 
MET C   O    doub N N 224 
MET C   OXT  sing N N 225 
MET CB  CG   sing N N 226 
MET CB  HB2  sing N N 227 
MET CB  HB3  sing N N 228 
MET CG  SD   sing N N 229 
MET CG  HG2  sing N N 230 
MET CG  HG3  sing N N 231 
MET SD  CE   sing N N 232 
MET CE  HE1  sing N N 233 
MET CE  HE2  sing N N 234 
MET CE  HE3  sing N N 235 
MET OXT HXT  sing N N 236 
PHE N   CA   sing N N 237 
PHE N   H    sing N N 238 
PHE N   H2   sing N N 239 
PHE CA  C    sing N N 240 
PHE CA  CB   sing N N 241 
PHE CA  HA   sing N N 242 
PHE C   O    doub N N 243 
PHE C   OXT  sing N N 244 
PHE CB  CG   sing N N 245 
PHE CB  HB2  sing N N 246 
PHE CB  HB3  sing N N 247 
PHE CG  CD1  doub Y N 248 
PHE CG  CD2  sing Y N 249 
PHE CD1 CE1  sing Y N 250 
PHE CD1 HD1  sing N N 251 
PHE CD2 CE2  doub Y N 252 
PHE CD2 HD2  sing N N 253 
PHE CE1 CZ   doub Y N 254 
PHE CE1 HE1  sing N N 255 
PHE CE2 CZ   sing Y N 256 
PHE CE2 HE2  sing N N 257 
PHE CZ  HZ   sing N N 258 
PHE OXT HXT  sing N N 259 
PRO N   CA   sing N N 260 
PRO N   CD   sing N N 261 
PRO N   H    sing N N 262 
PRO CA  C    sing N N 263 
PRO CA  CB   sing N N 264 
PRO CA  HA   sing N N 265 
PRO C   O    doub N N 266 
PRO C   OXT  sing N N 267 
PRO CB  CG   sing N N 268 
PRO CB  HB2  sing N N 269 
PRO CB  HB3  sing N N 270 
PRO CG  CD   sing N N 271 
PRO CG  HG2  sing N N 272 
PRO CG  HG3  sing N N 273 
PRO CD  HD2  sing N N 274 
PRO CD  HD3  sing N N 275 
PRO OXT HXT  sing N N 276 
SER N   CA   sing N N 277 
SER N   H    sing N N 278 
SER N   H2   sing N N 279 
SER CA  C    sing N N 280 
SER CA  CB   sing N N 281 
SER CA  HA   sing N N 282 
SER C   O    doub N N 283 
SER C   OXT  sing N N 284 
SER CB  OG   sing N N 285 
SER CB  HB2  sing N N 286 
SER CB  HB3  sing N N 287 
SER OG  HG   sing N N 288 
SER OXT HXT  sing N N 289 
THR N   CA   sing N N 290 
THR N   H    sing N N 291 
THR N   H2   sing N N 292 
THR CA  C    sing N N 293 
THR CA  CB   sing N N 294 
THR CA  HA   sing N N 295 
THR C   O    doub N N 296 
THR C   OXT  sing N N 297 
THR CB  OG1  sing N N 298 
THR CB  CG2  sing N N 299 
THR CB  HB   sing N N 300 
THR OG1 HG1  sing N N 301 
THR CG2 HG21 sing N N 302 
THR CG2 HG22 sing N N 303 
THR CG2 HG23 sing N N 304 
THR OXT HXT  sing N N 305 
TRP N   CA   sing N N 306 
TRP N   H    sing N N 307 
TRP N   H2   sing N N 308 
TRP CA  C    sing N N 309 
TRP CA  CB   sing N N 310 
TRP CA  HA   sing N N 311 
TRP C   O    doub N N 312 
TRP C   OXT  sing N N 313 
TRP CB  CG   sing N N 314 
TRP CB  HB2  sing N N 315 
TRP CB  HB3  sing N N 316 
TRP CG  CD1  doub Y N 317 
TRP CG  CD2  sing Y N 318 
TRP CD1 NE1  sing Y N 319 
TRP CD1 HD1  sing N N 320 
TRP CD2 CE2  doub Y N 321 
TRP CD2 CE3  sing Y N 322 
TRP NE1 CE2  sing Y N 323 
TRP NE1 HE1  sing N N 324 
TRP CE2 CZ2  sing Y N 325 
TRP CE3 CZ3  doub Y N 326 
TRP CE3 HE3  sing N N 327 
TRP CZ2 CH2  doub Y N 328 
TRP CZ2 HZ2  sing N N 329 
TRP CZ3 CH2  sing Y N 330 
TRP CZ3 HZ3  sing N N 331 
TRP CH2 HH2  sing N N 332 
TRP OXT HXT  sing N N 333 
TYR N   CA   sing N N 334 
TYR N   H    sing N N 335 
TYR N   H2   sing N N 336 
TYR CA  C    sing N N 337 
TYR CA  CB   sing N N 338 
TYR CA  HA   sing N N 339 
TYR C   O    doub N N 340 
TYR C   OXT  sing N N 341 
TYR CB  CG   sing N N 342 
TYR CB  HB2  sing N N 343 
TYR CB  HB3  sing N N 344 
TYR CG  CD1  doub Y N 345 
TYR CG  CD2  sing Y N 346 
TYR CD1 CE1  sing Y N 347 
TYR CD1 HD1  sing N N 348 
TYR CD2 CE2  doub Y N 349 
TYR CD2 HD2  sing N N 350 
TYR CE1 CZ   doub Y N 351 
TYR CE1 HE1  sing N N 352 
TYR CE2 CZ   sing Y N 353 
TYR CE2 HE2  sing N N 354 
TYR CZ  OH   sing N N 355 
TYR OH  HH   sing N N 356 
TYR OXT HXT  sing N N 357 
VAL N   CA   sing N N 358 
VAL N   H    sing N N 359 
VAL N   H2   sing N N 360 
VAL CA  C    sing N N 361 
VAL CA  CB   sing N N 362 
VAL CA  HA   sing N N 363 
VAL C   O    doub N N 364 
VAL C   OXT  sing N N 365 
VAL CB  CG1  sing N N 366 
VAL CB  CG2  sing N N 367 
VAL CB  HB   sing N N 368 
VAL CG1 HG11 sing N N 369 
VAL CG1 HG12 sing N N 370 
VAL CG1 HG13 sing N N 371 
VAL CG2 HG21 sing N N 372 
VAL CG2 HG22 sing N N 373 
VAL CG2 HG23 sing N N 374 
VAL OXT HXT  sing N N 375 
# 
_pdbx_initial_refinement_model.id               1 
_pdbx_initial_refinement_model.entity_id_list   ? 
_pdbx_initial_refinement_model.type             'experimental model' 
_pdbx_initial_refinement_model.source_name      PDB 
_pdbx_initial_refinement_model.accession_code   4RHN 
_pdbx_initial_refinement_model.details          'PROTEIN PORTION OF HINT-ADENOSINE MODEL, PDB ENTRY 4RHN' 
# 
_atom_sites.entry_id                    6RHN 
_atom_sites.fract_transf_matrix[1][1]   0.02033232 
_atom_sites.fract_transf_matrix[1][2]   -0.01385028 
_atom_sites.fract_transf_matrix[1][3]   0.00304323 
_atom_sites.fract_transf_matrix[2][1]   -0.01407493 
_atom_sites.fract_transf_matrix[2][2]   -0.01906205 
_atom_sites.fract_transf_matrix[2][3]   0.00728212 
_atom_sites.fract_transf_matrix[3][1]   -0.00048756 
_atom_sites.fract_transf_matrix[3][2]   -0.00217210 
_atom_sites.fract_transf_matrix[3][3]   -0.00662815 
_atom_sites.fract_transf_vector[1]      0.298921 
_atom_sites.fract_transf_vector[2]      0.392291 
_atom_sites.fract_transf_vector[3]      0.436967 
# 
loop_
_atom_type.symbol 
C 
N 
O 
S 
# 
loop_
_atom_site.group_PDB 
_atom_site.id 
_atom_site.type_symbol 
_atom_site.label_atom_id 
_atom_site.label_alt_id 
_atom_site.label_comp_id 
_atom_site.label_asym_id 
_atom_site.label_entity_id 
_atom_site.label_seq_id 
_atom_site.pdbx_PDB_ins_code 
_atom_site.Cartn_x 
_atom_site.Cartn_y 
_atom_site.Cartn_z 
_atom_site.occupancy 
_atom_site.B_iso_or_equiv 
_atom_site.pdbx_formal_charge 
_atom_site.auth_seq_id 
_atom_site.auth_comp_id 
_atom_site.auth_asym_id 
_atom_site.auth_atom_id 
_atom_site.pdbx_PDB_model_num 
ATOM   1   N N   . ARG A 1 1   ? 12.754  -3.415  16.796  1.00 56.70 ? 12  ARG A N   1 
ATOM   2   C CA  . ARG A 1 1   ? 11.288  -3.167  16.654  1.00 55.69 ? 12  ARG A CA  1 
ATOM   3   C C   . ARG A 1 1   ? 10.775  -3.699  15.313  1.00 54.72 ? 12  ARG A C   1 
ATOM   4   O O   . ARG A 1 1   ? 11.311  -3.369  14.251  1.00 52.37 ? 12  ARG A O   1 
ATOM   5   C CB  . ARG A 1 1   ? 10.975  -1.662  16.797  1.00 51.22 ? 12  ARG A CB  1 
ATOM   6   N N   . PRO A 1 2   ? 9.777   -4.596  15.358  1.00 53.24 ? 13  PRO A N   1 
ATOM   7   C CA  . PRO A 1 2   ? 9.156   -5.206  14.172  1.00 51.52 ? 13  PRO A CA  1 
ATOM   8   C C   . PRO A 1 2   ? 8.366   -4.165  13.363  1.00 49.31 ? 13  PRO A C   1 
ATOM   9   O O   . PRO A 1 2   ? 7.962   -3.133  13.903  1.00 55.22 ? 13  PRO A O   1 
ATOM   10  C CB  . PRO A 1 2   ? 8.236   -6.267  14.783  1.00 51.31 ? 13  PRO A CB  1 
ATOM   11  C CG  . PRO A 1 2   ? 7.876   -5.674  16.123  1.00 53.40 ? 13  PRO A CG  1 
ATOM   12  C CD  . PRO A 1 2   ? 9.203   -5.154  16.596  1.00 53.50 ? 13  PRO A CD  1 
ATOM   13  N N   . GLY A 1 3   ? 8.145   -4.426  12.077  1.00 42.46 ? 14  GLY A N   1 
ATOM   14  C CA  . GLY A 1 3   ? 7.421   -3.468  11.258  1.00 33.55 ? 14  GLY A CA  1 
ATOM   15  C C   . GLY A 1 3   ? 8.308   -2.337  10.767  1.00 30.07 ? 14  GLY A C   1 
ATOM   16  O O   . GLY A 1 3   ? 7.849   -1.474  10.026  1.00 30.99 ? 14  GLY A O   1 
ATOM   17  N N   . GLY A 1 4   ? 9.574   -2.331  11.187  1.00 27.07 ? 15  GLY A N   1 
ATOM   18  C CA  . GLY A 1 4   ? 10.506  -1.302  10.754  1.00 27.01 ? 15  GLY A CA  1 
ATOM   19  C C   . GLY A 1 4   ? 10.440  -0.026  11.562  1.00 30.09 ? 15  GLY A C   1 
ATOM   20  O O   . GLY A 1 4   ? 9.616   0.088   12.454  1.00 27.71 ? 15  GLY A O   1 
ATOM   21  N N   . ASP A 1 5   ? 11.269  0.960   11.237  1.00 37.31 ? 16  ASP A N   1 
ATOM   22  C CA  . ASP A 1 5   ? 11.260  2.196   12.009  1.00 43.61 ? 16  ASP A CA  1 
ATOM   23  C C   . ASP A 1 5   ? 10.885  3.440   11.225  1.00 41.04 ? 16  ASP A C   1 
ATOM   24  O O   . ASP A 1 5   ? 11.605  4.440   11.211  1.00 42.95 ? 16  ASP A O   1 
ATOM   25  C CB  . ASP A 1 5   ? 12.582  2.371   12.762  1.00 60.76 ? 16  ASP A CB  1 
ATOM   26  C CG  . ASP A 1 5   ? 12.776  1.312   13.864  1.00 74.73 ? 16  ASP A CG  1 
ATOM   27  O OD1 . ASP A 1 5   ? 12.214  1.478   14.980  1.00 81.37 ? 16  ASP A OD1 1 
ATOM   28  O OD2 . ASP A 1 5   ? 13.482  0.305   13.607  1.00 81.58 ? 16  ASP A OD2 1 
ATOM   29  N N   . THR A 1 6   ? 9.738   3.348   10.563  1.00 35.08 ? 17  THR A N   1 
ATOM   30  C CA  . THR A 1 6   ? 9.184   4.445   9.788   1.00 25.00 ? 17  THR A CA  1 
ATOM   31  C C   . THR A 1 6   ? 7.802   4.700   10.398  1.00 20.79 ? 17  THR A C   1 
ATOM   32  O O   . THR A 1 6   ? 7.439   4.089   11.404  1.00 16.36 ? 17  THR A O   1 
ATOM   33  C CB  . THR A 1 6   ? 9.077   4.095   8.260   1.00 21.31 ? 17  THR A CB  1 
ATOM   34  O OG1 . THR A 1 6   ? 8.205   2.974   8.068   1.00 19.42 ? 17  THR A OG1 1 
ATOM   35  C CG2 . THR A 1 6   ? 10.448  3.747   7.688   1.00 19.69 ? 17  THR A CG2 1 
ATOM   36  N N   . ILE A 1 7   ? 7.034   5.600   9.793   1.00 23.46 ? 18  ILE A N   1 
ATOM   37  C CA  . ILE A 1 7   ? 5.707   5.924   10.284  1.00 23.48 ? 18  ILE A CA  1 
ATOM   38  C C   . ILE A 1 7   ? 4.851   4.672   10.172  1.00 20.69 ? 18  ILE A C   1 
ATOM   39  O O   . ILE A 1 7   ? 3.960   4.440   10.991  1.00 19.94 ? 18  ILE A O   1 
ATOM   40  C CB  . ILE A 1 7   ? 5.037   7.049   9.441   1.00 33.89 ? 18  ILE A CB  1 
ATOM   41  C CG1 . ILE A 1 7   ? 6.067   8.082   8.991   1.00 33.42 ? 18  ILE A CG1 1 
ATOM   42  C CG2 . ILE A 1 7   ? 3.966   7.768   10.278  1.00 40.75 ? 18  ILE A CG2 1 
ATOM   43  C CD1 . ILE A 1 7   ? 5.489   9.153   8.087   1.00 38.86 ? 18  ILE A CD1 1 
ATOM   44  N N   . PHE A 1 8   ? 5.095   3.885   9.124   1.00 19.02 ? 19  PHE A N   1 
ATOM   45  C CA  . PHE A 1 8   ? 4.346   2.638   8.911   1.00 17.64 ? 19  PHE A CA  1 
ATOM   46  C C   . PHE A 1 8   ? 4.592   1.599   10.004  1.00 16.43 ? 19  PHE A C   1 
ATOM   47  O O   . PHE A 1 8   ? 3.691   0.830   10.336  1.00 19.55 ? 19  PHE A O   1 
ATOM   48  C CB  . PHE A 1 8   ? 4.645   2.045   7.534   1.00 15.13 ? 19  PHE A CB  1 
ATOM   49  C CG  . PHE A 1 8   ? 4.114   2.867   6.402   1.00 18.60 ? 19  PHE A CG  1 
ATOM   50  C CD1 . PHE A 1 8   ? 3.204   3.895   6.639   1.00 21.53 ? 19  PHE A CD1 1 
ATOM   51  C CD2 . PHE A 1 8   ? 4.538   2.641   5.107   1.00 19.07 ? 19  PHE A CD2 1 
ATOM   52  C CE1 . PHE A 1 8   ? 2.727   4.687   5.598   1.00 20.58 ? 19  PHE A CE1 1 
ATOM   53  C CE2 . PHE A 1 8   ? 4.069   3.425   4.062   1.00 17.79 ? 19  PHE A CE2 1 
ATOM   54  C CZ  . PHE A 1 8   ? 3.165   4.448   4.306   1.00 16.67 ? 19  PHE A CZ  1 
ATOM   55  N N   . GLY A 1 9   ? 5.810   1.590   10.557  1.00 17.40 ? 20  GLY A N   1 
ATOM   56  C CA  . GLY A 1 9   ? 6.157   0.657   11.618  1.00 13.40 ? 20  GLY A CA  1 
ATOM   57  C C   . GLY A 1 9   ? 5.258   0.894   12.817  1.00 18.53 ? 20  GLY A C   1 
ATOM   58  O O   . GLY A 1 9   ? 4.745   -0.047  13.410  1.00 20.29 ? 20  GLY A O   1 
ATOM   59  N N   . LYS A 1 10  ? 5.007   2.165   13.120  1.00 17.24 ? 21  LYS A N   1 
ATOM   60  C CA  . LYS A 1 10  ? 4.160   2.532   14.246  1.00 19.22 ? 21  LYS A CA  1 
ATOM   61  C C   . LYS A 1 10  ? 2.728   2.085   14.047  1.00 16.38 ? 21  LYS A C   1 
ATOM   62  O O   . LYS A 1 10  ? 2.053   1.748   15.015  1.00 20.98 ? 21  LYS A O   1 
ATOM   63  C CB  . LYS A 1 10  ? 4.206   4.046   14.484  1.00 22.80 ? 21  LYS A CB  1 
ATOM   64  C CG  . LYS A 1 10  ? 5.619   4.619   14.609  1.00 26.14 ? 21  LYS A CG  1 
ATOM   65  C CD  . LYS A 1 10  ? 5.613   6.052   15.132  1.00 31.88 ? 21  LYS A CD  1 
ATOM   66  C CE  . LYS A 1 10  ? 5.188   6.083   16.600  1.00 34.91 ? 21  LYS A CE  1 
ATOM   67  N NZ  . LYS A 1 10  ? 5.079   7.462   17.155  1.00 41.52 ? 21  LYS A NZ  1 
ATOM   68  N N   . ILE A 1 11  ? 2.266   2.110   12.795  1.00 15.37 ? 22  ILE A N   1 
ATOM   69  C CA  . ILE A 1 11  ? 0.902   1.691   12.446  1.00 16.45 ? 22  ILE A CA  1 
ATOM   70  C C   . ILE A 1 11  ? 0.792   0.183   12.592  1.00 14.37 ? 22  ILE A C   1 
ATOM   71  O O   . ILE A 1 11  ? -0.194  -0.341  13.106  1.00 15.23 ? 22  ILE A O   1 
ATOM   72  C CB  . ILE A 1 11  ? 0.532   2.095   10.987  1.00 19.53 ? 22  ILE A CB  1 
ATOM   73  C CG1 . ILE A 1 11  ? 0.381   3.613   10.890  1.00 16.60 ? 22  ILE A CG1 1 
ATOM   74  C CG2 . ILE A 1 11  ? -0.756  1.407   10.552  1.00 14.26 ? 22  ILE A CG2 1 
ATOM   75  C CD1 . ILE A 1 11  ? 0.018   4.109   9.517   1.00 14.54 ? 22  ILE A CD1 1 
ATOM   76  N N   . ILE A 1 12  ? 1.838   -0.503  12.153  1.00 13.33 ? 23  ILE A N   1 
ATOM   77  C CA  . ILE A 1 12  ? 1.913   -1.949  12.233  1.00 16.48 ? 23  ILE A CA  1 
ATOM   78  C C   . ILE A 1 12  ? 1.871   -2.420  13.703  1.00 21.01 ? 23  ILE A C   1 
ATOM   79  O O   . ILE A 1 12  ? 1.120   -3.338  14.027  1.00 25.12 ? 23  ILE A O   1 
ATOM   80  C CB  . ILE A 1 12  ? 3.196   -2.471  11.505  1.00 19.51 ? 23  ILE A CB  1 
ATOM   81  C CG1 . ILE A 1 12  ? 3.076   -2.231  9.995   1.00 16.32 ? 23  ILE A CG1 1 
ATOM   82  C CG2 . ILE A 1 12  ? 3.424   -3.948  11.785  1.00 19.11 ? 23  ILE A CG2 1 
ATOM   83  C CD1 . ILE A 1 12  ? 4.356   -2.502  9.189   1.00 12.31 ? 23  ILE A CD1 1 
ATOM   84  N N   . ARG A 1 13  ? 2.678   -1.807  14.579  1.00 21.93 ? 24  ARG A N   1 
ATOM   85  C CA  . ARG A 1 13  ? 2.703   -2.175  16.009  1.00 22.42 ? 24  ARG A CA  1 
ATOM   86  C C   . ARG A 1 13  ? 1.546   -1.536  16.748  1.00 24.38 ? 24  ARG A C   1 
ATOM   87  O O   . ARG A 1 13  ? 1.496   -1.586  17.978  1.00 25.47 ? 24  ARG A O   1 
ATOM   88  C CB  . ARG A 1 13  ? 3.964   -1.690  16.707  1.00 16.42 ? 24  ARG A CB  1 
ATOM   89  C CG  . ARG A 1 13  ? 5.245   -2.162  16.149  1.00 15.28 ? 24  ARG A CG  1 
ATOM   90  C CD  . ARG A 1 13  ? 6.327   -1.288  16.744  1.00 15.01 ? 24  ARG A CD  1 
ATOM   91  N NE  . ARG A 1 13  ? 7.395   -1.043  15.801  1.00 21.97 ? 24  ARG A NE  1 
ATOM   92  C CZ  . ARG A 1 13  ? 7.825   0.156   15.450  1.00 23.39 ? 24  ARG A CZ  1 
ATOM   93  N NH1 . ARG A 1 13  ? 7.288   1.260   15.957  1.00 18.46 ? 24  ARG A NH1 1 
ATOM   94  N NH2 . ARG A 1 13  ? 8.832   0.240   14.610  1.00 30.16 ? 24  ARG A NH2 1 
ATOM   95  N N   . LYS A 1 14  ? 0.702   -0.838  15.996  1.00 27.61 ? 25  LYS A N   1 
ATOM   96  C CA  . LYS A 1 14  ? -0.474  -0.162  16.526  1.00 28.90 ? 25  LYS A CA  1 
ATOM   97  C C   . LYS A 1 14  ? -0.162  0.940   17.526  1.00 27.08 ? 25  LYS A C   1 
ATOM   98  O O   . LYS A 1 14  ? -1.015  1.300   18.335  1.00 31.43 ? 25  LYS A O   1 
ATOM   99  C CB  . LYS A 1 14  ? -1.476  -1.173  17.119  1.00 30.14 ? 25  LYS A CB  1 
ATOM   100 C CG  . LYS A 1 14  ? -2.089  -2.156  16.114  1.00 26.17 ? 25  LYS A CG  1 
ATOM   101 C CD  . LYS A 1 14  ? -1.529  -3.562  16.301  1.00 31.82 ? 25  LYS A CD  1 
ATOM   102 C CE  . LYS A 1 14  ? -1.998  -4.525  15.214  1.00 31.60 ? 25  LYS A CE  1 
ATOM   103 N NZ  . LYS A 1 14  ? -3.471  -4.523  15.030  1.00 34.75 ? 25  LYS A NZ  1 
ATOM   104 N N   . GLU A 1 15  ? 1.051   1.485   17.464  1.00 22.88 ? 26  GLU A N   1 
ATOM   105 C CA  . GLU A 1 15  ? 1.439   2.575   18.351  1.00 21.14 ? 26  GLU A CA  1 
ATOM   106 C C   . GLU A 1 15  ? 0.645   3.803   17.983  1.00 24.18 ? 26  GLU A C   1 
ATOM   107 O O   . GLU A 1 15  ? 0.489   4.707   18.794  1.00 31.16 ? 26  GLU A O   1 
ATOM   108 C CB  . GLU A 1 15  ? 2.932   2.852   18.258  1.00 24.98 ? 26  GLU A CB  1 
ATOM   109 C CG  . GLU A 1 15  ? 3.756   1.671   18.740  1.00 30.05 ? 26  GLU A CG  1 
ATOM   110 C CD  . GLU A 1 15  ? 5.246   1.862   18.564  1.00 32.83 ? 26  GLU A CD  1 
ATOM   111 O OE1 . GLU A 1 15  ? 5.682   2.921   18.060  1.00 36.29 ? 26  GLU A OE1 1 
ATOM   112 O OE2 . GLU A 1 15  ? 5.989   0.937   18.937  1.00 38.05 ? 26  GLU A OE2 1 
ATOM   113 N N   . ILE A 1 16  ? 0.217   3.864   16.723  1.00 26.57 ? 27  ILE A N   1 
ATOM   114 C CA  . ILE A 1 16  ? -0.626  4.943   16.231  1.00 24.94 ? 27  ILE A CA  1 
ATOM   115 C C   . ILE A 1 16  ? -1.701  4.287   15.378  1.00 28.40 ? 27  ILE A C   1 
ATOM   116 O O   . ILE A 1 16  ? -1.444  3.315   14.671  1.00 28.51 ? 27  ILE A O   1 
ATOM   117 C CB  . ILE A 1 16  ? 0.133   6.041   15.434  1.00 26.32 ? 27  ILE A CB  1 
ATOM   118 C CG1 . ILE A 1 16  ? 0.752   5.494   14.158  1.00 31.44 ? 27  ILE A CG1 1 
ATOM   119 C CG2 . ILE A 1 16  ? 1.197   6.677   16.301  1.00 30.65 ? 27  ILE A CG2 1 
ATOM   120 C CD1 . ILE A 1 16  ? 1.428   6.575   13.309  1.00 34.90 ? 27  ILE A CD1 1 
ATOM   121 N N   . PRO A 1 17  ? -2.952  4.732   15.541  1.00 30.28 ? 28  PRO A N   1 
ATOM   122 C CA  . PRO A 1 17  ? -4.081  4.189   14.788  1.00 27.20 ? 28  PRO A CA  1 
ATOM   123 C C   . PRO A 1 17  ? -4.202  4.681   13.338  1.00 21.18 ? 28  PRO A C   1 
ATOM   124 O O   . PRO A 1 17  ? -3.599  5.675   12.916  1.00 19.01 ? 28  PRO A O   1 
ATOM   125 C CB  . PRO A 1 17  ? -5.277  4.626   15.628  1.00 27.61 ? 28  PRO A CB  1 
ATOM   126 C CG  . PRO A 1 17  ? -4.842  5.949   16.101  1.00 32.14 ? 28  PRO A CG  1 
ATOM   127 C CD  . PRO A 1 17  ? -3.434  5.664   16.574  1.00 32.55 ? 28  PRO A CD  1 
ATOM   128 N N   . ALA A 1 18  ? -5.007  3.950   12.587  1.00 19.06 ? 29  ALA A N   1 
ATOM   129 C CA  . ALA A 1 18  ? -5.258  4.245   11.199  1.00 17.21 ? 29  ALA A CA  1 
ATOM   130 C C   . ALA A 1 18  ? -6.594  3.618   10.855  1.00 17.89 ? 29  ALA A C   1 
ATOM   131 O O   . ALA A 1 18  ? -7.118  2.752   11.571  1.00 19.98 ? 29  ALA A O   1 
ATOM   132 C CB  . ALA A 1 18  ? -4.156  3.649   10.326  1.00 10.93 ? 29  ALA A CB  1 
ATOM   133 N N   . LYS A 1 19  ? -7.156  4.082   9.754   1.00 18.83 ? 30  LYS A N   1 
ATOM   134 C CA  . LYS A 1 19  ? -8.419  3.575   9.281   1.00 17.94 ? 30  LYS A CA  1 
ATOM   135 C C   . LYS A 1 19  ? -8.078  2.242   8.616   1.00 16.29 ? 30  LYS A C   1 
ATOM   136 O O   . LYS A 1 19  ? -7.914  2.161   7.405   1.00 18.25 ? 30  LYS A O   1 
ATOM   137 C CB  . LYS A 1 19  ? -9.001  4.581   8.290   1.00 24.87 ? 30  LYS A CB  1 
ATOM   138 C CG  . LYS A 1 19  ? -8.944  6.028   8.808   1.00 29.62 ? 30  LYS A CG  1 
ATOM   139 C CD  . LYS A 1 19  ? -8.407  7.035   7.755   1.00 35.91 ? 30  LYS A CD  1 
ATOM   140 C CE  . LYS A 1 19  ? -7.118  6.570   7.023   1.00 38.31 ? 30  LYS A CE  1 
ATOM   141 N NZ  . LYS A 1 19  ? -5.849  6.314   7.796   1.00 19.54 ? 30  LYS A NZ  1 
ATOM   142 N N   . ILE A 1 20  ? -7.899  1.217   9.439   1.00 16.87 ? 31  ILE A N   1 
ATOM   143 C CA  . ILE A 1 20  ? -7.548  -0.110  8.960   1.00 14.28 ? 31  ILE A CA  1 
ATOM   144 C C   . ILE A 1 20  ? -8.722  -0.780  8.240   1.00 17.89 ? 31  ILE A C   1 
ATOM   145 O O   . ILE A 1 20  ? -9.843  -0.817  8.750   1.00 20.44 ? 31  ILE A O   1 
ATOM   146 C CB  . ILE A 1 20  ? -7.006  -0.968  10.134  1.00 14.39 ? 31  ILE A CB  1 
ATOM   147 C CG1 . ILE A 1 20  ? -5.603  -0.471  10.501  1.00 11.20 ? 31  ILE A CG1 1 
ATOM   148 C CG2 . ILE A 1 20  ? -7.041  -2.454  9.807   1.00 10.06 ? 31  ILE A CG2 1 
ATOM   149 C CD1 . ILE A 1 20  ? -4.936  -1.213  11.648  1.00 16.27 ? 31  ILE A CD1 1 
ATOM   150 N N   . ILE A 1 21  ? -8.453  -1.278  7.036   1.00 17.73 ? 32  ILE A N   1 
ATOM   151 C CA  . ILE A 1 21  ? -9.450  -1.933  6.195   1.00 20.57 ? 32  ILE A CA  1 
ATOM   152 C C   . ILE A 1 21  ? -9.346  -3.442  6.283   1.00 18.81 ? 32  ILE A C   1 
ATOM   153 O O   . ILE A 1 21  ? -10.344 -4.154  6.198   1.00 22.65 ? 32  ILE A O   1 
ATOM   154 C CB  . ILE A 1 21  ? -9.208  -1.591  4.691   1.00 22.14 ? 32  ILE A CB  1 
ATOM   155 C CG1 . ILE A 1 21  ? -9.534  -0.137  4.399   1.00 28.15 ? 32  ILE A CG1 1 
ATOM   156 C CG2 . ILE A 1 21  ? -10.033 -2.487  3.778   1.00 29.00 ? 32  ILE A CG2 1 
ATOM   157 C CD1 . ILE A 1 21  ? -9.181  0.239   2.974   1.00 29.27 ? 32  ILE A CD1 1 
ATOM   158 N N   . PHE A 1 22  ? -8.120  -3.918  6.431   1.00 15.54 ? 33  PHE A N   1 
ATOM   159 C CA  . PHE A 1 22  ? -7.854  -5.344  6.417   1.00 11.28 ? 33  PHE A CA  1 
ATOM   160 C C   . PHE A 1 22  ? -6.494  -5.597  7.027   1.00 10.25 ? 33  PHE A C   1 
ATOM   161 O O   . PHE A 1 22  ? -5.605  -4.760  6.942   1.00 15.34 ? 33  PHE A O   1 
ATOM   162 C CB  . PHE A 1 22  ? -7.842  -5.777  4.944   1.00 15.58 ? 33  PHE A CB  1 
ATOM   163 C CG  . PHE A 1 22  ? -7.457  -7.189  4.724   1.00 19.33 ? 33  PHE A CG  1 
ATOM   164 C CD1 . PHE A 1 22  ? -6.119  -7.536  4.539   1.00 21.08 ? 33  PHE A CD1 1 
ATOM   165 C CD2 . PHE A 1 22  ? -8.423  -8.182  4.680   1.00 24.69 ? 33  PHE A CD2 1 
ATOM   166 C CE1 . PHE A 1 22  ? -5.748  -8.857  4.313   1.00 23.33 ? 33  PHE A CE1 1 
ATOM   167 C CE2 . PHE A 1 22  ? -8.064  -9.503  4.454   1.00 30.82 ? 33  PHE A CE2 1 
ATOM   168 C CZ  . PHE A 1 22  ? -6.721  -9.844  4.269   1.00 23.66 ? 33  PHE A CZ  1 
ATOM   169 N N   . GLU A 1 23  ? -6.331  -6.780  7.602   1.00 10.69 ? 34  GLU A N   1 
ATOM   170 C CA  . GLU A 1 23  ? -5.074  -7.177  8.207   1.00 12.99 ? 34  GLU A CA  1 
ATOM   171 C C   . GLU A 1 23  ? -4.950  -8.680  8.305   1.00 14.82 ? 34  GLU A C   1 
ATOM   172 O O   . GLU A 1 23  ? -5.936  -9.369  8.543   1.00 13.69 ? 34  GLU A O   1 
ATOM   173 C CB  . GLU A 1 23  ? -4.944  -6.595  9.614   1.00 13.64 ? 34  GLU A CB  1 
ATOM   174 C CG  . GLU A 1 23  ? -3.719  -7.111  10.341  1.00 10.90 ? 34  GLU A CG  1 
ATOM   175 C CD  . GLU A 1 23  ? -3.510  -6.487  11.703  1.00 20.67 ? 34  GLU A CD  1 
ATOM   176 O OE1 . GLU A 1 23  ? -4.346  -5.659  12.154  1.00 20.44 ? 34  GLU A OE1 1 
ATOM   177 O OE2 . GLU A 1 23  ? -2.489  -6.832  12.327  1.00 17.57 ? 34  GLU A OE2 1 
ATOM   178 N N   . ASP A 1 24  ? -3.759  -9.196  8.024   1.00 14.05 ? 35  ASP A N   1 
ATOM   179 C CA  . ASP A 1 24  ? -3.507  -10.618 8.178   1.00 12.17 ? 35  ASP A CA  1 
ATOM   180 C C   . ASP A 1 24  ? -2.110  -10.735 8.691   1.00 13.71 ? 35  ASP A C   1 
ATOM   181 O O   . ASP A 1 24  ? -1.519  -9.756  9.119   1.00 16.08 ? 35  ASP A O   1 
ATOM   182 C CB  . ASP A 1 24  ? -3.726  -11.445 6.905   1.00 14.16 ? 35  ASP A CB  1 
ATOM   183 C CG  . ASP A 1 24  ? -2.868  -11.004 5.734   1.00 15.52 ? 35  ASP A CG  1 
ATOM   184 O OD1 . ASP A 1 24  ? -1.930  -10.201 5.888   1.00 17.72 ? 35  ASP A OD1 1 
ATOM   185 O OD2 . ASP A 1 24  ? -3.163  -11.476 4.628   1.00 15.13 ? 35  ASP A OD2 1 
ATOM   186 N N   . ASP A 1 25  ? -1.576  -11.932 8.676   1.00 14.23 ? 36  ASP A N   1 
ATOM   187 C CA  . ASP A 1 25  ? -0.238  -12.131 9.181   1.00 21.47 ? 36  ASP A CA  1 
ATOM   188 C C   . ASP A 1 25  ? 0.843   -11.498 8.314   1.00 20.55 ? 36  ASP A C   1 
ATOM   189 O O   . ASP A 1 25  ? 1.942   -11.227 8.787   1.00 27.96 ? 36  ASP A O   1 
ATOM   190 C CB  . ASP A 1 25  ? 0.026   -13.636 9.316   1.00 30.72 ? 36  ASP A CB  1 
ATOM   191 C CG  . ASP A 1 25  ? -0.065  -14.366 7.984   1.00 40.17 ? 36  ASP A CG  1 
ATOM   192 O OD1 . ASP A 1 25  ? -1.110  -14.240 7.297   1.00 49.41 ? 36  ASP A OD1 1 
ATOM   193 O OD2 . ASP A 1 25  ? 0.920   -15.054 7.616   1.00 46.79 ? 36  ASP A OD2 1 
ATOM   194 N N   . GLN A 1 26  ? 0.525   -11.240 7.050   1.00 16.84 ? 37  GLN A N   1 
ATOM   195 C CA  . GLN A 1 26  ? 1.513   -10.702 6.122   1.00 15.32 ? 37  GLN A CA  1 
ATOM   196 C C   . GLN A 1 26  ? 1.449   -9.230  5.790   1.00 18.17 ? 37  GLN A C   1 
ATOM   197 O O   . GLN A 1 26  ? 2.468   -8.639  5.435   1.00 21.53 ? 37  GLN A O   1 
ATOM   198 C CB  . GLN A 1 26  ? 1.430   -11.469 4.810   1.00 16.23 ? 37  GLN A CB  1 
ATOM   199 C CG  . GLN A 1 26  ? 1.569   -12.942 4.996   1.00 19.56 ? 37  GLN A CG  1 
ATOM   200 C CD  . GLN A 1 26  ? 1.540   -13.670 3.698   1.00 24.68 ? 37  GLN A CD  1 
ATOM   201 O OE1 . GLN A 1 26  ? 0.622   -14.442 3.430   1.00 30.43 ? 37  GLN A OE1 1 
ATOM   202 N NE2 . GLN A 1 26  ? 2.547   -13.426 2.862   1.00 30.84 ? 37  GLN A NE2 1 
ATOM   203 N N   . CYS A 1 27  ? 0.274   -8.626  5.930   1.00 11.26 ? 38  CYS A N   1 
ATOM   204 C CA  . CYS A 1 27  ? 0.131   -7.242  5.536   1.00 14.77 ? 38  CYS A CA  1 
ATOM   205 C C   . CYS A 1 27  ? -1.023  -6.576  6.230   1.00 12.82 ? 38  CYS A C   1 
ATOM   206 O O   . CYS A 1 27  ? -1.811  -7.228  6.908   1.00 11.04 ? 38  CYS A O   1 
ATOM   207 C CB  . CYS A 1 27  ? -0.084  -7.170  4.023   1.00 12.84 ? 38  CYS A CB  1 
ATOM   208 S SG  . CYS A 1 27  ? -1.664  -7.878  3.503   1.00 15.58 ? 38  CYS A SG  1 
ATOM   209 N N   . LEU A 1 28  ? -1.208  -5.309  5.874   1.00 14.91 ? 39  LEU A N   1 
ATOM   210 C CA  . LEU A 1 28  ? -2.213  -4.449  6.466   1.00 13.90 ? 39  LEU A CA  1 
ATOM   211 C C   . LEU A 1 28  ? -2.660  -3.416  5.425   1.00 14.10 ? 39  LEU A C   1 
ATOM   212 O O   . LEU A 1 28  ? -1.829  -2.883  4.706   1.00 16.23 ? 39  LEU A O   1 
ATOM   213 C CB  . LEU A 1 28  ? -1.521  -3.743  7.631   1.00 16.31 ? 39  LEU A CB  1 
ATOM   214 C CG  . LEU A 1 28  ? -2.218  -2.886  8.660   1.00 24.33 ? 39  LEU A CG  1 
ATOM   215 C CD1 . LEU A 1 28  ? -3.504  -3.537  9.116   1.00 26.42 ? 39  LEU A CD1 1 
ATOM   216 C CD2 . LEU A 1 28  ? -1.250  -2.729  9.825   1.00 24.91 ? 39  LEU A CD2 1 
ATOM   217 N N   . ALA A 1 29  ? -3.956  -3.121  5.355   1.00 8.70  ? 40  ALA A N   1 
ATOM   218 C CA  . ALA A 1 29  ? -4.447  -2.150  4.399   1.00 8.07  ? 40  ALA A CA  1 
ATOM   219 C C   . ALA A 1 29  ? -5.149  -1.051  5.165   1.00 9.26  ? 40  ALA A C   1 
ATOM   220 O O   . ALA A 1 29  ? -5.889  -1.339  6.081   1.00 10.55 ? 40  ALA A O   1 
ATOM   221 C CB  . ALA A 1 29  ? -5.403  -2.811  3.453   1.00 8.36  ? 40  ALA A CB  1 
ATOM   222 N N   . PHE A 1 30  ? -4.905  0.205   4.806   1.00 8.91  ? 41  PHE A N   1 
ATOM   223 C CA  . PHE A 1 30  ? -5.536  1.336   5.484   1.00 9.25  ? 41  PHE A CA  1 
ATOM   224 C C   . PHE A 1 30  ? -5.658  2.516   4.544   1.00 8.98  ? 41  PHE A C   1 
ATOM   225 O O   . PHE A 1 30  ? -4.873  2.635   3.612   1.00 11.03 ? 41  PHE A O   1 
ATOM   226 C CB  . PHE A 1 30  ? -4.731  1.756   6.719   1.00 8.09  ? 41  PHE A CB  1 
ATOM   227 C CG  . PHE A 1 30  ? -3.294  2.060   6.439   1.00 8.63  ? 41  PHE A CG  1 
ATOM   228 C CD1 . PHE A 1 30  ? -2.343  1.039   6.417   1.00 11.66 ? 41  PHE A CD1 1 
ATOM   229 C CD2 . PHE A 1 30  ? -2.871  3.354   6.253   1.00 10.37 ? 41  PHE A CD2 1 
ATOM   230 C CE1 . PHE A 1 30  ? -0.993  1.313   6.220   1.00 12.63 ? 41  PHE A CE1 1 
ATOM   231 C CE2 . PHE A 1 30  ? -1.514  3.637   6.054   1.00 13.25 ? 41  PHE A CE2 1 
ATOM   232 C CZ  . PHE A 1 30  ? -0.581  2.607   6.041   1.00 10.68 ? 41  PHE A CZ  1 
ATOM   233 N N   . HIS A 1 31  ? -6.627  3.397   4.799   1.00 11.52 ? 42  HIS A N   1 
ATOM   234 C CA  . HIS A 1 31  ? -6.839  4.573   3.943   1.00 11.65 ? 42  HIS A CA  1 
ATOM   235 C C   . HIS A 1 31  ? -5.730  5.582   4.019   1.00 14.99 ? 42  HIS A C   1 
ATOM   236 O O   . HIS A 1 31  ? -5.117  5.788   5.063   1.00 17.96 ? 42  HIS A O   1 
ATOM   237 C CB  . HIS A 1 31  ? -8.153  5.288   4.244   1.00 16.04 ? 42  HIS A CB  1 
ATOM   238 C CG  . HIS A 1 31  ? -9.361  4.474   3.932   1.00 15.21 ? 42  HIS A CG  1 
ATOM   239 N ND1 . HIS A 1 31  ? -10.061 3.782   4.896   1.00 17.72 ? 42  HIS A ND1 1 
ATOM   240 C CD2 . HIS A 1 31  ? -9.993  4.232   2.761   1.00 13.02 ? 42  HIS A CD2 1 
ATOM   241 C CE1 . HIS A 1 31  ? -11.073 3.148   4.334   1.00 14.70 ? 42  HIS A CE1 1 
ATOM   242 N NE2 . HIS A 1 31  ? -11.054 3.405   3.039   1.00 20.03 ? 42  HIS A NE2 1 
ATOM   243 N N   . ASP A 1 32  ? -5.502  6.231   2.890   1.00 14.91 ? 43  ASP A N   1 
ATOM   244 C CA  . ASP A 1 32  ? -4.469  7.228   2.776   1.00 13.99 ? 43  ASP A CA  1 
ATOM   245 C C   . ASP A 1 32  ? -4.909  8.507   3.497   1.00 16.84 ? 43  ASP A C   1 
ATOM   246 O O   . ASP A 1 32  ? -6.067  8.914   3.380   1.00 20.11 ? 43  ASP A O   1 
ATOM   247 C CB  . ASP A 1 32  ? -4.222  7.489   1.288   1.00 13.74 ? 43  ASP A CB  1 
ATOM   248 C CG  . ASP A 1 32  ? -2.911  8.208   1.033   1.00 20.15 ? 43  ASP A CG  1 
ATOM   249 O OD1 . ASP A 1 32  ? -2.896  9.446   1.087   1.00 17.31 ? 43  ASP A OD1 1 
ATOM   250 O OD2 . ASP A 1 32  ? -1.887  7.541   0.786   1.00 21.65 ? 43  ASP A OD2 1 
ATOM   251 N N   . ILE A 1 33  ? -3.992  9.119   4.248   1.00 19.85 ? 44  ILE A N   1 
ATOM   252 C CA  . ILE A 1 33  ? -4.245  10.379  4.982   1.00 26.90 ? 44  ILE A CA  1 
ATOM   253 C C   . ILE A 1 33  ? -4.449  11.611  4.045   1.00 21.10 ? 44  ILE A C   1 
ATOM   254 O O   . ILE A 1 33  ? -5.012  12.627  4.448   1.00 20.27 ? 44  ILE A O   1 
ATOM   255 C CB  . ILE A 1 33  ? -3.087  10.671  6.035   1.00 29.62 ? 44  ILE A CB  1 
ATOM   256 C CG1 . ILE A 1 33  ? -3.325  11.994  6.768   1.00 31.03 ? 44  ILE A CG1 1 
ATOM   257 C CG2 . ILE A 1 33  ? -1.715  10.768  5.347   1.00 30.20 ? 44  ILE A CG2 1 
ATOM   258 C CD1 . ILE A 1 33  ? -4.631  12.060  7.524   1.00 38.75 ? 44  ILE A CD1 1 
ATOM   259 N N   . SER A 1 34  ? -3.986  11.491  2.801   1.00 17.03 ? 45  SER A N   1 
ATOM   260 C CA  . SER A 1 34  ? -4.093  12.529  1.778   1.00 19.00 ? 45  SER A CA  1 
ATOM   261 C C   . SER A 1 34  ? -4.594  11.859  0.505   1.00 18.47 ? 45  SER A C   1 
ATOM   262 O O   . SER A 1 34  ? -3.851  11.752  -0.474  1.00 17.93 ? 45  SER A O   1 
ATOM   263 C CB  . SER A 1 34  ? -2.716  13.120  1.497   1.00 12.91 ? 45  SER A CB  1 
ATOM   264 O OG  . SER A 1 34  ? -2.070  13.401  2.716   1.00 26.54 ? 45  SER A OG  1 
ATOM   265 N N   . PRO A 1 35  ? -5.859  11.391  0.502   1.00 21.58 ? 46  PRO A N   1 
ATOM   266 C CA  . PRO A 1 35  ? -6.427  10.722  -0.673  1.00 18.37 ? 46  PRO A CA  1 
ATOM   267 C C   . PRO A 1 35  ? -6.362  11.561  -1.947  1.00 18.81 ? 46  PRO A C   1 
ATOM   268 O O   . PRO A 1 35  ? -6.591  12.779  -1.918  1.00 16.36 ? 46  PRO A O   1 
ATOM   269 C CB  . PRO A 1 35  ? -7.869  10.458  -0.242  1.00 15.41 ? 46  PRO A CB  1 
ATOM   270 C CG  . PRO A 1 35  ? -8.154  11.590  0.708   1.00 15.64 ? 46  PRO A CG  1 
ATOM   271 C CD  . PRO A 1 35  ? -6.898  11.608  1.529   1.00 17.16 ? 46  PRO A CD  1 
ATOM   272 N N   . GLN A 1 36  ? -6.075  10.904  -3.070  1.00 17.40 ? 47  GLN A N   1 
ATOM   273 C CA  . GLN A 1 36  ? -5.985  11.590  -4.359  1.00 16.13 ? 47  GLN A CA  1 
ATOM   274 C C   . GLN A 1 36  ? -7.154  11.206  -5.256  1.00 13.74 ? 47  GLN A C   1 
ATOM   275 O O   . GLN A 1 36  ? -7.249  11.636  -6.405  1.00 14.53 ? 47  GLN A O   1 
ATOM   276 C CB  . GLN A 1 36  ? -4.650  11.283  -5.039  1.00 18.12 ? 47  GLN A CB  1 
ATOM   277 C CG  . GLN A 1 36  ? -3.424  11.696  -4.226  1.00 17.25 ? 47  GLN A CG  1 
ATOM   278 C CD  . GLN A 1 36  ? -3.297  13.198  -4.056  1.00 18.43 ? 47  GLN A CD  1 
ATOM   279 O OE1 . GLN A 1 36  ? -3.453  13.960  -5.003  1.00 22.12 ? 47  GLN A OE1 1 
ATOM   280 N NE2 . GLN A 1 36  ? -2.996  13.626  -2.843  1.00 19.47 ? 47  GLN A NE2 1 
ATOM   281 N N   . ALA A 1 37  ? -8.062  10.418  -4.704  1.00 13.97 ? 48  ALA A N   1 
ATOM   282 C CA  . ALA A 1 37  ? -9.236  9.966   -5.431  1.00 12.14 ? 48  ALA A CA  1 
ATOM   283 C C   . ALA A 1 37  ? -10.272 9.621   -4.366  1.00 13.34 ? 48  ALA A C   1 
ATOM   284 O O   . ALA A 1 37  ? -9.921  9.436   -3.204  1.00 15.15 ? 48  ALA A O   1 
ATOM   285 C CB  . ALA A 1 37  ? -8.880  8.731   -6.275  1.00 8.75  ? 48  ALA A CB  1 
ATOM   286 N N   . PRO A 1 38  ? -11.561 9.554   -4.737  1.00 10.22 ? 49  PRO A N   1 
ATOM   287 C CA  . PRO A 1 38  ? -12.625 9.224   -3.785  1.00 9.91  ? 49  PRO A CA  1 
ATOM   288 C C   . PRO A 1 38  ? -12.230 8.063   -2.869  1.00 12.96 ? 49  PRO A C   1 
ATOM   289 O O   . PRO A 1 38  ? -12.491 8.109   -1.671  1.00 13.87 ? 49  PRO A O   1 
ATOM   290 C CB  . PRO A 1 38  ? -13.783 8.878   -4.700  1.00 13.49 ? 49  PRO A CB  1 
ATOM   291 C CG  . PRO A 1 38  ? -13.609 9.892   -5.779  1.00 13.51 ? 49  PRO A CG  1 
ATOM   292 C CD  . PRO A 1 38  ? -12.123 9.808   -6.069  1.00 6.21  ? 49  PRO A CD  1 
ATOM   293 N N   . THR A 1 39  ? -11.631 7.019   -3.438  1.00 13.88 ? 50  THR A N   1 
ATOM   294 C CA  . THR A 1 39  ? -11.132 5.892   -2.641  1.00 18.07 ? 50  THR A CA  1 
ATOM   295 C C   . THR A 1 39  ? -9.627  5.844   -2.899  1.00 14.49 ? 50  THR A C   1 
ATOM   296 O O   . THR A 1 39  ? -9.184  5.818   -4.040  1.00 14.80 ? 50  THR A O   1 
ATOM   297 C CB  . THR A 1 39  ? -11.761 4.521   -3.017  1.00 14.24 ? 50  THR A CB  1 
ATOM   298 O OG1 . THR A 1 39  ? -13.169 4.574   -2.809  1.00 15.78 ? 50  THR A OG1 1 
ATOM   299 C CG2 . THR A 1 39  ? -11.196 3.417   -2.142  1.00 9.86  ? 50  THR A CG2 1 
ATOM   300 N N   . HIS A 1 40  ? -8.853  5.873   -1.827  1.00 8.83  ? 51  HIS A N   1 
ATOM   301 C CA  . HIS A 1 40  ? -7.415  5.838   -1.930  1.00 10.30 ? 51  HIS A CA  1 
ATOM   302 C C   . HIS A 1 40  ? -6.858  5.231   -0.643  1.00 11.03 ? 51  HIS A C   1 
ATOM   303 O O   . HIS A 1 40  ? -6.888  5.857   0.421   1.00 13.28 ? 51  HIS A O   1 
ATOM   304 C CB  . HIS A 1 40  ? -6.868  7.259   -2.173  1.00 14.38 ? 51  HIS A CB  1 
ATOM   305 C CG  . HIS A 1 40  ? -5.379  7.317   -2.331  1.00 10.13 ? 51  HIS A CG  1 
ATOM   306 N ND1 . HIS A 1 40  ? -4.671  8.472   -2.581  1.00 9.04  ? 51  HIS A ND1 1 
ATOM   307 C CD2 . HIS A 1 40  ? -4.450  6.329   -2.260  1.00 6.28  ? 51  HIS A CD2 1 
ATOM   308 C CE1 . HIS A 1 40  ? -3.371  8.160   -2.654  1.00 7.70  ? 51  HIS A CE1 1 
ATOM   309 N NE2 . HIS A 1 40  ? -3.185  6.866   -2.465  1.00 10.46 ? 51  HIS A NE2 1 
ATOM   310 N N   . PHE A 1 41  ? -6.421  3.974   -0.743  1.00 14.51 ? 52  PHE A N   1 
ATOM   311 C CA  . PHE A 1 41  ? -5.851  3.249   0.387   1.00 10.72 ? 52  PHE A CA  1 
ATOM   312 C C   . PHE A 1 41  ? -4.487  2.628   0.057   1.00 13.27 ? 52  PHE A C   1 
ATOM   313 O O   . PHE A 1 41  ? -4.079  2.574   -1.109  1.00 7.74  ? 52  PHE A O   1 
ATOM   314 C CB  . PHE A 1 41  ? -6.835  2.195   0.943   1.00 9.60  ? 52  PHE A CB  1 
ATOM   315 C CG  . PHE A 1 41  ? -7.235  1.121   -0.040  1.00 9.58  ? 52  PHE A CG  1 
ATOM   316 C CD1 . PHE A 1 41  ? -8.294  1.319   -0.917  1.00 11.88 ? 52  PHE A CD1 1 
ATOM   317 C CD2 . PHE A 1 41  ? -6.559  -0.099  -0.076  1.00 10.96 ? 52  PHE A CD2 1 
ATOM   318 C CE1 . PHE A 1 41  ? -8.674  0.323   -1.817  1.00 11.21 ? 52  PHE A CE1 1 
ATOM   319 C CE2 . PHE A 1 41  ? -6.934  -1.103  -0.972  1.00 10.55 ? 52  PHE A CE2 1 
ATOM   320 C CZ  . PHE A 1 41  ? -7.994  -0.889  -1.844  1.00 10.07 ? 52  PHE A CZ  1 
ATOM   321 N N   . LEU A 1 42  ? -3.769  2.217   1.101   1.00 14.51 ? 53  LEU A N   1 
ATOM   322 C CA  . LEU A 1 42  ? -2.447  1.611   0.971   1.00 15.27 ? 53  LEU A CA  1 
ATOM   323 C C   . LEU A 1 42  ? -2.454  0.184   1.477   1.00 11.86 ? 53  LEU A C   1 
ATOM   324 O O   . LEU A 1 42  ? -3.233  -0.176  2.351   1.00 13.10 ? 53  LEU A O   1 
ATOM   325 C CB  . LEU A 1 42  ? -1.413  2.384   1.806   1.00 11.38 ? 53  LEU A CB  1 
ATOM   326 C CG  . LEU A 1 42  ? -1.278  3.888   1.598   1.00 13.09 ? 53  LEU A CG  1 
ATOM   327 C CD1 . LEU A 1 42  ? -0.376  4.445   2.665   1.00 12.59 ? 53  LEU A CD1 1 
ATOM   328 C CD2 . LEU A 1 42  ? -0.699  4.156   0.235   1.00 10.83 ? 53  LEU A CD2 1 
ATOM   329 N N   . VAL A 1 43  ? -1.603  -0.636  0.878   1.00 13.17 ? 54  VAL A N   1 
ATOM   330 C CA  . VAL A 1 43  ? -1.426  -2.018  1.318   1.00 9.91  ? 54  VAL A CA  1 
ATOM   331 C C   . VAL A 1 43  ? 0.074   -2.106  1.590   1.00 9.17  ? 54  VAL A C   1 
ATOM   332 O O   . VAL A 1 43  ? 0.894   -1.839  0.713   1.00 10.08 ? 54  VAL A O   1 
ATOM   333 C CB  . VAL A 1 43  ? -1.853  -3.061  0.260   1.00 7.81  ? 54  VAL A CB  1 
ATOM   334 C CG1 . VAL A 1 43  ? -1.809  -4.441  0.885   1.00 8.25  ? 54  VAL A CG1 1 
ATOM   335 C CG2 . VAL A 1 43  ? -3.271  -2.782  -0.231  1.00 8.14  ? 54  VAL A CG2 1 
ATOM   336 N N   . ILE A 1 44  ? 0.438   -2.405  2.826   1.00 7.82  ? 55  ILE A N   1 
ATOM   337 C CA  . ILE A 1 44  ? 1.842   -2.469  3.167   1.00 10.66 ? 55  ILE A CA  1 
ATOM   338 C C   . ILE A 1 44  ? 2.190   -3.796  3.795   1.00 11.85 ? 55  ILE A C   1 
ATOM   339 O O   . ILE A 1 44  ? 1.348   -4.452  4.420   1.00 10.72 ? 55  ILE A O   1 
ATOM   340 C CB  . ILE A 1 44  ? 2.249   -1.313  4.142   1.00 11.25 ? 55  ILE A CB  1 
ATOM   341 C CG1 . ILE A 1 44  ? 1.574   -1.479  5.507   1.00 10.11 ? 55  ILE A CG1 1 
ATOM   342 C CG2 . ILE A 1 44  ? 1.805   0.046   3.577   1.00 11.68 ? 55  ILE A CG2 1 
ATOM   343 C CD1 . ILE A 1 44  ? 2.070   -0.504  6.545   1.00 14.34 ? 55  ILE A CD1 1 
ATOM   344 N N   . PRO A 1 45  ? 3.420   -4.263  3.567   1.00 14.84 ? 56  PRO A N   1 
ATOM   345 C CA  . PRO A 1 45  ? 3.824   -5.539  4.164   1.00 13.51 ? 56  PRO A CA  1 
ATOM   346 C C   . PRO A 1 45  ? 4.181   -5.298  5.643   1.00 12.42 ? 56  PRO A C   1 
ATOM   347 O O   . PRO A 1 45  ? 4.559   -4.178  6.019   1.00 9.33  ? 56  PRO A O   1 
ATOM   348 C CB  . PRO A 1 45  ? 5.061   -5.915  3.336   1.00 10.07 ? 56  PRO A CB  1 
ATOM   349 C CG  . PRO A 1 45  ? 5.678   -4.579  3.026   1.00 8.87  ? 56  PRO A CG  1 
ATOM   350 C CD  . PRO A 1 45  ? 4.461   -3.730  2.668   1.00 9.38  ? 56  PRO A CD  1 
ATOM   351 N N   . LYS A 1 46  ? 3.999   -6.306  6.491   1.00 11.27 ? 57  LYS A N   1 
ATOM   352 C CA  . LYS A 1 46  ? 4.381   -6.162  7.907   1.00 11.73 ? 57  LYS A CA  1 
ATOM   353 C C   . LYS A 1 46  ? 5.900   -6.285  8.020   1.00 12.70 ? 57  LYS A C   1 
ATOM   354 O O   . LYS A 1 46  ? 6.516   -5.725  8.922   1.00 16.03 ? 57  LYS A O   1 
ATOM   355 C CB  . LYS A 1 46  ? 3.692   -7.198  8.801   1.00 13.20 ? 57  LYS A CB  1 
ATOM   356 C CG  . LYS A 1 46  ? 2.265   -6.835  9.186   1.00 9.04  ? 57  LYS A CG  1 
ATOM   357 C CD  . LYS A 1 46  ? 1.635   -7.862  10.139  1.00 9.60  ? 57  LYS A CD  1 
ATOM   358 C CE  . LYS A 1 46  ? 0.233   -7.425  10.523  1.00 10.51 ? 57  LYS A CE  1 
ATOM   359 N NZ  . LYS A 1 46  ? -0.527  -8.459  11.251  1.00 15.10 ? 57  LYS A NZ  1 
ATOM   360 N N   . LYS A 1 47  ? 6.498   -7.039  7.096   1.00 18.04 ? 58  LYS A N   1 
ATOM   361 C CA  . LYS A 1 47  ? 7.948   -7.207  7.026   1.00 17.64 ? 58  LYS A CA  1 
ATOM   362 C C   . LYS A 1 47  ? 8.553   -5.894  6.502   1.00 22.13 ? 58  LYS A C   1 
ATOM   363 O O   . LYS A 1 47  ? 8.060   -5.296  5.531   1.00 21.10 ? 58  LYS A O   1 
ATOM   364 C CB  . LYS A 1 47  ? 8.300   -8.336  6.052   1.00 16.53 ? 58  LYS A CB  1 
ATOM   365 C CG  . LYS A 1 47  ? 9.788   -8.593  5.911   1.00 22.54 ? 58  LYS A CG  1 
ATOM   366 C CD  . LYS A 1 47  ? 10.100  -9.478  4.725   1.00 26.68 ? 58  LYS A CD  1 
ATOM   367 C CE  . LYS A 1 47  ? 11.591  -9.749  4.627   1.00 27.75 ? 58  LYS A CE  1 
ATOM   368 N NZ  . LYS A 1 47  ? 11.916  -10.432 3.357   1.00 29.50 ? 58  LYS A NZ  1 
ATOM   369 N N   . HIS A 1 48  ? 9.626   -5.434  7.123   1.00 19.33 ? 59  HIS A N   1 
ATOM   370 C CA  . HIS A 1 48  ? 10.197  -4.209  6.635   1.00 20.87 ? 59  HIS A CA  1 
ATOM   371 C C   . HIS A 1 48  ? 11.053  -4.363  5.382   1.00 19.46 ? 59  HIS A C   1 
ATOM   372 O O   . HIS A 1 48  ? 12.126  -4.946  5.432   1.00 25.28 ? 59  HIS A O   1 
ATOM   373 C CB  . HIS A 1 48  ? 10.996  -3.494  7.716   1.00 23.29 ? 59  HIS A CB  1 
ATOM   374 C CG  . HIS A 1 48  ? 11.390  -2.102  7.336   1.00 27.85 ? 59  HIS A CG  1 
ATOM   375 N ND1 . HIS A 1 48  ? 12.428  -1.428  7.941   1.00 35.96 ? 59  HIS A ND1 1 
ATOM   376 C CD2 . HIS A 1 48  ? 10.879  -1.252  6.416   1.00 31.27 ? 59  HIS A CD2 1 
ATOM   377 C CE1 . HIS A 1 48  ? 12.537  -0.222  7.412   1.00 35.16 ? 59  HIS A CE1 1 
ATOM   378 N NE2 . HIS A 1 48  ? 11.610  -0.091  6.482   1.00 32.13 ? 59  HIS A NE2 1 
ATOM   379 N N   . ILE A 1 49  ? 10.517  -3.923  4.249   1.00 18.77 ? 60  ILE A N   1 
ATOM   380 C CA  . ILE A 1 49  ? 11.253  -3.901  2.988   1.00 15.42 ? 60  ILE A CA  1 
ATOM   381 C C   . ILE A 1 49  ? 11.201  -2.397  2.708   1.00 13.91 ? 60  ILE A C   1 
ATOM   382 O O   . ILE A 1 49  ? 10.118  -1.823  2.623   1.00 9.64  ? 60  ILE A O   1 
ATOM   383 C CB  . ILE A 1 49  ? 10.561  -4.709  1.869   1.00 12.75 ? 60  ILE A CB  1 
ATOM   384 C CG1 . ILE A 1 49  ? 10.332  -6.143  2.326   1.00 12.50 ? 60  ILE A CG1 1 
ATOM   385 C CG2 . ILE A 1 49  ? 11.456  -4.765  0.635   1.00 7.68  ? 60  ILE A CG2 1 
ATOM   386 C CD1 . ILE A 1 49  ? 9.547   -6.974  1.333   1.00 14.22 ? 60  ILE A CD1 1 
ATOM   387 N N   . SER A 1 50  ? 12.363  -1.749  2.673   1.00 15.77 ? 61  SER A N   1 
ATOM   388 C CA  . SER A 1 50  ? 12.459  -0.299  2.491   1.00 15.04 ? 61  SER A CA  1 
ATOM   389 C C   . SER A 1 50  ? 12.011  0.220   1.138   1.00 14.35 ? 61  SER A C   1 
ATOM   390 O O   . SER A 1 50  ? 11.534  1.348   1.009   1.00 18.04 ? 61  SER A O   1 
ATOM   391 C CB  . SER A 1 50  ? 13.888  0.167   2.763   1.00 13.35 ? 61  SER A CB  1 
ATOM   392 O OG  . SER A 1 50  ? 14.759  -0.376  1.805   1.00 21.51 ? 61  SER A OG  1 
ATOM   393 N N   . GLN A 1 51  ? 12.220  -0.584  0.116   1.00 13.61 ? 62  GLN A N   1 
ATOM   394 C CA  . GLN A 1 51  ? 11.815  -0.203  -1.221  1.00 15.04 ? 62  GLN A CA  1 
ATOM   395 C C   . GLN A 1 51  ? 11.831  -1.421  -2.112  1.00 16.76 ? 62  GLN A C   1 
ATOM   396 O O   . GLN A 1 51  ? 12.418  -2.444  -1.769  1.00 19.66 ? 62  GLN A O   1 
ATOM   397 C CB  . GLN A 1 51  ? 12.711  0.900   -1.749  1.00 16.84 ? 62  GLN A CB  1 
ATOM   398 C CG  . GLN A 1 51  ? 14.155  0.649   -1.530  1.00 24.95 ? 62  GLN A CG  1 
ATOM   399 C CD  . GLN A 1 51  ? 14.921  1.939   -1.449  1.00 33.72 ? 62  GLN A CD  1 
ATOM   400 O OE1 . GLN A 1 51  ? 15.030  2.682   -2.425  1.00 31.17 ? 62  GLN A OE1 1 
ATOM   401 N NE2 . GLN A 1 51  ? 15.428  2.238   -0.267  1.00 42.35 ? 62  GLN A NE2 1 
ATOM   402 N N   . ILE A 1 52  ? 11.123  -1.322  -3.228  1.00 16.21 ? 63  ILE A N   1 
ATOM   403 C CA  . ILE A 1 52  ? 11.002  -2.411  -4.174  1.00 17.04 ? 63  ILE A CA  1 
ATOM   404 C C   . ILE A 1 52  ? 12.356  -2.841  -4.757  1.00 19.02 ? 63  ILE A C   1 
ATOM   405 O O   . ILE A 1 52  ? 12.616  -4.037  -4.903  1.00 19.43 ? 63  ILE A O   1 
ATOM   406 C CB  . ILE A 1 52  ? 9.949   -2.053  -5.267  1.00 22.28 ? 63  ILE A CB  1 
ATOM   407 C CG1 . ILE A 1 52  ? 9.414   -3.314  -5.931  1.00 28.08 ? 63  ILE A CG1 1 
ATOM   408 C CG2 . ILE A 1 52  ? 10.510  -1.091  -6.272  1.00 26.29 ? 63  ILE A CG2 1 
ATOM   409 C CD1 . ILE A 1 52  ? 8.499   -4.085  -5.031  1.00 34.78 ? 63  ILE A CD1 1 
ATOM   410 N N   . SER A 1 53  ? 13.251  -1.884  -4.999  1.00 17.31 ? 64  SER A N   1 
ATOM   411 C CA  . SER A 1 53  ? 14.572  -2.218  -5.525  1.00 17.89 ? 64  SER A CA  1 
ATOM   412 C C   . SER A 1 53  ? 15.389  -3.039  -4.520  1.00 15.93 ? 64  SER A C   1 
ATOM   413 O O   . SER A 1 53  ? 16.428  -3.580  -4.869  1.00 20.20 ? 64  SER A O   1 
ATOM   414 C CB  . SER A 1 53  ? 15.357  -0.960  -5.923  1.00 13.87 ? 64  SER A CB  1 
ATOM   415 O OG  . SER A 1 53  ? 15.787  -0.223  -4.783  1.00 19.94 ? 64  SER A OG  1 
ATOM   416 N N   . ALA A 1 54  ? 14.916  -3.126  -3.279  1.00 18.11 ? 65  ALA A N   1 
ATOM   417 C CA  . ALA A 1 54  ? 15.597  -3.880  -2.228  1.00 16.53 ? 65  ALA A CA  1 
ATOM   418 C C   . ALA A 1 54  ? 14.920  -5.219  -1.889  1.00 17.73 ? 65  ALA A C   1 
ATOM   419 O O   . ALA A 1 54  ? 15.346  -5.920  -0.973  1.00 23.96 ? 65  ALA A O   1 
ATOM   420 C CB  . ALA A 1 54  ? 15.727  -3.020  -0.966  1.00 13.43 ? 65  ALA A CB  1 
ATOM   421 N N   . ALA A 1 55  ? 13.846  -5.550  -2.598  1.00 13.58 ? 66  ALA A N   1 
ATOM   422 C CA  . ALA A 1 55  ? 13.140  -6.796  -2.364  1.00 10.11 ? 66  ALA A CA  1 
ATOM   423 C C   . ALA A 1 55  ? 13.997  -7.929  -2.908  1.00 14.30 ? 66  ALA A C   1 
ATOM   424 O O   . ALA A 1 55  ? 14.720  -7.755  -3.885  1.00 15.84 ? 66  ALA A O   1 
ATOM   425 C CB  . ALA A 1 55  ? 11.805  -6.777  -3.073  1.00 6.48  ? 66  ALA A CB  1 
ATOM   426 N N   . GLU A 1 56  ? 13.966  -9.068  -2.226  1.00 16.01 ? 67  GLU A N   1 
ATOM   427 C CA  . GLU A 1 56  ? 14.711  -10.241 -2.652  1.00 16.03 ? 67  GLU A CA  1 
ATOM   428 C C   . GLU A 1 56  ? 13.766  -11.099 -3.463  1.00 17.20 ? 67  GLU A C   1 
ATOM   429 O O   . GLU A 1 56  ? 12.546  -10.911 -3.425  1.00 14.74 ? 67  GLU A O   1 
ATOM   430 C CB  . GLU A 1 56  ? 15.161  -11.067 -1.455  1.00 24.10 ? 67  GLU A CB  1 
ATOM   431 C CG  . GLU A 1 56  ? 16.016  -10.350 -0.430  1.00 27.77 ? 67  GLU A CG  1 
ATOM   432 C CD  . GLU A 1 56  ? 16.307  -11.219 0.810   1.00 40.11 ? 67  GLU A CD  1 
ATOM   433 O OE1 . GLU A 1 56  ? 15.875  -12.412 0.860   1.00 37.18 ? 67  GLU A OE1 1 
ATOM   434 O OE2 . GLU A 1 56  ? 16.982  -10.699 1.738   1.00 43.24 ? 67  GLU A OE2 1 
ATOM   435 N N   . ASP A 1 57  ? 14.329  -12.075 -4.161  1.00 17.39 ? 68  ASP A N   1 
ATOM   436 C CA  . ASP A 1 57  ? 13.533  -12.995 -4.971  1.00 19.48 ? 68  ASP A CA  1 
ATOM   437 C C   . ASP A 1 57  ? 12.541  -13.766 -4.097  1.00 19.13 ? 68  ASP A C   1 
ATOM   438 O O   . ASP A 1 57  ? 11.445  -14.107 -4.540  1.00 23.71 ? 68  ASP A O   1 
ATOM   439 C CB  . ASP A 1 57  ? 14.446  -13.987 -5.710  1.00 21.64 ? 68  ASP A CB  1 
ATOM   440 C CG  . ASP A 1 57  ? 15.365  -13.308 -6.721  1.00 26.29 ? 68  ASP A CG  1 
ATOM   441 O OD1 . ASP A 1 57  ? 15.021  -12.206 -7.218  1.00 29.52 ? 68  ASP A OD1 1 
ATOM   442 O OD2 . ASP A 1 57  ? 16.440  -13.883 -7.009  1.00 26.93 ? 68  ASP A OD2 1 
ATOM   443 N N   . ALA A 1 58  ? 12.948  -14.038 -2.858  1.00 14.68 ? 69  ALA A N   1 
ATOM   444 C CA  . ALA A 1 58  ? 12.115  -14.750 -1.897  1.00 14.39 ? 69  ALA A CA  1 
ATOM   445 C C   . ALA A 1 58  ? 10.890  -13.929 -1.541  1.00 13.80 ? 69  ALA A C   1 
ATOM   446 O O   . ALA A 1 58  ? 9.920   -14.463 -1.024  1.00 16.24 ? 69  ALA A O   1 
ATOM   447 C CB  . ALA A 1 58  ? 12.903  -15.058 -0.640  1.00 17.82 ? 69  ALA A CB  1 
ATOM   448 N N   . ASP A 1 59  ? 10.947  -12.628 -1.809  1.00 14.55 ? 70  ASP A N   1 
ATOM   449 C CA  . ASP A 1 59  ? 9.840   -11.730 -1.519  1.00 11.74 ? 70  ASP A CA  1 
ATOM   450 C C   . ASP A 1 59  ? 8.718   -11.707 -2.548  1.00 13.13 ? 70  ASP A C   1 
ATOM   451 O O   . ASP A 1 59  ? 7.720   -11.005 -2.347  1.00 15.65 ? 70  ASP A O   1 
ATOM   452 C CB  . ASP A 1 59  ? 10.357  -10.319 -1.296  1.00 10.50 ? 70  ASP A CB  1 
ATOM   453 C CG  . ASP A 1 59  ? 11.076  -10.176 0.011   1.00 15.75 ? 70  ASP A CG  1 
ATOM   454 O OD1 . ASP A 1 59  ? 10.756  -10.931 0.950   1.00 17.88 ? 70  ASP A OD1 1 
ATOM   455 O OD2 . ASP A 1 59  ? 11.955  -9.301  0.115   1.00 20.59 ? 70  ASP A OD2 1 
ATOM   456 N N   . GLU A 1 60  ? 8.856   -12.494 -3.616  1.00 13.55 ? 71  GLU A N   1 
ATOM   457 C CA  . GLU A 1 60  ? 7.853   -12.563 -4.685  1.00 15.54 ? 71  GLU A CA  1 
ATOM   458 C C   . GLU A 1 60  ? 6.399   -12.766 -4.261  1.00 15.66 ? 71  GLU A C   1 
ATOM   459 O O   . GLU A 1 60  ? 5.526   -11.995 -4.657  1.00 14.90 ? 71  GLU A O   1 
ATOM   460 C CB  . GLU A 1 60  ? 8.216   -13.675 -5.662  1.00 19.89 ? 71  GLU A CB  1 
ATOM   461 C CG  . GLU A 1 60  ? 8.896   -13.184 -6.894  1.00 24.64 ? 71  GLU A CG  1 
ATOM   462 C CD  . GLU A 1 60  ? 9.347   -14.307 -7.790  1.00 19.54 ? 71  GLU A CD  1 
ATOM   463 O OE1 . GLU A 1 60  ? 8.668   -15.361 -7.824  1.00 20.03 ? 71  GLU A OE1 1 
ATOM   464 O OE2 . GLU A 1 60  ? 10.393  -14.123 -8.450  1.00 26.61 ? 71  GLU A OE2 1 
ATOM   465 N N   . SER A 1 61  ? 6.143   -13.851 -3.525  1.00 12.97 ? 72  SER A N   1 
ATOM   466 C CA  . SER A 1 61  ? 4.801   -14.188 -3.035  1.00 13.36 ? 72  SER A CA  1 
ATOM   467 C C   . SER A 1 61  ? 4.198   -13.080 -2.208  1.00 13.16 ? 72  SER A C   1 
ATOM   468 O O   . SER A 1 61  ? 3.013   -12.784 -2.332  1.00 13.80 ? 72  SER A O   1 
ATOM   469 C CB  . SER A 1 61  ? 4.841   -15.448 -2.180  1.00 16.16 ? 72  SER A CB  1 
ATOM   470 O OG  . SER A 1 61  ? 4.883   -16.590 -2.999  1.00 31.10 ? 72  SER A OG  1 
ATOM   471 N N   . LEU A 1 62  ? 5.006   -12.528 -1.309  1.00 13.99 ? 73  LEU A N   1 
ATOM   472 C CA  . LEU A 1 62  ? 4.576   -11.438 -0.442  1.00 15.46 ? 73  LEU A CA  1 
ATOM   473 C C   . LEU A 1 62  ? 4.197   -10.194 -1.260  1.00 15.66 ? 73  LEU A C   1 
ATOM   474 O O   . LEU A 1 62  ? 3.191   -9.542  -0.969  1.00 14.70 ? 73  LEU A O   1 
ATOM   475 C CB  . LEU A 1 62  ? 5.672   -11.104 0.576   1.00 8.63  ? 73  LEU A CB  1 
ATOM   476 C CG  . LEU A 1 62  ? 5.459   -9.877  1.470   1.00 11.09 ? 73  LEU A CG  1 
ATOM   477 C CD1 . LEU A 1 62  ? 4.095   -9.917  2.217   1.00 10.90 ? 73  LEU A CD1 1 
ATOM   478 C CD2 . LEU A 1 62  ? 6.635   -9.798  2.432   1.00 10.84 ? 73  LEU A CD2 1 
ATOM   479 N N   . LEU A 1 63  ? 4.999   -9.879  -2.279  1.00 13.75 ? 74  LEU A N   1 
ATOM   480 C CA  . LEU A 1 63  ? 4.731   -8.732  -3.135  1.00 12.75 ? 74  LEU A CA  1 
ATOM   481 C C   . LEU A 1 63  ? 3.469   -9.027  -3.919  1.00 11.73 ? 74  LEU A C   1 
ATOM   482 O O   . LEU A 1 63  ? 2.637   -8.147  -4.119  1.00 14.66 ? 74  LEU A O   1 
ATOM   483 C CB  . LEU A 1 63  ? 5.909   -8.452  -4.090  1.00 14.93 ? 74  LEU A CB  1 
ATOM   484 C CG  . LEU A 1 63  ? 7.216   -7.934  -3.462  1.00 13.43 ? 74  LEU A CG  1 
ATOM   485 C CD1 . LEU A 1 63  ? 8.277   -7.752  -4.513  1.00 13.48 ? 74  LEU A CD1 1 
ATOM   486 C CD2 . LEU A 1 63  ? 6.981   -6.626  -2.741  1.00 12.68 ? 74  LEU A CD2 1 
ATOM   487 N N   . GLY A 1 64  ? 3.308   -10.275 -4.338  1.00 13.14 ? 75  GLY A N   1 
ATOM   488 C CA  . GLY A 1 64  ? 2.115   -10.654 -5.067  1.00 12.74 ? 75  GLY A CA  1 
ATOM   489 C C   . GLY A 1 64  ? 0.900   -10.630 -4.157  1.00 16.23 ? 75  GLY A C   1 
ATOM   490 O O   . GLY A 1 64  ? -0.224  -10.378 -4.607  1.00 12.16 ? 75  GLY A O   1 
ATOM   491 N N   . HIS A 1 65  ? 1.123   -10.895 -2.869  1.00 15.29 ? 76  HIS A N   1 
ATOM   492 C CA  . HIS A 1 65  ? 0.051   -10.887 -1.875  1.00 11.33 ? 76  HIS A CA  1 
ATOM   493 C C   . HIS A 1 65  ? -0.580  -9.485  -1.693  1.00 12.05 ? 76  HIS A C   1 
ATOM   494 O O   . HIS A 1 65  ? -1.776  -9.372  -1.494  1.00 8.90  ? 76  HIS A O   1 
ATOM   495 C CB  . HIS A 1 65  ? 0.562   -11.431 -0.533  1.00 5.28  ? 76  HIS A CB  1 
ATOM   496 C CG  . HIS A 1 65  ? -0.536  -11.752 0.433   1.00 5.17  ? 76  HIS A CG  1 
ATOM   497 N ND1 . HIS A 1 65  ? -0.712  -11.067 1.617   1.00 9.02  ? 76  HIS A ND1 1 
ATOM   498 C CD2 . HIS A 1 65  ? -1.558  -12.638 0.359   1.00 2.95  ? 76  HIS A CD2 1 
ATOM   499 C CE1 . HIS A 1 65  ? -1.797  -11.514 2.224   1.00 7.28  ? 76  HIS A CE1 1 
ATOM   500 N NE2 . HIS A 1 65  ? -2.330  -12.466 1.479   1.00 8.76  ? 76  HIS A NE2 1 
ATOM   501 N N   . LEU A 1 66  ? 0.234   -8.434  -1.787  1.00 12.72 ? 77  LEU A N   1 
ATOM   502 C CA  . LEU A 1 66  ? -0.231  -7.055  -1.639  1.00 11.19 ? 77  LEU A CA  1 
ATOM   503 C C   . LEU A 1 66  ? -1.216  -6.693  -2.733  1.00 10.96 ? 77  LEU A C   1 
ATOM   504 O O   . LEU A 1 66  ? -2.180  -5.981  -2.478  1.00 14.66 ? 77  LEU A O   1 
ATOM   505 C CB  . LEU A 1 66  ? 0.940   -6.055  -1.677  1.00 9.01  ? 77  LEU A CB  1 
ATOM   506 C CG  . LEU A 1 66  ? 2.093   -6.260  -0.685  1.00 12.30 ? 77  LEU A CG  1 
ATOM   507 C CD1 . LEU A 1 66  ? 3.194   -5.287  -0.980  1.00 8.89  ? 77  LEU A CD1 1 
ATOM   508 C CD2 . LEU A 1 66  ? 1.614   -6.116  0.744   1.00 9.87  ? 77  LEU A CD2 1 
ATOM   509 N N   . MET A 1 67  ? -0.953  -7.145  -3.959  1.00 11.92 ? 78  MET A N   1 
ATOM   510 C CA  . MET A 1 67  ? -1.846  -6.857  -5.089  1.00 12.92 ? 78  MET A CA  1 
ATOM   511 C C   . MET A 1 67  ? -3.157  -7.625  -4.967  1.00 10.78 ? 78  MET A C   1 
ATOM   512 O O   . MET A 1 67  ? -4.207  -7.090  -5.311  1.00 11.48 ? 78  MET A O   1 
ATOM   513 C CB  . MET A 1 67  ? -1.172  -7.198  -6.418  1.00 18.82 ? 78  MET A CB  1 
ATOM   514 C CG  . MET A 1 67  ? 0.018   -6.327  -6.745  1.00 24.22 ? 78  MET A CG  1 
ATOM   515 S SD  . MET A 1 67  ? 0.804   -6.879  -8.261  1.00 27.89 ? 78  MET A SD  1 
ATOM   516 C CE  . MET A 1 67  ? -0.178  -6.083  -9.418  1.00 27.17 ? 78  MET A CE  1 
ATOM   517 N N   . ILE A 1 68  ? -3.088  -8.859  -4.452  1.00 13.23 ? 79  ILE A N   1 
ATOM   518 C CA  . ILE A 1 68  ? -4.269  -9.720  -4.253  1.00 15.15 ? 79  ILE A CA  1 
ATOM   519 C C   . ILE A 1 68  ? -5.168  -9.135  -3.159  1.00 13.60 ? 79  ILE A C   1 
ATOM   520 O O   . ILE A 1 68  ? -6.391  -9.128  -3.292  1.00 12.19 ? 79  ILE A O   1 
ATOM   521 C CB  . ILE A 1 68  ? -3.874  -11.185 -3.858  1.00 14.37 ? 79  ILE A CB  1 
ATOM   522 C CG1 . ILE A 1 68  ? -3.224  -11.913 -5.047  1.00 15.15 ? 79  ILE A CG1 1 
ATOM   523 C CG2 . ILE A 1 68  ? -5.089  -11.946 -3.318  1.00 10.37 ? 79  ILE A CG2 1 
ATOM   524 C CD1 . ILE A 1 68  ? -4.138  -12.162 -6.253  1.00 14.86 ? 79  ILE A CD1 1 
ATOM   525 N N   . VAL A 1 69  ? -4.550  -8.670  -2.074  1.00 16.42 ? 80  VAL A N   1 
ATOM   526 C CA  . VAL A 1 69  ? -5.276  -8.050  -0.964  1.00 16.09 ? 80  VAL A CA  1 
ATOM   527 C C   . VAL A 1 69  ? -5.835  -6.705  -1.450  1.00 14.70 ? 80  VAL A C   1 
ATOM   528 O O   . VAL A 1 69  ? -6.965  -6.344  -1.137  1.00 16.42 ? 80  VAL A O   1 
ATOM   529 C CB  . VAL A 1 69  ? -4.352  -7.866  0.273   1.00 17.02 ? 80  VAL A CB  1 
ATOM   530 C CG1 . VAL A 1 69  ? -5.006  -6.942  1.322   1.00 14.72 ? 80  VAL A CG1 1 
ATOM   531 C CG2 . VAL A 1 69  ? -4.034  -9.222  0.884   1.00 13.83 ? 80  VAL A CG2 1 
ATOM   532 N N   . GLY A 1 70  ? -5.053  -5.998  -2.261  1.00 13.96 ? 81  GLY A N   1 
ATOM   533 C CA  . GLY A 1 70  ? -5.494  -4.735  -2.814  1.00 8.81  ? 81  GLY A CA  1 
ATOM   534 C C   . GLY A 1 70  ? -6.723  -4.944  -3.684  1.00 9.20  ? 81  GLY A C   1 
ATOM   535 O O   . GLY A 1 70  ? -7.699  -4.207  -3.556  1.00 11.59 ? 81  GLY A O   1 
ATOM   536 N N   . LYS A 1 71  ? -6.720  -5.960  -4.538  1.00 7.45  ? 82  LYS A N   1 
ATOM   537 C CA  . LYS A 1 71  ? -7.880  -6.179  -5.389  1.00 12.99 ? 82  LYS A CA  1 
ATOM   538 C C   . LYS A 1 71  ? -9.103  -6.635  -4.579  1.00 11.27 ? 82  LYS A C   1 
ATOM   539 O O   . LYS A 1 71  ? -10.237 -6.321  -4.933  1.00 15.67 ? 82  LYS A O   1 
ATOM   540 C CB  . LYS A 1 71  ? -7.552  -7.120  -6.560  1.00 21.23 ? 82  LYS A CB  1 
ATOM   541 C CG  . LYS A 1 71  ? -7.644  -8.615  -6.280  1.00 21.32 ? 82  LYS A CG  1 
ATOM   542 C CD  . LYS A 1 71  ? -8.889  -9.215  -6.913  1.00 23.19 ? 82  LYS A CD  1 
ATOM   543 C CE  . LYS A 1 71  ? -9.110  -10.680 -6.547  1.00 22.00 ? 82  LYS A CE  1 
ATOM   544 N NZ  . LYS A 1 71  ? -8.086  -11.595 -7.090  1.00 30.93 ? 82  LYS A NZ  1 
ATOM   545 N N   . LYS A 1 72  ? -8.876  -7.337  -3.469  1.00 11.94 ? 83  LYS A N   1 
ATOM   546 C CA  . LYS A 1 72  ? -9.978  -7.772  -2.611  1.00 10.20 ? 83  LYS A CA  1 
ATOM   547 C C   . LYS A 1 72  ? -10.589 -6.594  -1.851  1.00 10.44 ? 83  LYS A C   1 
ATOM   548 O O   . LYS A 1 72  ? -11.808 -6.446  -1.789  1.00 16.01 ? 83  LYS A O   1 
ATOM   549 C CB  . LYS A 1 72  ? -9.523  -8.842  -1.612  1.00 15.86 ? 83  LYS A CB  1 
ATOM   550 C CG  . LYS A 1 72  ? -9.371  -10.200 -2.238  1.00 16.70 ? 83  LYS A CG  1 
ATOM   551 C CD  . LYS A 1 72  ? -8.842  -11.230 -1.274  1.00 22.17 ? 83  LYS A CD  1 
ATOM   552 C CE  . LYS A 1 72  ? -8.617  -12.546 -2.009  1.00 19.92 ? 83  LYS A CE  1 
ATOM   553 N NZ  . LYS A 1 72  ? -7.846  -13.481 -1.146  1.00 31.92 ? 83  LYS A NZ  1 
ATOM   554 N N   . CYS A 1 73  ? -9.751  -5.749  -1.270  1.00 11.53 ? 84  CYS A N   1 
ATOM   555 C CA  . CYS A 1 73  ? -10.264 -4.608  -0.539  1.00 12.47 ? 84  CYS A CA  1 
ATOM   556 C C   . CYS A 1 73  ? -11.006 -3.680  -1.475  1.00 12.37 ? 84  CYS A C   1 
ATOM   557 O O   . CYS A 1 73  ? -12.016 -3.106  -1.107  1.00 14.20 ? 84  CYS A O   1 
ATOM   558 C CB  . CYS A 1 73  ? -9.125  -3.864  0.147   1.00 10.56 ? 84  CYS A CB  1 
ATOM   559 S SG  . CYS A 1 73  ? -8.421  -4.795  1.495   1.00 16.30 ? 84  CYS A SG  1 
ATOM   560 N N   . ALA A 1 74  ? -10.486 -3.533  -2.691  1.00 17.19 ? 85  ALA A N   1 
ATOM   561 C CA  . ALA A 1 74  ? -11.100 -2.677  -3.695  1.00 14.09 ? 85  ALA A CA  1 
ATOM   562 C C   . ALA A 1 74  ? -12.511 -3.176  -3.993  1.00 14.77 ? 85  ALA A C   1 
ATOM   563 O O   . ALA A 1 74  ? -13.430 -2.384  -4.183  1.00 11.33 ? 85  ALA A O   1 
ATOM   564 C CB  . ALA A 1 74  ? -10.246 -2.646  -4.977  1.00 8.27  ? 85  ALA A CB  1 
ATOM   565 N N   . ALA A 1 75  ? -12.685 -4.493  -4.012  1.00 16.35 ? 86  ALA A N   1 
ATOM   566 C CA  . ALA A 1 75  ? -13.998 -5.077  -4.262  1.00 16.18 ? 86  ALA A CA  1 
ATOM   567 C C   . ALA A 1 75  ? -14.941 -4.744  -3.098  1.00 20.07 ? 86  ALA A C   1 
ATOM   568 O O   . ALA A 1 75  ? -16.066 -4.297  -3.317  1.00 22.35 ? 86  ALA A O   1 
ATOM   569 C CB  . ALA A 1 75  ? -13.887 -6.577  -4.452  1.00 14.68 ? 86  ALA A CB  1 
ATOM   570 N N   . ASP A 1 76  ? -14.472 -4.928  -1.868  1.00 15.91 ? 87  ASP A N   1 
ATOM   571 C CA  . ASP A 1 76  ? -15.277 -4.599  -0.696  1.00 21.65 ? 87  ASP A CA  1 
ATOM   572 C C   . ASP A 1 76  ? -15.713 -3.130  -0.686  1.00 21.51 ? 87  ASP A C   1 
ATOM   573 O O   . ASP A 1 76  ? -16.831 -2.809  -0.272  1.00 29.28 ? 87  ASP A O   1 
ATOM   574 C CB  . ASP A 1 76  ? -14.505 -4.900  0.589   1.00 28.43 ? 87  ASP A CB  1 
ATOM   575 C CG  . ASP A 1 76  ? -14.451 -6.374  0.902   1.00 41.47 ? 87  ASP A CG  1 
ATOM   576 O OD1 . ASP A 1 76  ? -15.275 -7.146  0.357   1.00 49.32 ? 87  ASP A OD1 1 
ATOM   577 O OD2 . ASP A 1 76  ? -13.578 -6.761  1.703   1.00 51.89 ? 87  ASP A OD2 1 
ATOM   578 N N   . LEU A 1 77  ? -14.823 -2.242  -1.128  1.00 22.71 ? 88  LEU A N   1 
ATOM   579 C CA  . LEU A 1 77  ? -15.113 -0.809  -1.169  1.00 20.99 ? 88  LEU A CA  1 
ATOM   580 C C   . LEU A 1 77  ? -15.999 -0.471  -2.368  1.00 19.45 ? 88  LEU A C   1 
ATOM   581 O O   . LEU A 1 77  ? -16.333 0.686   -2.603  1.00 21.91 ? 88  LEU A O   1 
ATOM   582 C CB  . LEU A 1 77  ? -13.811 -0.002  -1.192  1.00 17.48 ? 88  LEU A CB  1 
ATOM   583 C CG  . LEU A 1 77  ? -12.889 -0.164  0.018   1.00 17.55 ? 88  LEU A CG  1 
ATOM   584 C CD1 . LEU A 1 77  ? -11.586 0.539   -0.216  1.00 21.83 ? 88  LEU A CD1 1 
ATOM   585 C CD2 . LEU A 1 77  ? -13.536 0.390   1.254   1.00 17.65 ? 88  LEU A CD2 1 
ATOM   586 N N   . GLY A 1 78  ? -16.353 -1.489  -3.139  1.00 20.89 ? 89  GLY A N   1 
ATOM   587 C CA  . GLY A 1 78  ? -17.226 -1.287  -4.277  1.00 16.73 ? 89  GLY A CA  1 
ATOM   588 C C   . GLY A 1 78  ? -16.662 -0.574  -5.483  1.00 18.72 ? 89  GLY A C   1 
ATOM   589 O O   . GLY A 1 78  ? -17.395 0.117   -6.195  1.00 16.39 ? 89  GLY A O   1 
ATOM   590 N N   . LEU A 1 79  ? -15.365 -0.713  -5.728  1.00 20.59 ? 90  LEU A N   1 
ATOM   591 C CA  . LEU A 1 79  ? -14.781 -0.075  -6.901  1.00 22.15 ? 90  LEU A CA  1 
ATOM   592 C C   . LEU A 1 79  ? -15.106 -0.968  -8.115  1.00 27.54 ? 90  LEU A C   1 
ATOM   593 O O   . LEU A 1 79  ? -14.258 -1.712  -8.629  1.00 29.97 ? 90  LEU A O   1 
ATOM   594 C CB  . LEU A 1 79  ? -13.270 0.124   -6.730  1.00 18.04 ? 90  LEU A CB  1 
ATOM   595 C CG  . LEU A 1 79  ? -12.762 1.054   -5.626  1.00 11.22 ? 90  LEU A CG  1 
ATOM   596 C CD1 . LEU A 1 79  ? -11.247 1.103   -5.674  1.00 10.29 ? 90  LEU A CD1 1 
ATOM   597 C CD2 . LEU A 1 79  ? -13.336 2.437   -5.798  1.00 11.35 ? 90  LEU A CD2 1 
ATOM   598 N N   . LYS A 1 80  ? -16.364 -0.896  -8.545  1.00 28.29 ? 91  LYS A N   1 
ATOM   599 C CA  . LYS A 1 80  ? -16.862 -1.669  -9.671  1.00 25.89 ? 91  LYS A CA  1 
ATOM   600 C C   . LYS A 1 80  ? -16.283 -1.239  -11.013 1.00 23.68 ? 91  LYS A C   1 
ATOM   601 O O   . LYS A 1 80  ? -16.029 -2.080  -11.864 1.00 27.48 ? 91  LYS A O   1 
ATOM   602 C CB  . LYS A 1 80  ? -18.391 -1.596  -9.721  1.00 35.52 ? 91  LYS A CB  1 
ATOM   603 C CG  . LYS A 1 80  ? -19.083 -2.448  -8.667  1.00 45.04 ? 91  LYS A CG  1 
ATOM   604 C CD  . LYS A 1 80  ? -20.205 -1.689  -7.941  1.00 51.81 ? 91  LYS A CD  1 
ATOM   605 C CE  . LYS A 1 80  ? -20.777 -2.516  -6.763  1.00 54.79 ? 91  LYS A CE  1 
ATOM   606 N NZ  . LYS A 1 80  ? -19.763 -2.928  -5.715  1.00 57.63 ? 91  LYS A NZ  1 
ATOM   607 N N   . LYS A 1 81  ? -16.066 0.057   -11.210 1.00 16.90 ? 92  LYS A N   1 
ATOM   608 C CA  . LYS A 1 81  ? -15.522 0.521   -12.481 1.00 17.48 ? 92  LYS A CA  1 
ATOM   609 C C   . LYS A 1 81  ? -13.997 0.471   -12.655 1.00 15.76 ? 92  LYS A C   1 
ATOM   610 O O   . LYS A 1 81  ? -13.485 0.877   -13.689 1.00 23.33 ? 92  LYS A O   1 
ATOM   611 C CB  . LYS A 1 81  ? -16.070 1.899   -12.830 1.00 19.19 ? 92  LYS A CB  1 
ATOM   612 C CG  . LYS A 1 81  ? -17.528 1.888   -13.245 1.00 31.69 ? 92  LYS A CG  1 
ATOM   613 C CD  . LYS A 1 81  ? -18.133 3.287   -13.244 1.00 34.09 ? 92  LYS A CD  1 
ATOM   614 C CE  . LYS A 1 81  ? -17.621 4.169   -14.378 1.00 35.91 ? 92  LYS A CE  1 
ATOM   615 N NZ  . LYS A 1 81  ? -18.067 5.598   -14.176 1.00 36.51 ? 92  LYS A NZ  1 
ATOM   616 N N   . GLY A 1 82  ? -13.277 -0.070  -11.678 1.00 12.93 ? 93  GLY A N   1 
ATOM   617 C CA  . GLY A 1 82  ? -11.831 -0.162  -11.813 1.00 9.93  ? 93  GLY A CA  1 
ATOM   618 C C   . GLY A 1 82  ? -11.024 0.646   -10.814 1.00 12.55 ? 93  GLY A C   1 
ATOM   619 O O   . GLY A 1 82  ? -11.579 1.295   -9.926  1.00 10.78 ? 93  GLY A O   1 
ATOM   620 N N   . TYR A 1 83  ? -9.706  0.639   -10.995 1.00 9.06  ? 94  TYR A N   1 
ATOM   621 C CA  . TYR A 1 83  ? -8.796  1.348   -10.106 1.00 8.37  ? 94  TYR A CA  1 
ATOM   622 C C   . TYR A 1 83  ? -7.368  1.318   -10.654 1.00 9.94  ? 94  TYR A C   1 
ATOM   623 O O   . TYR A 1 83  ? -7.091  0.693   -11.674 1.00 8.33  ? 94  TYR A O   1 
ATOM   624 C CB  . TYR A 1 83  ? -8.813  0.685   -8.717  1.00 9.09  ? 94  TYR A CB  1 
ATOM   625 C CG  . TYR A 1 83  ? -8.760  -0.846  -8.721  1.00 11.94 ? 94  TYR A CG  1 
ATOM   626 C CD1 . TYR A 1 83  ? -9.940  -1.605  -8.753  1.00 11.50 ? 94  TYR A CD1 1 
ATOM   627 C CD2 . TYR A 1 83  ? -7.542  -1.542  -8.664  1.00 16.20 ? 94  TYR A CD2 1 
ATOM   628 C CE1 . TYR A 1 83  ? -9.913  -3.018  -8.730  1.00 12.85 ? 94  TYR A CE1 1 
ATOM   629 C CE2 . TYR A 1 83  ? -7.513  -2.969  -8.635  1.00 13.93 ? 94  TYR A CE2 1 
ATOM   630 C CZ  . TYR A 1 83  ? -8.706  -3.681  -8.671  1.00 13.50 ? 94  TYR A CZ  1 
ATOM   631 O OH  . TYR A 1 83  ? -8.716  -5.051  -8.664  1.00 13.98 ? 94  TYR A OH  1 
ATOM   632 N N   . ARG A 1 84  ? -6.468  2.036   -9.999  1.00 13.28 ? 95  ARG A N   1 
ATOM   633 C CA  . ARG A 1 84  ? -5.071  2.027   -10.399 1.00 13.04 ? 95  ARG A CA  1 
ATOM   634 C C   . ARG A 1 84  ? -4.218  1.675   -9.168  1.00 14.45 ? 95  ARG A C   1 
ATOM   635 O O   . ARG A 1 84  ? -4.495  2.130   -8.056  1.00 6.48  ? 95  ARG A O   1 
ATOM   636 C CB  . ARG A 1 84  ? -4.658  3.380   -10.989 1.00 7.34  ? 95  ARG A CB  1 
ATOM   637 C CG  . ARG A 1 84  ? -3.183  3.473   -11.357 1.00 7.54  ? 95  ARG A CG  1 
ATOM   638 C CD  . ARG A 1 84  ? -2.858  4.722   -12.144 1.00 5.42  ? 95  ARG A CD  1 
ATOM   639 N NE  . ARG A 1 84  ? -3.518  4.657   -13.438 1.00 7.12  ? 95  ARG A NE  1 
ATOM   640 C CZ  . ARG A 1 84  ? -3.679  5.686   -14.264 1.00 6.80  ? 95  ARG A CZ  1 
ATOM   641 N NH1 . ARG A 1 84  ? -3.214  6.892   -13.932 1.00 8.09  ? 95  ARG A NH1 1 
ATOM   642 N NH2 . ARG A 1 84  ? -4.327  5.514   -15.414 1.00 8.18  ? 95  ARG A NH2 1 
ATOM   643 N N   . MET A 1 85  ? -3.254  0.770   -9.360  1.00 11.39 ? 96  MET A N   1 
ATOM   644 C CA  . MET A 1 85  ? -2.336  0.357   -8.301  1.00 9.38  ? 96  MET A CA  1 
ATOM   645 C C   . MET A 1 85  ? -1.017  1.017   -8.644  1.00 11.09 ? 96  MET A C   1 
ATOM   646 O O   . MET A 1 85  ? -0.599  1.005   -9.808  1.00 11.11 ? 96  MET A O   1 
ATOM   647 C CB  . MET A 1 85  ? -2.177  -1.166  -8.265  1.00 11.36 ? 96  MET A CB  1 
ATOM   648 C CG  . MET A 1 85  ? -3.452  -1.900  -7.881  1.00 15.83 ? 96  MET A CG  1 
ATOM   649 S SD  . MET A 1 85  ? -3.233  -3.665  -7.895  1.00 19.73 ? 96  MET A SD  1 
ATOM   650 C CE  . MET A 1 85  ? -4.291  -4.105  -6.584  1.00 25.25 ? 96  MET A CE  1 
ATOM   651 N N   . VAL A 1 86  ? -0.360  1.586   -7.640  1.00 9.66  ? 97  VAL A N   1 
ATOM   652 C CA  . VAL A 1 86  ? 0.898   2.294   -7.846  1.00 11.41 ? 97  VAL A CA  1 
ATOM   653 C C   . VAL A 1 86  ? 1.940   2.008   -6.753  1.00 9.93  ? 97  VAL A C   1 
ATOM   654 O O   . VAL A 1 86  ? 1.634   2.015   -5.561  1.00 11.39 ? 97  VAL A O   1 
ATOM   655 C CB  . VAL A 1 86  ? 0.650   3.848   -7.894  1.00 10.99 ? 97  VAL A CB  1 
ATOM   656 C CG1 . VAL A 1 86  ? 1.953   4.607   -8.075  1.00 6.21  ? 97  VAL A CG1 1 
ATOM   657 C CG2 . VAL A 1 86  ? -0.340  4.213   -9.005  1.00 8.08  ? 97  VAL A CG2 1 
ATOM   658 N N   . VAL A 1 87  ? 3.167   1.723   -7.176  1.00 12.82 ? 98  VAL A N   1 
ATOM   659 C CA  . VAL A 1 87  ? 4.270   1.509   -6.240  1.00 9.40  ? 98  VAL A CA  1 
ATOM   660 C C   . VAL A 1 87  ? 5.333   2.536   -6.642  1.00 8.58  ? 98  VAL A C   1 
ATOM   661 O O   . VAL A 1 87  ? 5.756   2.585   -7.789  1.00 5.88  ? 98  VAL A O   1 
ATOM   662 C CB  . VAL A 1 87  ? 4.858   0.077   -6.327  1.00 10.86 ? 98  VAL A CB  1 
ATOM   663 C CG1 . VAL A 1 87  ? 6.033   -0.065  -5.336  1.00 7.27  ? 98  VAL A CG1 1 
ATOM   664 C CG2 . VAL A 1 87  ? 3.773   -0.971  -6.009  1.00 9.08  ? 98  VAL A CG2 1 
ATOM   665 N N   . ASN A 1 88  ? 5.720   3.405   -5.723  1.00 8.73  ? 99  ASN A N   1 
ATOM   666 C CA  . ASN A 1 88  ? 6.720   4.412   -6.041  1.00 7.61  ? 99  ASN A CA  1 
ATOM   667 C C   . ASN A 1 88  ? 8.071   3.987   -5.505  1.00 6.77  ? 99  ASN A C   1 
ATOM   668 O O   . ASN A 1 88  ? 8.180   3.572   -4.366  1.00 8.67  ? 99  ASN A O   1 
ATOM   669 C CB  . ASN A 1 88  ? 6.348   5.762   -5.415  1.00 9.88  ? 99  ASN A CB  1 
ATOM   670 C CG  . ASN A 1 88  ? 5.028   6.312   -5.921  1.00 10.78 ? 99  ASN A CG  1 
ATOM   671 O OD1 . ASN A 1 88  ? 4.693   6.181   -7.100  1.00 13.95 ? 99  ASN A OD1 1 
ATOM   672 N ND2 . ASN A 1 88  ? 4.273   6.941   -5.029  1.00 10.44 ? 99  ASN A ND2 1 
ATOM   673 N N   . GLU A 1 89  ? 9.112   4.160   -6.303  1.00 7.46  ? 100 GLU A N   1 
ATOM   674 C CA  . GLU A 1 89  ? 10.449  3.791   -5.876  1.00 8.73  ? 100 GLU A CA  1 
ATOM   675 C C   . GLU A 1 89  ? 11.396  4.966   -6.009  1.00 6.25  ? 100 GLU A C   1 
ATOM   676 O O   . GLU A 1 89  ? 11.493  5.569   -7.069  1.00 9.37  ? 100 GLU A O   1 
ATOM   677 C CB  . GLU A 1 89  ? 10.952  2.603   -6.703  1.00 10.04 ? 100 GLU A CB  1 
ATOM   678 C CG  . GLU A 1 89  ? 12.468  2.396   -6.699  1.00 13.01 ? 100 GLU A CG  1 
ATOM   679 C CD  . GLU A 1 89  ? 13.027  1.731   -5.448  1.00 16.05 ? 100 GLU A CD  1 
ATOM   680 O OE1 . GLU A 1 89  ? 12.300  0.987   -4.767  1.00 21.58 ? 100 GLU A OE1 1 
ATOM   681 O OE2 . GLU A 1 89  ? 14.223  1.929   -5.160  1.00 22.25 ? 100 GLU A OE2 1 
ATOM   682 N N   . GLY A 1 90  ? 12.063  5.313   -4.914  1.00 7.79  ? 101 GLY A N   1 
ATOM   683 C CA  . GLY A 1 90  ? 13.035  6.398   -4.938  1.00 12.39 ? 101 GLY A CA  1 
ATOM   684 C C   . GLY A 1 90  ? 12.537  7.810   -5.205  1.00 14.70 ? 101 GLY A C   1 
ATOM   685 O O   . GLY A 1 90  ? 11.323  8.042   -5.266  1.00 17.20 ? 101 GLY A O   1 
ATOM   686 N N   . SER A 1 91  ? 13.471  8.743   -5.432  1.00 11.86 ? 102 SER A N   1 
ATOM   687 C CA  . SER A 1 91  ? 13.098  10.141  -5.652  1.00 13.64 ? 102 SER A CA  1 
ATOM   688 C C   . SER A 1 91  ? 12.321  10.415  -6.918  1.00 8.75  ? 102 SER A C   1 
ATOM   689 O O   . SER A 1 91  ? 11.356  11.173  -6.893  1.00 12.90 ? 102 SER A O   1 
ATOM   690 C CB  . SER A 1 91  ? 14.303  11.081  -5.535  1.00 19.51 ? 102 SER A CB  1 
ATOM   691 O OG  . SER A 1 91  ? 15.290  10.800  -6.502  1.00 35.84 ? 102 SER A OG  1 
ATOM   692 N N   . ASP A 1 92  ? 12.724  9.821   -8.031  1.00 6.39  ? 103 ASP A N   1 
ATOM   693 C CA  . ASP A 1 92  ? 11.986  10.030  -9.274  1.00 5.78  ? 103 ASP A CA  1 
ATOM   694 C C   . ASP A 1 92  ? 10.621  9.372   -9.156  1.00 7.00  ? 103 ASP A C   1 
ATOM   695 O O   . ASP A 1 92  ? 9.655   9.866   -9.707  1.00 11.35 ? 103 ASP A O   1 
ATOM   696 C CB  . ASP A 1 92  ? 12.713  9.437   -10.470 1.00 5.22  ? 103 ASP A CB  1 
ATOM   697 C CG  . ASP A 1 92  ? 13.741  10.373  -11.064 1.00 11.74 ? 103 ASP A CG  1 
ATOM   698 O OD1 . ASP A 1 92  ? 13.915  11.509  -10.570 1.00 11.61 ? 103 ASP A OD1 1 
ATOM   699 O OD2 . ASP A 1 92  ? 14.386  9.954   -12.049 1.00 12.77 ? 103 ASP A OD2 1 
ATOM   700 N N   . GLY A 1 93  ? 10.542  8.257   -8.444  1.00 5.64  ? 104 GLY A N   1 
ATOM   701 C CA  . GLY A 1 93  ? 9.263   7.594   -8.294  1.00 9.17  ? 104 GLY A CA  1 
ATOM   702 C C   . GLY A 1 93  ? 8.338   8.357   -7.368  1.00 9.48  ? 104 GLY A C   1 
ATOM   703 O O   . GLY A 1 93  ? 7.124   8.211   -7.439  1.00 14.39 ? 104 GLY A O   1 
ATOM   704 N N   . GLY A 1 94  ? 8.900   9.167   -6.480  1.00 12.70 ? 105 GLY A N   1 
ATOM   705 C CA  . GLY A 1 94  ? 8.068   9.929   -5.562  1.00 9.85  ? 105 GLY A CA  1 
ATOM   706 C C   . GLY A 1 94  ? 7.916   9.273   -4.190  1.00 15.53 ? 105 GLY A C   1 
ATOM   707 O O   . GLY A 1 94  ? 6.977   9.581   -3.453  1.00 17.63 ? 105 GLY A O   1 
ATOM   708 N N   . GLN A 1 95  ? 8.819   8.354   -3.847  1.00 12.09 ? 106 GLN A N   1 
ATOM   709 C CA  . GLN A 1 95  ? 8.775   7.681   -2.551  1.00 11.94 ? 106 GLN A CA  1 
ATOM   710 C C   . GLN A 1 95  ? 9.358   8.579   -1.435  1.00 15.87 ? 106 GLN A C   1 
ATOM   711 O O   . GLN A 1 95  ? 10.506  9.034   -1.537  1.00 14.95 ? 106 GLN A O   1 
ATOM   712 C CB  . GLN A 1 95  ? 9.563   6.365   -2.632  1.00 13.72 ? 106 GLN A CB  1 
ATOM   713 C CG  . GLN A 1 95  ? 9.440   5.499   -1.387  1.00 9.28  ? 106 GLN A CG  1 
ATOM   714 C CD  . GLN A 1 95  ? 10.248  4.238   -1.456  1.00 9.19  ? 106 GLN A CD  1 
ATOM   715 O OE1 . GLN A 1 95  ? 11.077  4.062   -2.353  1.00 10.96 ? 106 GLN A OE1 1 
ATOM   716 N NE2 . GLN A 1 95  ? 10.028  3.347   -0.489  1.00 6.69  ? 106 GLN A NE2 1 
ATOM   717 N N   . SER A 1 96  ? 8.553   8.854   -0.405  1.00 17.46 ? 107 SER A N   1 
ATOM   718 C CA  . SER A 1 96  ? 8.971   9.676   0.746   1.00 21.19 ? 107 SER A CA  1 
ATOM   719 C C   . SER A 1 96  ? 9.187   8.829   1.997   1.00 20.42 ? 107 SER A C   1 
ATOM   720 O O   . SER A 1 96  ? 10.023  9.163   2.836   1.00 21.94 ? 107 SER A O   1 
ATOM   721 C CB  . SER A 1 96  ? 7.933   10.740  1.086   1.00 17.82 ? 107 SER A CB  1 
ATOM   722 O OG  . SER A 1 96  ? 7.693   11.631  0.015   1.00 28.30 ? 107 SER A OG  1 
ATOM   723 N N   . VAL A 1 97  ? 8.374   7.781   2.141   1.00 19.90 ? 108 VAL A N   1 
ATOM   724 C CA  . VAL A 1 97  ? 8.448   6.840   3.269   1.00 16.83 ? 108 VAL A CA  1 
ATOM   725 C C   . VAL A 1 97  ? 9.127   5.550   2.807   1.00 12.49 ? 108 VAL A C   1 
ATOM   726 O O   . VAL A 1 97  ? 8.627   4.842   1.922   1.00 10.91 ? 108 VAL A O   1 
ATOM   727 C CB  . VAL A 1 97  ? 7.045   6.508   3.827   1.00 18.16 ? 108 VAL A CB  1 
ATOM   728 C CG1 . VAL A 1 97  ? 7.150   5.578   5.051   1.00 16.95 ? 108 VAL A CG1 1 
ATOM   729 C CG2 . VAL A 1 97  ? 6.321   7.783   4.191   1.00 18.85 ? 108 VAL A CG2 1 
ATOM   730 N N   . TYR A 1 98  ? 10.269  5.248   3.410   1.00 9.50  ? 109 TYR A N   1 
ATOM   731 C CA  . TYR A 1 98  ? 11.023  4.068   3.033   1.00 9.68  ? 109 TYR A CA  1 
ATOM   732 C C   . TYR A 1 98  ? 10.622  2.739   3.643   1.00 9.74  ? 109 TYR A C   1 
ATOM   733 O O   . TYR A 1 98  ? 11.339  2.126   4.421   1.00 13.19 ? 109 TYR A O   1 
ATOM   734 C CB  . TYR A 1 98  ? 12.527  4.349   3.110   1.00 13.31 ? 109 TYR A CB  1 
ATOM   735 C CG  . TYR A 1 98  ? 12.938  5.246   1.961   1.00 20.98 ? 109 TYR A CG  1 
ATOM   736 C CD1 . TYR A 1 98  ? 12.539  6.581   1.923   1.00 22.26 ? 109 TYR A CD1 1 
ATOM   737 C CD2 . TYR A 1 98  ? 13.583  4.725   0.841   1.00 25.34 ? 109 TYR A CD2 1 
ATOM   738 C CE1 . TYR A 1 98  ? 12.753  7.365   0.802   1.00 28.86 ? 109 TYR A CE1 1 
ATOM   739 C CE2 . TYR A 1 98  ? 13.802  5.498   -0.291  1.00 31.61 ? 109 TYR A CE2 1 
ATOM   740 C CZ  . TYR A 1 98  ? 13.383  6.820   -0.308  1.00 35.67 ? 109 TYR A CZ  1 
ATOM   741 O OH  . TYR A 1 98  ? 13.583  7.598   -1.435  1.00 43.75 ? 109 TYR A OH  1 
ATOM   742 N N   . HIS A 1 99  ? 9.436   2.317   3.247   1.00 10.38 ? 110 HIS A N   1 
ATOM   743 C CA  . HIS A 1 99  ? 8.830   1.050   3.637   1.00 12.79 ? 110 HIS A CA  1 
ATOM   744 C C   . HIS A 1 99  ? 7.875   0.863   2.454   1.00 14.07 ? 110 HIS A C   1 
ATOM   745 O O   . HIS A 1 99  ? 7.058   1.744   2.189   1.00 14.63 ? 110 HIS A O   1 
ATOM   746 C CB  . HIS A 1 99  ? 8.064   1.177   4.972   1.00 15.23 ? 110 HIS A CB  1 
ATOM   747 C CG  . HIS A 1 99  ? 7.441   -0.105  5.455   1.00 14.37 ? 110 HIS A CG  1 
ATOM   748 N ND1 . HIS A 1 99  ? 7.769   -0.686  6.661   1.00 15.73 ? 110 HIS A ND1 1 
ATOM   749 C CD2 . HIS A 1 99  ? 6.489   -0.899  4.904   1.00 14.35 ? 110 HIS A CD2 1 
ATOM   750 C CE1 . HIS A 1 99  ? 7.049   -1.781  6.835   1.00 16.45 ? 110 HIS A CE1 1 
ATOM   751 N NE2 . HIS A 1 99  ? 6.264   -1.932  5.783   1.00 13.67 ? 110 HIS A NE2 1 
ATOM   752 N N   . VAL A 1 100 ? 8.047   -0.222  1.698   1.00 14.99 ? 111 VAL A N   1 
ATOM   753 C CA  . VAL A 1 100 ? 7.213   -0.502  0.533   1.00 15.03 ? 111 VAL A CA  1 
ATOM   754 C C   . VAL A 1 100 ? 5.726   -0.393  0.823   1.00 15.35 ? 111 VAL A C   1 
ATOM   755 O O   . VAL A 1 100 ? 5.247   -0.886  1.838   1.00 15.53 ? 111 VAL A O   1 
ATOM   756 C CB  . VAL A 1 100 ? 7.476   -1.909  -0.027  1.00 15.43 ? 111 VAL A CB  1 
ATOM   757 C CG1 . VAL A 1 100 ? 6.562   -2.189  -1.194  1.00 19.41 ? 111 VAL A CG1 1 
ATOM   758 C CG2 . VAL A 1 100 ? 8.890   -2.018  -0.502  1.00 20.15 ? 111 VAL A CG2 1 
ATOM   759 N N   . HIS A 1 101 ? 5.024   0.300   -0.071  1.00 15.01 ? 112 HIS A N   1 
ATOM   760 C CA  . HIS A 1 101 ? 3.582   0.472   0.008   1.00 11.81 ? 112 HIS A CA  1 
ATOM   761 C C   . HIS A 1 101 ? 2.980   0.550   -1.387  1.00 11.56 ? 112 HIS A C   1 
ATOM   762 O O   . HIS A 1 101 ? 3.562   1.122   -2.307  1.00 11.27 ? 112 HIS A O   1 
ATOM   763 C CB  . HIS A 1 101 ? 3.179   1.681   0.859   1.00 7.44  ? 112 HIS A CB  1 
ATOM   764 C CG  . HIS A 1 101 ? 3.859   2.960   0.488   1.00 8.18  ? 112 HIS A CG  1 
ATOM   765 N ND1 . HIS A 1 101 ? 5.167   3.230   0.818   1.00 6.81  ? 112 HIS A ND1 1 
ATOM   766 C CD2 . HIS A 1 101 ? 3.405   4.057   -0.166  1.00 7.85  ? 112 HIS A CD2 1 
ATOM   767 C CE1 . HIS A 1 101 ? 5.494   4.433   0.383   1.00 7.39  ? 112 HIS A CE1 1 
ATOM   768 N NE2 . HIS A 1 101 ? 4.441   4.957   -0.217  1.00 7.62  ? 112 HIS A NE2 1 
ATOM   769 N N   . LEU A 1 102 ? 1.827   -0.080  -1.545  1.00 8.61  ? 113 LEU A N   1 
ATOM   770 C CA  . LEU A 1 102 ? 1.115   -0.113  -2.816  1.00 10.90 ? 113 LEU A CA  1 
ATOM   771 C C   . LEU A 1 102 ? -0.094  0.797   -2.681  1.00 8.23  ? 113 LEU A C   1 
ATOM   772 O O   . LEU A 1 102 ? -0.842  0.662   -1.727  1.00 7.85  ? 113 LEU A O   1 
ATOM   773 C CB  . LEU A 1 102 ? 0.629   -1.541  -3.068  1.00 10.79 ? 113 LEU A CB  1 
ATOM   774 C CG  . LEU A 1 102 ? -0.401  -1.792  -4.166  1.00 12.27 ? 113 LEU A CG  1 
ATOM   775 C CD1 . LEU A 1 102 ? 0.313   -1.791  -5.490  1.00 14.35 ? 113 LEU A CD1 1 
ATOM   776 C CD2 . LEU A 1 102 ? -1.071  -3.151  -3.936  1.00 14.02 ? 113 LEU A CD2 1 
ATOM   777 N N   . HIS A 1 103 ? -0.274  1.732   -3.608  1.00 7.86  ? 114 HIS A N   1 
ATOM   778 C CA  . HIS A 1 103 ? -1.431  2.623   -3.571  1.00 6.67  ? 114 HIS A CA  1 
ATOM   779 C C   . HIS A 1 103 ? -2.526  1.993   -4.419  1.00 9.21  ? 114 HIS A C   1 
ATOM   780 O O   . HIS A 1 103 ? -2.233  1.399   -5.445  1.00 13.23 ? 114 HIS A O   1 
ATOM   781 C CB  . HIS A 1 103 ? -1.114  3.982   -4.214  1.00 7.15  ? 114 HIS A CB  1 
ATOM   782 C CG  . HIS A 1 103 ? -0.054  4.772   -3.517  1.00 8.00  ? 114 HIS A CG  1 
ATOM   783 N ND1 . HIS A 1 103 ? -0.372  5.758   -2.623  1.00 9.63  ? 114 HIS A ND1 1 
ATOM   784 C CD2 . HIS A 1 103 ? 1.288   4.755   -3.706  1.00 8.47  ? 114 HIS A CD2 1 
ATOM   785 C CE1 . HIS A 1 103 ? 0.774   6.319   -2.290  1.00 5.21  ? 114 HIS A CE1 1 
ATOM   786 N NE2 . HIS A 1 103 ? 1.803   5.747   -2.920  1.00 10.77 ? 114 HIS A NE2 1 
ATOM   787 N N   . VAL A 1 104 ? -3.771  2.084   -3.971  1.00 10.02 ? 115 VAL A N   1 
ATOM   788 C CA  . VAL A 1 104 ? -4.903  1.609   -4.758  1.00 9.41  ? 115 VAL A CA  1 
ATOM   789 C C   . VAL A 1 104 ? -5.858  2.827   -4.793  1.00 9.74  ? 115 VAL A C   1 
ATOM   790 O O   . VAL A 1 104 ? -6.327  3.275   -3.750  1.00 8.83  ? 115 VAL A O   1 
ATOM   791 C CB  . VAL A 1 104 ? -5.602  0.356   -4.147  1.00 8.38  ? 115 VAL A CB  1 
ATOM   792 C CG1 . VAL A 1 104 ? -6.670  -0.148  -5.096  1.00 3.14  ? 115 VAL A CG1 1 
ATOM   793 C CG2 . VAL A 1 104 ? -4.590  -0.771  -3.885  1.00 8.13  ? 115 VAL A CG2 1 
ATOM   794 N N   . LEU A 1 105 ? -6.058  3.417   -5.975  1.00 8.68  ? 116 LEU A N   1 
ATOM   795 C CA  . LEU A 1 105 ? -6.927  4.599   -6.133  1.00 9.41  ? 116 LEU A CA  1 
ATOM   796 C C   . LEU A 1 105 ? -8.100  4.293   -7.050  1.00 11.22 ? 116 LEU A C   1 
ATOM   797 O O   . LEU A 1 105 ? -7.933  3.623   -8.063  1.00 15.41 ? 116 LEU A O   1 
ATOM   798 C CB  . LEU A 1 105 ? -6.157  5.783   -6.726  1.00 9.14  ? 116 LEU A CB  1 
ATOM   799 C CG  . LEU A 1 105 ? -4.987  6.463   -6.008  1.00 11.91 ? 116 LEU A CG  1 
ATOM   800 C CD1 . LEU A 1 105 ? -3.659  5.783   -6.321  1.00 10.50 ? 116 LEU A CD1 1 
ATOM   801 C CD2 . LEU A 1 105 ? -4.940  7.914   -6.476  1.00 11.98 ? 116 LEU A CD2 1 
ATOM   802 N N   . GLY A 1 106 ? -9.275  4.821   -6.725  1.00 10.26 ? 117 GLY A N   1 
ATOM   803 C CA  . GLY A 1 106 ? -10.441 4.560   -7.543  1.00 7.15  ? 117 GLY A CA  1 
ATOM   804 C C   . GLY A 1 106 ? -11.576 5.489   -7.211  1.00 7.79  ? 117 GLY A C   1 
ATOM   805 O O   . GLY A 1 106 ? -11.426 6.368   -6.372  1.00 8.60  ? 117 GLY A O   1 
ATOM   806 N N   . GLY A 1 107 ? -12.718 5.272   -7.854  1.00 8.28  ? 118 GLY A N   1 
ATOM   807 C CA  . GLY A 1 107 ? -13.877 6.117   -7.624  1.00 11.25 ? 118 GLY A CA  1 
ATOM   808 C C   . GLY A 1 107 ? -13.972 7.290   -8.589  1.00 11.69 ? 118 GLY A C   1 
ATOM   809 O O   . GLY A 1 107 ? -14.850 8.140   -8.460  1.00 11.62 ? 118 GLY A O   1 
ATOM   810 N N   . ARG A 1 108 ? -13.010 7.373   -9.505  1.00 15.32 ? 119 ARG A N   1 
ATOM   811 C CA  . ARG A 1 108 ? -12.972 8.417   -10.526 1.00 12.99 ? 119 ARG A CA  1 
ATOM   812 C C   . ARG A 1 108 ? -12.111 7.929   -11.671 1.00 12.84 ? 119 ARG A C   1 
ATOM   813 O O   . ARG A 1 108 ? -11.327 6.993   -11.513 1.00 9.90  ? 119 ARG A O   1 
ATOM   814 C CB  . ARG A 1 108 ? -12.376 9.721   -9.990  1.00 8.84  ? 119 ARG A CB  1 
ATOM   815 C CG  . ARG A 1 108 ? -10.888 9.662   -9.662  1.00 11.31 ? 119 ARG A CG  1 
ATOM   816 C CD  . ARG A 1 108 ? -10.396 11.058  -9.428  1.00 12.18 ? 119 ARG A CD  1 
ATOM   817 N NE  . ARG A 1 108 ? -8.995  11.134  -9.037  1.00 12.24 ? 119 ARG A NE  1 
ATOM   818 C CZ  . ARG A 1 108 ? -7.974  11.109  -9.887  1.00 15.19 ? 119 ARG A CZ  1 
ATOM   819 N NH1 . ARG A 1 108 ? -8.183  10.993  -11.198 1.00 10.53 ? 119 ARG A NH1 1 
ATOM   820 N NH2 . ARG A 1 108 ? -6.741  11.264  -9.424  1.00 14.70 ? 119 ARG A NH2 1 
ATOM   821 N N   . GLN A 1 109 ? -12.263 8.570   -12.821 1.00 9.14  ? 120 GLN A N   1 
ATOM   822 C CA  . GLN A 1 109 ? -11.482 8.207   -13.986 1.00 8.80  ? 120 GLN A CA  1 
ATOM   823 C C   . GLN A 1 109 ? -10.039 8.621   -13.747 1.00 8.77  ? 120 GLN A C   1 
ATOM   824 O O   . GLN A 1 109 ? -9.744  9.782   -13.435 1.00 12.49 ? 120 GLN A O   1 
ATOM   825 C CB  . GLN A 1 109 ? -12.046 8.885   -15.249 1.00 10.89 ? 120 GLN A CB  1 
ATOM   826 C CG  . GLN A 1 109 ? -11.249 8.632   -16.551 1.00 13.09 ? 120 GLN A CG  1 
ATOM   827 C CD  . GLN A 1 109 ? -11.298 7.186   -17.023 1.00 12.62 ? 120 GLN A CD  1 
ATOM   828 O OE1 . GLN A 1 109 ? -12.362 6.669   -17.358 1.00 18.05 ? 120 GLN A OE1 1 
ATOM   829 N NE2 . GLN A 1 109 ? -10.140 6.532   -17.065 1.00 13.34 ? 120 GLN A NE2 1 
ATOM   830 N N   . MET A 1 110 ? -9.152  7.644   -13.783 1.00 8.74  ? 121 MET A N   1 
ATOM   831 C CA  . MET A 1 110 ? -7.742  7.922   -13.614 1.00 9.56  ? 121 MET A CA  1 
ATOM   832 C C   . MET A 1 110 ? -7.251  8.358   -14.993 1.00 8.08  ? 121 MET A C   1 
ATOM   833 O O   . MET A 1 110 ? -7.648  7.794   -16.019 1.00 13.83 ? 121 MET A O   1 
ATOM   834 C CB  . MET A 1 110 ? -6.987  6.679   -13.111 1.00 5.36  ? 121 MET A CB  1 
ATOM   835 C CG  . MET A 1 110 ? -7.501  6.157   -11.772 1.00 13.38 ? 121 MET A CG  1 
ATOM   836 S SD  . MET A 1 110 ? -7.486  7.434   -10.498 1.00 15.65 ? 121 MET A SD  1 
ATOM   837 C CE  . MET A 1 110 ? -5.677  7.538   -10.187 1.00 10.80 ? 121 MET A CE  1 
ATOM   838 N N   . ASN A 1 111 ? -6.358  9.335   -15.012 1.00 9.18  ? 122 ASN A N   1 
ATOM   839 C CA  . ASN A 1 111 ? -5.846  9.869   -16.256 1.00 9.98  ? 122 ASN A CA  1 
ATOM   840 C C   . ASN A 1 111 ? -4.510  9.295   -16.670 1.00 6.46  ? 122 ASN A C   1 
ATOM   841 O O   . ASN A 1 111 ? -3.913  8.505   -15.959 1.00 14.58 ? 122 ASN A O   1 
ATOM   842 C CB  . ASN A 1 111 ? -5.749  11.392  -16.145 1.00 20.29 ? 122 ASN A CB  1 
ATOM   843 C CG  . ASN A 1 111 ? -5.935  12.082  -17.483 1.00 29.98 ? 122 ASN A CG  1 
ATOM   844 O OD1 . ASN A 1 111 ? -5.081  12.857  -17.920 1.00 36.75 ? 122 ASN A OD1 1 
ATOM   845 N ND2 . ASN A 1 111 ? -7.054  11.794  -18.148 1.00 39.37 ? 122 ASN A ND2 1 
ATOM   846 N N   . TRP A 1 112 ? -4.021  9.754   -17.811 1.00 10.82 ? 123 TRP A N   1 
ATOM   847 C CA  . TRP A 1 112 ? -2.744  9.295   -18.339 1.00 12.46 ? 123 TRP A CA  1 
ATOM   848 C C   . TRP A 1 112 ? -2.030  10.559  -18.822 1.00 10.43 ? 123 TRP A C   1 
ATOM   849 O O   . TRP A 1 112 ? -2.681  11.452  -19.365 1.00 14.20 ? 123 TRP A O   1 
ATOM   850 C CB  . TRP A 1 112 ? -3.007  8.329   -19.509 1.00 10.92 ? 123 TRP A CB  1 
ATOM   851 C CG  . TRP A 1 112 ? -1.891  7.364   -19.784 1.00 10.94 ? 123 TRP A CG  1 
ATOM   852 C CD1 . TRP A 1 112 ? -1.126  7.291   -20.915 1.00 12.74 ? 123 TRP A CD1 1 
ATOM   853 C CD2 . TRP A 1 112 ? -1.399  6.360   -18.905 1.00 9.97  ? 123 TRP A CD2 1 
ATOM   854 N NE1 . TRP A 1 112 ? -0.183  6.303   -20.789 1.00 8.25  ? 123 TRP A NE1 1 
ATOM   855 C CE2 . TRP A 1 112 ? -0.327  5.714   -19.562 1.00 9.77  ? 123 TRP A CE2 1 
ATOM   856 C CE3 . TRP A 1 112 ? -1.757  5.938   -17.622 1.00 10.54 ? 123 TRP A CE3 1 
ATOM   857 C CZ2 . TRP A 1 112 ? 0.390   4.679   -18.979 1.00 8.60  ? 123 TRP A CZ2 1 
ATOM   858 C CZ3 . TRP A 1 112 ? -1.048  4.909   -17.045 1.00 12.92 ? 123 TRP A CZ3 1 
ATOM   859 C CH2 . TRP A 1 112 ? 0.015   4.289   -17.723 1.00 10.04 ? 123 TRP A CH2 1 
ATOM   860 N N   . PRO A 1 113 ? -0.696  10.673  -18.615 1.00 11.30 ? 124 PRO A N   1 
ATOM   861 C CA  . PRO A 1 113 ? 0.211   9.725   -17.969 1.00 12.18 ? 124 PRO A CA  1 
ATOM   862 C C   . PRO A 1 113 ? -0.054  9.641   -16.481 1.00 12.20 ? 124 PRO A C   1 
ATOM   863 O O   . PRO A 1 113 ? -0.643  10.541  -15.892 1.00 12.50 ? 124 PRO A O   1 
ATOM   864 C CB  . PRO A 1 113 ? 1.590   10.340  -18.242 1.00 17.41 ? 124 PRO A CB  1 
ATOM   865 C CG  . PRO A 1 113 ? 1.310   11.802  -18.205 1.00 9.41  ? 124 PRO A CG  1 
ATOM   866 C CD  . PRO A 1 113 ? 0.046   11.884  -19.022 1.00 10.76 ? 124 PRO A CD  1 
ATOM   867 N N   . PRO A 1 114 ? 0.426   8.578   -15.843 1.00 12.23 ? 125 PRO A N   1 
ATOM   868 C CA  . PRO A 1 114 ? 0.207   8.419   -14.401 1.00 11.81 ? 125 PRO A CA  1 
ATOM   869 C C   . PRO A 1 114 ? 1.216   9.280   -13.603 1.00 10.90 ? 125 PRO A C   1 
ATOM   870 O O   . PRO A 1 114 ? 1.988   8.779   -12.781 1.00 11.17 ? 125 PRO A O   1 
ATOM   871 C CB  . PRO A 1 114 ? 0.396   6.906   -14.219 1.00 7.12  ? 125 PRO A CB  1 
ATOM   872 C CG  . PRO A 1 114 ? 1.521   6.594   -15.199 1.00 6.27  ? 125 PRO A CG  1 
ATOM   873 C CD  . PRO A 1 114 ? 1.312   7.526   -16.388 1.00 5.84  ? 125 PRO A CD  1 
ATOM   874 N N   . GLY A 1 115 ? 1.165   10.590  -13.811 1.00 13.06 ? 126 GLY A N   1 
ATOM   875 C CA  . GLY A 1 115 ? 2.124   11.471  -13.170 1.00 8.92  ? 126 GLY A CA  1 
ATOM   876 C C   . GLY A 1 115 ? 3.299   11.641  -14.126 1.00 12.63 ? 126 GLY A C   1 
ATOM   877 O O   . GLY A 1 115 ? 3.213   11.179  -15.290 1.00 13.39 ? 126 GLY A O   1 
ATOM   878 O OXT . GLY A 1 115 ? 4.322   12.244  -13.751 1.00 13.05 ? 126 GLY A OXT 1 
HETATM 879 O O   . HOH B 2 .   ? -17.118 8.003   -6.973  1.00 11.42 ? 211 HOH A O   1 
HETATM 880 O O   . HOH B 2 .   ? -13.507 3.240   -9.545  1.00 15.09 ? 212 HOH A O   1 
HETATM 881 O O   . HOH B 2 .   ? 16.126  11.061  -13.882 1.00 33.12 ? 213 HOH A O   1 
HETATM 882 O O   . HOH B 2 .   ? 4.550   3.463   -3.043  1.00 22.70 ? 214 HOH A O   1 
HETATM 883 O O   . HOH B 2 .   ? 5.032   -9.563  5.792   1.00 16.73 ? 215 HOH A O   1 
HETATM 884 O O   . HOH B 2 .   ? -2.400  2.432   20.622  1.00 10.32 ? 216 HOH A O   1 
HETATM 885 O O   . HOH B 2 .   ? -15.611 10.847  -9.140  1.00 16.88 ? 217 HOH A O   1 
HETATM 886 O O   . HOH B 2 .   ? -15.953 2.156   -9.021  1.00 19.28 ? 218 HOH A O   1 
HETATM 887 O O   . HOH B 2 .   ? 6.934   1.951   -1.933  1.00 16.65 ? 219 HOH A O   1 
HETATM 888 O O   . HOH B 2 .   ? -10.296 6.301   0.776   1.00 15.76 ? 220 HOH A O   1 
HETATM 889 O O   . HOH B 2 .   ? 4.482   7.033   -2.189  1.00 23.92 ? 221 HOH A O   1 
HETATM 890 O O   . HOH B 2 .   ? 10.892  6.835   5.700   1.00 26.98 ? 222 HOH A O   1 
HETATM 891 O O   . HOH B 2 .   ? -10.917 -5.921  -7.744  1.00 22.88 ? 223 HOH A O   1 
HETATM 892 O O   . HOH B 2 .   ? 6.077   7.837   0.575   1.00 30.87 ? 224 HOH A O   1 
HETATM 893 O O   . HOH B 2 .   ? 8.400   -16.129 -2.956  1.00 19.61 ? 225 HOH A O   1 
HETATM 894 O O   . HOH B 2 .   ? -11.781 12.258  -13.009 1.00 40.94 ? 226 HOH A O   1 
HETATM 895 O O   . HOH B 2 .   ? -8.806  7.978   2.213   1.00 22.19 ? 227 HOH A O   1 
HETATM 896 O O   . HOH B 2 .   ? 14.561  13.874  -11.673 1.00 21.44 ? 228 HOH A O   1 
HETATM 897 O O   . HOH B 2 .   ? 9.691   1.416   -3.267  1.00 21.58 ? 229 HOH A O   1 
HETATM 898 O O   . HOH B 2 .   ? 9.036   7.760   7.885   1.00 29.72 ? 230 HOH A O   1 
HETATM 899 O O   . HOH B 2 .   ? 7.421   -14.132 0.030   1.00 27.19 ? 231 HOH A O   1 
HETATM 900 O O   . HOH B 2 .   ? 8.983   -12.890 2.922   1.00 39.87 ? 232 HOH A O   1 
HETATM 901 O O   . HOH B 2 .   ? -1.534  7.686   4.837   1.00 30.52 ? 233 HOH A O   1 
HETATM 902 O O   . HOH B 2 .   ? 16.337  7.631   -5.033  1.00 28.20 ? 234 HOH A O   1 
HETATM 903 O O   . HOH B 2 .   ? -15.284 5.785   -4.268  1.00 32.47 ? 235 HOH A O   1 
HETATM 904 O O   . HOH B 2 .   ? -10.130 13.205  -6.535  1.00 48.41 ? 236 HOH A O   1 
HETATM 905 O O   . HOH B 2 .   ? 4.555   -12.866 7.864   1.00 31.98 ? 237 HOH A O   1 
HETATM 906 O O   . HOH B 2 .   ? -0.454  -16.546 1.416   1.00 34.34 ? 238 HOH A O   1 
HETATM 907 O O   . HOH B 2 .   ? -2.320  6.790   8.303   1.00 40.98 ? 239 HOH A O   1 
HETATM 908 O O   . HOH B 2 .   ? 8.960   0.691   8.811   1.00 22.81 ? 240 HOH A O   1 
HETATM 909 O O   . HOH B 2 .   ? -19.813 -3.416  -1.511  1.00 45.85 ? 241 HOH A O   1 
HETATM 910 O O   . HOH B 2 .   ? 14.860  -3.337  3.136   1.00 30.40 ? 242 HOH A O   1 
HETATM 911 O O   . HOH B 2 .   ? -21.374 -2.287  -3.471  1.00 54.28 ? 243 HOH A O   1 
HETATM 912 O O   . HOH B 2 .   ? -2.250  13.441  -16.040 1.00 39.77 ? 244 HOH A O   1 
HETATM 913 O O   . HOH B 2 .   ? 18.860  1.354   -5.015  1.00 53.85 ? 245 HOH A O   1 
HETATM 914 O O   . HOH B 2 .   ? -17.157 3.467   -4.836  1.00 44.87 ? 246 HOH A O   1 
HETATM 915 O O   . HOH B 2 .   ? -2.604  1.046   13.909  1.00 23.50 ? 247 HOH A O   1 
HETATM 916 O O   . HOH B 2 .   ? -9.095  14.007  -4.024  1.00 57.91 ? 248 HOH A O   1 
HETATM 917 O O   . HOH B 2 .   ? 15.751  -17.396 -3.228  1.00 54.21 ? 249 HOH A O   1 
HETATM 918 O O   . HOH B 2 .   ? -6.222  -5.636  16.708  1.00 2.15  ? 250 HOH A O   1 
HETATM 919 O O   . HOH B 2 .   ? -13.838 5.108   0.295   1.00 45.25 ? 251 HOH A O   1 
HETATM 920 O O   . HOH B 2 .   ? -5.546  -13.043 2.994   1.00 40.80 ? 252 HOH A O   1 
HETATM 921 O O   . HOH B 2 .   ? 11.568  7.728   11.976  1.00 52.73 ? 253 HOH A O   1 
HETATM 922 O O   . HOH B 2 .   ? -2.624  18.122  -6.305  1.00 41.32 ? 254 HOH A O   1 
HETATM 923 O O   . HOH B 2 .   ? 4.919   10.266  0.364   1.00 38.13 ? 255 HOH A O   1 
HETATM 924 O O   . HOH B 2 .   ? 13.608  -8.335  2.003   1.00 30.95 ? 256 HOH A O   1 
HETATM 925 O O   . HOH B 2 .   ? 2.759   -14.805 0.304   1.00 37.88 ? 257 HOH A O   1 
HETATM 926 O O   . HOH B 2 .   ? 1.835   15.255  -14.980 1.00 44.33 ? 258 HOH A O   1 
HETATM 927 O O   . HOH B 2 .   ? -14.266 -9.673  -1.733  1.00 53.86 ? 259 HOH A O   1 
HETATM 928 O O   . HOH B 2 .   ? -13.359 -4.522  3.982   1.00 62.22 ? 260 HOH A O   1 
HETATM 929 O O   . HOH B 2 .   ? -11.096 -8.061  2.271   1.00 52.20 ? 261 HOH A O   1 
# 
